data_8QMH
# 
_entry.id   8QMH 
# 
_audit_conform.dict_name       mmcif_pdbx.dic 
_audit_conform.dict_version    5.395 
_audit_conform.dict_location   http://mmcif.pdb.org/dictionaries/ascii/mmcif_pdbx.dic 
# 
loop_
_database_2.database_id 
_database_2.database_code 
_database_2.pdbx_database_accession 
_database_2.pdbx_DOI 
PDB   8QMH         pdb_00008qmh 10.2210/pdb8qmh/pdb 
WWPDB D_1292133503 ?            ?                   
# 
loop_
_pdbx_audit_revision_history.ordinal 
_pdbx_audit_revision_history.data_content_type 
_pdbx_audit_revision_history.major_revision 
_pdbx_audit_revision_history.minor_revision 
_pdbx_audit_revision_history.revision_date 
1 'Structure model' 1 0 2024-05-01 
2 'Structure model' 1 1 2024-05-22 
3 'Structure model' 1 2 2024-07-03 
# 
_pdbx_audit_revision_details.ordinal             1 
_pdbx_audit_revision_details.revision_ordinal    1 
_pdbx_audit_revision_details.data_content_type   'Structure model' 
_pdbx_audit_revision_details.provider            repository 
_pdbx_audit_revision_details.type                'Initial release' 
_pdbx_audit_revision_details.description         ? 
_pdbx_audit_revision_details.details             ? 
# 
loop_
_pdbx_audit_revision_group.ordinal 
_pdbx_audit_revision_group.revision_ordinal 
_pdbx_audit_revision_group.data_content_type 
_pdbx_audit_revision_group.group 
1 2 'Structure model' 'Database references' 
2 3 'Structure model' 'Database references' 
# 
loop_
_pdbx_audit_revision_category.ordinal 
_pdbx_audit_revision_category.revision_ordinal 
_pdbx_audit_revision_category.data_content_type 
_pdbx_audit_revision_category.category 
1 2 'Structure model' citation        
2 2 'Structure model' citation_author 
3 3 'Structure model' citation        
# 
loop_
_pdbx_audit_revision_item.ordinal 
_pdbx_audit_revision_item.revision_ordinal 
_pdbx_audit_revision_item.data_content_type 
_pdbx_audit_revision_item.item 
1  2 'Structure model' '_citation.country'                 
2  2 'Structure model' '_citation.journal_abbrev'          
3  2 'Structure model' '_citation.journal_id_ASTM'         
4  2 'Structure model' '_citation.journal_id_CSD'          
5  2 'Structure model' '_citation.journal_id_ISSN'         
6  2 'Structure model' '_citation.pdbx_database_id_DOI'    
7  2 'Structure model' '_citation.pdbx_database_id_PubMed' 
8  2 'Structure model' '_citation.title'                   
9  2 'Structure model' '_citation.year'                    
10 3 'Structure model' '_citation.journal_volume'          
11 3 'Structure model' '_citation.page_first'              
12 3 'Structure model' '_citation.page_last'               
# 
_pdbx_database_status.status_code                     REL 
_pdbx_database_status.status_code_sf                  REL 
_pdbx_database_status.status_code_mr                  ? 
_pdbx_database_status.entry_id                        8QMH 
_pdbx_database_status.recvd_initial_deposition_date   2023-09-22 
_pdbx_database_status.SG_entry                        N 
_pdbx_database_status.deposit_site                    PDBE 
_pdbx_database_status.process_site                    PDBE 
_pdbx_database_status.status_code_cs                  ? 
_pdbx_database_status.status_code_nmr_data            ? 
_pdbx_database_status.methods_development_category    ? 
_pdbx_database_status.pdb_format_compatible           Y 
# 
_pdbx_contact_author.id                 2 
_pdbx_contact_author.email              kiliszek@ibch.poznan.pl 
_pdbx_contact_author.name_first         Agnieszka 
_pdbx_contact_author.name_last          Kiliszek 
_pdbx_contact_author.name_mi            ? 
_pdbx_contact_author.role               'principal investigator/group leader' 
_pdbx_contact_author.identifier_ORCID   0000-0002-2871-7535 
# 
loop_
_audit_author.name 
_audit_author.pdbx_ordinal 
_audit_author.identifier_ORCID 
'Kiliszek, A.'  1 0000-0002-2871-7535 
'Ryczek, M.'    2 0000-0002-7192-1371 
'Blaszczyk, L.' 3 0000-0002-1907-4857 
# 
_citation.abstract                  ? 
_citation.abstract_id_CAS           ? 
_citation.book_id_ISBN              ? 
_citation.book_publisher            ? 
_citation.book_publisher_city       ? 
_citation.book_title                ? 
_citation.coordinate_linkage        ? 
_citation.country                   UK 
_citation.database_id_Medline       ? 
_citation.details                   ? 
_citation.id                        primary 
_citation.journal_abbrev            'Nucleic Acids Res.' 
_citation.journal_id_ASTM           NARHAD 
_citation.journal_id_CSD            0389 
_citation.journal_id_ISSN           1362-4962 
_citation.journal_full              ? 
_citation.journal_issue             ? 
_citation.journal_volume            52 
_citation.language                  ? 
_citation.page_first                6707 
_citation.page_last                 6717 
_citation.title                     
;Antisense RNA C9orf72 hexanucleotide repeat associated with amyotrophic lateral sclerosis and frontotemporal dementia forms a triplex-like structure and binds small synthetic ligand.
;
_citation.year                      2024 
_citation.database_id_CSD           ? 
_citation.pdbx_database_id_DOI      10.1093/nar/gkae376 
_citation.pdbx_database_id_PubMed   38738637 
_citation.pdbx_database_id_patent   ? 
_citation.unpublished_flag          ? 
# 
loop_
_citation_author.citation_id 
_citation_author.name 
_citation_author.ordinal 
_citation_author.identifier_ORCID 
primary 'Blaszczyk, L.'    1 ?                   
primary 'Ryczek, M.'       2 ?                   
primary 'Das, B.'          3 0000-0002-9885-4885 
primary 'Mateja-Pluta, M.' 4 ?                   
primary 'Bejger, M.'       5 ?                   
primary 'Sliwiak, J.'      6 ?                   
primary 'Nakatani, K.'     7 0000-0002-1705-5265 
primary 'Kiliszek, A.'     8 0000-0002-2871-7535 
# 
loop_
_entity.id 
_entity.type 
_entity.src_method 
_entity.pdbx_description 
_entity.formula_weight 
_entity.pdbx_number_of_molecules 
_entity.pdbx_ec 
_entity.pdbx_mutation 
_entity.pdbx_fragment 
_entity.details 
1 polymer     syn 
;RNA (5'-R(*GP*GP*CP*CP*CP*C)-3')
;
1866.182 4   ? ? ? ? 
2 non-polymer syn '3-(7-azanyl-1,8-naphthyridin-2-yl)-2-[(7-azanyl-1,8-naphthyridin-2-yl)methyl]-~{N}-(3-azanylpropyl)propanamide' 
430.506  1   ? ? ? ? 
3 non-polymer syn 'CHLORIDE ION'                                                                                                   
35.453   3   ? ? ? ? 
4 water       nat water                                                                                                            
18.015   105 ? ? ? ? 
# 
_entity_poly.entity_id                      1 
_entity_poly.type                           polyribonucleotide 
_entity_poly.nstd_linkage                   no 
_entity_poly.nstd_monomer                   no 
_entity_poly.pdbx_seq_one_letter_code       GGCCCC 
_entity_poly.pdbx_seq_one_letter_code_can   GGCCCC 
_entity_poly.pdbx_strand_id                 A,B,C,D 
_entity_poly.pdbx_target_identifier         ? 
# 
loop_
_pdbx_entity_nonpoly.entity_id 
_pdbx_entity_nonpoly.name 
_pdbx_entity_nonpoly.comp_id 
2 '3-(7-azanyl-1,8-naphthyridin-2-yl)-2-[(7-azanyl-1,8-naphthyridin-2-yl)methyl]-~{N}-(3-azanylpropyl)propanamide' W53 
3 'CHLORIDE ION'                                                                                                   CL  
4 water                                                                                                            HOH 
# 
loop_
_entity_poly_seq.entity_id 
_entity_poly_seq.num 
_entity_poly_seq.mon_id 
_entity_poly_seq.hetero 
1 1 G n 
1 2 G n 
1 3 C n 
1 4 C n 
1 5 C n 
1 6 C n 
# 
_pdbx_entity_src_syn.entity_id              1 
_pdbx_entity_src_syn.pdbx_src_id            1 
_pdbx_entity_src_syn.pdbx_alt_source_flag   sample 
_pdbx_entity_src_syn.pdbx_beg_seq_num       1 
_pdbx_entity_src_syn.pdbx_end_seq_num       6 
_pdbx_entity_src_syn.organism_scientific    'Homo sapiens' 
_pdbx_entity_src_syn.organism_common_name   ? 
_pdbx_entity_src_syn.ncbi_taxonomy_id       9606 
_pdbx_entity_src_syn.details                ? 
# 
loop_
_chem_comp.id 
_chem_comp.type 
_chem_comp.mon_nstd_flag 
_chem_comp.name 
_chem_comp.pdbx_synonyms 
_chem_comp.formula 
_chem_comp.formula_weight 
C   'RNA linking' y "CYTIDINE-5'-MONOPHOSPHATE" ? 'C9 H14 N3 O8 P'  323.197 
CL  non-polymer   . 'CHLORIDE ION' ? 'Cl -1'           35.453  
G   'RNA linking' y "GUANOSINE-5'-MONOPHOSPHATE" ? 'C10 H14 N5 O8 P' 363.221 
HOH non-polymer   . WATER ? 'H2 O'            18.015  
W53 non-polymer   . 
'3-(7-azanyl-1,8-naphthyridin-2-yl)-2-[(7-azanyl-1,8-naphthyridin-2-yl)methyl]-~{N}-(3-azanylpropyl)propanamide' ? 'C23 H26 N8 O' 
430.506 
# 
loop_
_pdbx_poly_seq_scheme.asym_id 
_pdbx_poly_seq_scheme.entity_id 
_pdbx_poly_seq_scheme.seq_id 
_pdbx_poly_seq_scheme.mon_id 
_pdbx_poly_seq_scheme.ndb_seq_num 
_pdbx_poly_seq_scheme.pdb_seq_num 
_pdbx_poly_seq_scheme.auth_seq_num 
_pdbx_poly_seq_scheme.pdb_mon_id 
_pdbx_poly_seq_scheme.auth_mon_id 
_pdbx_poly_seq_scheme.pdb_strand_id 
_pdbx_poly_seq_scheme.pdb_ins_code 
_pdbx_poly_seq_scheme.hetero 
A 1 1 G 1 1 1 G G A . n 
A 1 2 G 2 2 2 G G A . n 
A 1 3 C 3 3 3 C C A . n 
A 1 4 C 4 4 4 C C A . n 
A 1 5 C 5 5 5 C C A . n 
A 1 6 C 6 6 6 C C A . n 
B 1 1 G 1 1 1 G G B . n 
B 1 2 G 2 2 2 G G B . n 
B 1 3 C 3 3 3 C C B . n 
B 1 4 C 4 4 4 C C B . n 
B 1 5 C 5 5 5 C C B . n 
B 1 6 C 6 6 6 C C B . n 
C 1 1 G 1 1 1 G G C . n 
C 1 2 G 2 2 2 G G C . n 
C 1 3 C 3 3 3 C C C . n 
C 1 4 C 4 4 4 C C C . n 
C 1 5 C 5 5 5 C C C . n 
C 1 6 C 6 6 6 C C C . n 
D 1 1 G 1 1 1 G G D . n 
D 1 2 G 2 2 2 G G D . n 
D 1 3 C 3 3 3 C C D . n 
D 1 4 C 4 4 4 C C D . n 
D 1 5 C 5 5 5 C C D . n 
D 1 6 C 6 6 6 C C D . n 
# 
loop_
_pdbx_nonpoly_scheme.asym_id 
_pdbx_nonpoly_scheme.entity_id 
_pdbx_nonpoly_scheme.mon_id 
_pdbx_nonpoly_scheme.ndb_seq_num 
_pdbx_nonpoly_scheme.pdb_seq_num 
_pdbx_nonpoly_scheme.auth_seq_num 
_pdbx_nonpoly_scheme.pdb_mon_id 
_pdbx_nonpoly_scheme.auth_mon_id 
_pdbx_nonpoly_scheme.pdb_strand_id 
_pdbx_nonpoly_scheme.pdb_ins_code 
E 2 W53 1  101 1   W53 ANP B . 
F 3 CL  1  102 1   CL  CL  B . 
G 3 CL  1  103 2   CL  CL  B . 
H 3 CL  1  101 3   CL  CL  C . 
I 4 HOH 1  101 76  HOH HOH A . 
I 4 HOH 2  102 47  HOH HOH A . 
I 4 HOH 3  103 7   HOH HOH A . 
I 4 HOH 4  104 55  HOH HOH A . 
I 4 HOH 5  105 22  HOH HOH A . 
I 4 HOH 6  106 41  HOH HOH A . 
I 4 HOH 7  107 102 HOH HOH A . 
I 4 HOH 8  108 51  HOH HOH A . 
I 4 HOH 9  109 65  HOH HOH A . 
I 4 HOH 10 110 10  HOH HOH A . 
I 4 HOH 11 111 94  HOH HOH A . 
I 4 HOH 12 112 86  HOH HOH A . 
I 4 HOH 13 113 70  HOH HOH A . 
I 4 HOH 14 114 52  HOH HOH A . 
I 4 HOH 15 115 59  HOH HOH A . 
I 4 HOH 16 116 83  HOH HOH A . 
I 4 HOH 17 117 20  HOH HOH A . 
I 4 HOH 18 118 80  HOH HOH A . 
I 4 HOH 19 119 42  HOH HOH A . 
I 4 HOH 20 120 19  HOH HOH A . 
I 4 HOH 21 121 99  HOH HOH A . 
I 4 HOH 22 122 33  HOH HOH A . 
I 4 HOH 23 123 90  HOH HOH A . 
I 4 HOH 24 124 40  HOH HOH A . 
I 4 HOH 25 125 32  HOH HOH A . 
I 4 HOH 26 126 57  HOH HOH A . 
I 4 HOH 27 127 96  HOH HOH A . 
I 4 HOH 28 128 100 HOH HOH A . 
J 4 HOH 1  201 82  HOH HOH B . 
J 4 HOH 2  202 69  HOH HOH B . 
J 4 HOH 3  203 73  HOH HOH B . 
J 4 HOH 4  204 63  HOH HOH B . 
J 4 HOH 5  205 45  HOH HOH B . 
J 4 HOH 6  206 21  HOH HOH B . 
J 4 HOH 7  207 28  HOH HOH B . 
J 4 HOH 8  208 14  HOH HOH B . 
J 4 HOH 9  209 58  HOH HOH B . 
J 4 HOH 10 210 74  HOH HOH B . 
J 4 HOH 11 211 2   HOH HOH B . 
J 4 HOH 12 212 60  HOH HOH B . 
J 4 HOH 13 213 5   HOH HOH B . 
J 4 HOH 14 214 46  HOH HOH B . 
J 4 HOH 15 215 104 HOH HOH B . 
J 4 HOH 16 216 25  HOH HOH B . 
J 4 HOH 17 217 50  HOH HOH B . 
J 4 HOH 18 218 30  HOH HOH B . 
J 4 HOH 19 219 29  HOH HOH B . 
J 4 HOH 20 220 23  HOH HOH B . 
J 4 HOH 21 221 26  HOH HOH B . 
J 4 HOH 22 222 6   HOH HOH B . 
J 4 HOH 23 223 92  HOH HOH B . 
J 4 HOH 24 224 35  HOH HOH B . 
J 4 HOH 25 225 56  HOH HOH B . 
J 4 HOH 26 226 4   HOH HOH B . 
J 4 HOH 27 227 53  HOH HOH B . 
K 4 HOH 1  201 81  HOH HOH C . 
K 4 HOH 2  202 62  HOH HOH C . 
K 4 HOH 3  203 95  HOH HOH C . 
K 4 HOH 4  204 77  HOH HOH C . 
K 4 HOH 5  205 66  HOH HOH C . 
K 4 HOH 6  206 3   HOH HOH C . 
K 4 HOH 7  207 34  HOH HOH C . 
K 4 HOH 8  208 44  HOH HOH C . 
K 4 HOH 9  209 85  HOH HOH C . 
K 4 HOH 10 210 75  HOH HOH C . 
K 4 HOH 11 211 17  HOH HOH C . 
K 4 HOH 12 212 38  HOH HOH C . 
K 4 HOH 13 213 68  HOH HOH C . 
K 4 HOH 14 214 8   HOH HOH C . 
K 4 HOH 15 215 61  HOH HOH C . 
K 4 HOH 16 216 48  HOH HOH C . 
K 4 HOH 17 217 16  HOH HOH C . 
K 4 HOH 18 218 97  HOH HOH C . 
K 4 HOH 19 219 18  HOH HOH C . 
K 4 HOH 20 220 71  HOH HOH C . 
K 4 HOH 21 221 54  HOH HOH C . 
K 4 HOH 22 222 36  HOH HOH C . 
K 4 HOH 23 223 39  HOH HOH C . 
K 4 HOH 24 224 24  HOH HOH C . 
K 4 HOH 25 225 103 HOH HOH C . 
K 4 HOH 26 226 91  HOH HOH C . 
K 4 HOH 27 227 87  HOH HOH C . 
K 4 HOH 28 228 88  HOH HOH C . 
K 4 HOH 29 229 49  HOH HOH C . 
L 4 HOH 1  101 78  HOH HOH D . 
L 4 HOH 2  102 37  HOH HOH D . 
L 4 HOH 3  103 12  HOH HOH D . 
L 4 HOH 4  104 72  HOH HOH D . 
L 4 HOH 5  105 67  HOH HOH D . 
L 4 HOH 6  106 31  HOH HOH D . 
L 4 HOH 7  107 13  HOH HOH D . 
L 4 HOH 8  108 27  HOH HOH D . 
L 4 HOH 9  109 9   HOH HOH D . 
L 4 HOH 10 110 64  HOH HOH D . 
L 4 HOH 11 111 15  HOH HOH D . 
L 4 HOH 12 112 79  HOH HOH D . 
L 4 HOH 13 113 93  HOH HOH D . 
L 4 HOH 14 114 43  HOH HOH D . 
L 4 HOH 15 115 84  HOH HOH D . 
L 4 HOH 16 116 11  HOH HOH D . 
L 4 HOH 17 117 101 HOH HOH D . 
L 4 HOH 18 118 1   HOH HOH D . 
L 4 HOH 19 119 105 HOH HOH D . 
L 4 HOH 20 120 98  HOH HOH D . 
L 4 HOH 21 121 89  HOH HOH D . 
# 
loop_
_software.citation_id 
_software.classification 
_software.compiler_name 
_software.compiler_version 
_software.contact_author 
_software.contact_author_email 
_software.date 
_software.description 
_software.dependencies 
_software.hardware 
_software.language 
_software.location 
_software.mods 
_software.name 
_software.os 
_software.os_version 
_software.type 
_software.version 
_software.pdbx_ordinal 
? refinement       ? ? ? ? ? ? ? ? ? ? ? PHENIX      ? ? ? 1.20.1_4487 1 
? refinement       ? ? ? ? ? ? ? ? ? ? ? PHENIX      ? ? ? 1.20.1_4487 2 
? 'data reduction' ? ? ? ? ? ? ? ? ? ? ? CrysalisPro ? ? ? .           3 
? 'data scaling'   ? ? ? ? ? ? ? ? ? ? ? SCALA       ? ? ? .           4 
? phasing          ? ? ? ? ? ? ? ? ? ? ? PHASER      ? ? ? .           5 
# 
_cell.angle_alpha                  90.000 
_cell.angle_alpha_esd              ? 
_cell.angle_beta                   90.000 
_cell.angle_beta_esd               ? 
_cell.angle_gamma                  90.000 
_cell.angle_gamma_esd              ? 
_cell.entry_id                     8QMH 
_cell.details                      ? 
_cell.formula_units_Z              ? 
_cell.length_a                     29.343 
_cell.length_a_esd                 ? 
_cell.length_b                     45.179 
_cell.length_b_esd                 ? 
_cell.length_c                     86.280 
_cell.length_c_esd                 ? 
_cell.volume                       114380.309 
_cell.volume_esd                   ? 
_cell.Z_PDB                        32 
_cell.reciprocal_angle_alpha       ? 
_cell.reciprocal_angle_beta        ? 
_cell.reciprocal_angle_gamma       ? 
_cell.reciprocal_angle_alpha_esd   ? 
_cell.reciprocal_angle_beta_esd    ? 
_cell.reciprocal_angle_gamma_esd   ? 
_cell.reciprocal_length_a          ? 
_cell.reciprocal_length_b          ? 
_cell.reciprocal_length_c          ? 
_cell.reciprocal_length_a_esd      ? 
_cell.reciprocal_length_b_esd      ? 
_cell.reciprocal_length_c_esd      ? 
_cell.pdbx_unique_axis             ? 
_cell.pdbx_esd_method              ? 
# 
_symmetry.entry_id                         8QMH 
_symmetry.cell_setting                     ? 
_symmetry.Int_Tables_number                20 
_symmetry.space_group_name_Hall            'C 2c 2' 
_symmetry.space_group_name_H-M             'C 2 2 21' 
_symmetry.pdbx_full_space_group_name_H-M   ? 
# 
_exptl.absorpt_coefficient_mu     ? 
_exptl.absorpt_correction_T_max   ? 
_exptl.absorpt_correction_T_min   ? 
_exptl.absorpt_correction_type    ? 
_exptl.absorpt_process_details    ? 
_exptl.entry_id                   8QMH 
_exptl.crystals_number            1 
_exptl.details                    ? 
_exptl.method                     'X-RAY DIFFRACTION' 
_exptl.method_details             ? 
# 
_exptl_crystal.colour                       ? 
_exptl_crystal.density_diffrn               ? 
_exptl_crystal.density_Matthews             1.92 
_exptl_crystal.density_method               ? 
_exptl_crystal.density_percent_sol          35.78 
_exptl_crystal.description                  ? 
_exptl_crystal.F_000                        ? 
_exptl_crystal.id                           1 
_exptl_crystal.preparation                  ? 
_exptl_crystal.size_max                     ? 
_exptl_crystal.size_mid                     ? 
_exptl_crystal.size_min                     ? 
_exptl_crystal.size_rad                     ? 
_exptl_crystal.colour_lustre                ? 
_exptl_crystal.colour_modifier              ? 
_exptl_crystal.colour_primary               ? 
_exptl_crystal.density_meas                 ? 
_exptl_crystal.density_meas_esd             ? 
_exptl_crystal.density_meas_gt              ? 
_exptl_crystal.density_meas_lt              ? 
_exptl_crystal.density_meas_temp            ? 
_exptl_crystal.density_meas_temp_esd        ? 
_exptl_crystal.density_meas_temp_gt         ? 
_exptl_crystal.density_meas_temp_lt         ? 
_exptl_crystal.pdbx_crystal_image_url       ? 
_exptl_crystal.pdbx_crystal_image_format    ? 
_exptl_crystal.pdbx_mosaicity               ? 
_exptl_crystal.pdbx_mosaicity_esd           ? 
_exptl_crystal.pdbx_mosaic_method           ? 
_exptl_crystal.pdbx_mosaic_block_size       ? 
_exptl_crystal.pdbx_mosaic_block_size_esd   ? 
# 
_exptl_crystal_grow.apparatus       ? 
_exptl_crystal_grow.atmosphere      ? 
_exptl_crystal_grow.crystal_id      1 
_exptl_crystal_grow.details         ? 
_exptl_crystal_grow.method          'VAPOR DIFFUSION, SITTING DROP' 
_exptl_crystal_grow.method_ref      ? 
_exptl_crystal_grow.pH              6.0 
_exptl_crystal_grow.pressure        ? 
_exptl_crystal_grow.pressure_esd    ? 
_exptl_crystal_grow.seeding         ? 
_exptl_crystal_grow.seeding_ref     ? 
_exptl_crystal_grow.temp_details    ? 
_exptl_crystal_grow.temp_esd        ? 
_exptl_crystal_grow.time            ? 
_exptl_crystal_grow.pdbx_details    
'0.08 M NaCl, 0.04 M Na cacodylate trihydrate pH 6.0, 45% v/v MPD, 0.012 M Spermine tetrahydrochloride' 
_exptl_crystal_grow.pdbx_pH_range   ? 
_exptl_crystal_grow.temp            292 
# 
_diffrn.ambient_environment              ? 
_diffrn.ambient_temp                     100 
_diffrn.ambient_temp_details             ? 
_diffrn.ambient_temp_esd                 ? 
_diffrn.crystal_id                       1 
_diffrn.crystal_support                  ? 
_diffrn.crystal_treatment                ? 
_diffrn.details                          ? 
_diffrn.id                               1 
_diffrn.ambient_pressure                 ? 
_diffrn.ambient_pressure_esd             ? 
_diffrn.ambient_pressure_gt              ? 
_diffrn.ambient_pressure_lt              ? 
_diffrn.ambient_temp_gt                  ? 
_diffrn.ambient_temp_lt                  ? 
_diffrn.pdbx_serial_crystal_experiment   N 
# 
_diffrn_detector.details                      ? 
_diffrn_detector.detector                     PIXEL 
_diffrn_detector.diffrn_id                    1 
_diffrn_detector.type                         'RIGAKU HyPix-6000HE' 
_diffrn_detector.area_resol_mean              ? 
_diffrn_detector.dtime                        ? 
_diffrn_detector.pdbx_frames_total            ? 
_diffrn_detector.pdbx_collection_time_total   ? 
_diffrn_detector.pdbx_collection_date         2020-07-17 
_diffrn_detector.pdbx_frequency               ? 
_diffrn_detector.id                           ? 
_diffrn_detector.number_of_axes               ? 
# 
_diffrn_radiation.collimation                      ? 
_diffrn_radiation.diffrn_id                        1 
_diffrn_radiation.filter_edge                      ? 
_diffrn_radiation.inhomogeneity                    ? 
_diffrn_radiation.monochromator                    ? 
_diffrn_radiation.polarisn_norm                    ? 
_diffrn_radiation.polarisn_ratio                   ? 
_diffrn_radiation.probe                            ? 
_diffrn_radiation.type                             ? 
_diffrn_radiation.xray_symbol                      ? 
_diffrn_radiation.wavelength_id                    1 
_diffrn_radiation.pdbx_monochromatic_or_laue_m_l   M 
_diffrn_radiation.pdbx_wavelength_list             ? 
_diffrn_radiation.pdbx_wavelength                  ? 
_diffrn_radiation.pdbx_diffrn_protocol             'SINGLE WAVELENGTH' 
_diffrn_radiation.pdbx_analyzer                    ? 
_diffrn_radiation.pdbx_scattering_type             x-ray 
# 
_diffrn_radiation_wavelength.id           1 
_diffrn_radiation_wavelength.wavelength   1.5406 
_diffrn_radiation_wavelength.wt           1.0 
# 
_diffrn_source.current                     ? 
_diffrn_source.details                     ? 
_diffrn_source.diffrn_id                   1 
_diffrn_source.power                       ? 
_diffrn_source.size                        ? 
_diffrn_source.source                      'ROTATING ANODE' 
_diffrn_source.target                      ? 
_diffrn_source.type                        'RIGAKU PhotonJet-R' 
_diffrn_source.voltage                     ? 
_diffrn_source.take-off_angle              ? 
_diffrn_source.pdbx_wavelength_list        1.5406 
_diffrn_source.pdbx_wavelength             ? 
_diffrn_source.pdbx_synchrotron_beamline   ? 
_diffrn_source.pdbx_synchrotron_site       ? 
# 
_reflns.B_iso_Wilson_estimate                          8.39 
_reflns.entry_id                                       8QMH 
_reflns.data_reduction_details                         ? 
_reflns.data_reduction_method                          ? 
_reflns.d_resolution_high                              1.10 
_reflns.d_resolution_low                               21.85 
_reflns.details                                        ? 
_reflns.limit_h_max                                    ? 
_reflns.limit_h_min                                    ? 
_reflns.limit_k_max                                    ? 
_reflns.limit_k_min                                    ? 
_reflns.limit_l_max                                    ? 
_reflns.limit_l_min                                    ? 
_reflns.number_all                                     ? 
_reflns.number_obs                                     23771 
_reflns.observed_criterion                             ? 
_reflns.observed_criterion_F_max                       ? 
_reflns.observed_criterion_F_min                       ? 
_reflns.observed_criterion_I_max                       ? 
_reflns.observed_criterion_I_min                       ? 
_reflns.observed_criterion_sigma_F                     ? 
_reflns.observed_criterion_sigma_I                     ? 
_reflns.percent_possible_obs                           99.9 
_reflns.R_free_details                                 ? 
_reflns.Rmerge_F_all                                   ? 
_reflns.Rmerge_F_obs                                   ? 
_reflns.Friedel_coverage                               ? 
_reflns.number_gt                                      ? 
_reflns.threshold_expression                           ? 
_reflns.pdbx_redundancy                                16.3 
_reflns.pdbx_netI_over_av_sigmaI                       ? 
_reflns.pdbx_netI_over_sigmaI                          26.9 
_reflns.pdbx_res_netI_over_av_sigmaI_2                 ? 
_reflns.pdbx_res_netI_over_sigmaI_2                    ? 
_reflns.pdbx_chi_squared                               ? 
_reflns.pdbx_scaling_rejects                           ? 
_reflns.pdbx_d_res_high_opt                            ? 
_reflns.pdbx_d_res_low_opt                             ? 
_reflns.pdbx_d_res_opt_method                          ? 
_reflns.phase_calculation_details                      ? 
_reflns.pdbx_Rrim_I_all                                0.081 
_reflns.pdbx_Rpim_I_all                                0.025 
_reflns.pdbx_d_opt                                     ? 
_reflns.pdbx_number_measured_all                       ? 
_reflns.pdbx_diffrn_id                                 1 
_reflns.pdbx_ordinal                                   1 
_reflns.pdbx_CC_half                                   0.999 
_reflns.pdbx_CC_star                                   ? 
_reflns.pdbx_R_split                                   ? 
_reflns.pdbx_Rmerge_I_obs                              0.076 
_reflns.pdbx_Rmerge_I_all                              ? 
_reflns.pdbx_Rsym_value                                ? 
_reflns.pdbx_CC_split_method                           ? 
_reflns.pdbx_aniso_diffraction_limit_axis_1_ortho[1]   ? 
_reflns.pdbx_aniso_diffraction_limit_axis_1_ortho[2]   ? 
_reflns.pdbx_aniso_diffraction_limit_axis_1_ortho[3]   ? 
_reflns.pdbx_aniso_diffraction_limit_axis_2_ortho[1]   ? 
_reflns.pdbx_aniso_diffraction_limit_axis_2_ortho[2]   ? 
_reflns.pdbx_aniso_diffraction_limit_axis_2_ortho[3]   ? 
_reflns.pdbx_aniso_diffraction_limit_axis_3_ortho[1]   ? 
_reflns.pdbx_aniso_diffraction_limit_axis_3_ortho[2]   ? 
_reflns.pdbx_aniso_diffraction_limit_axis_3_ortho[3]   ? 
_reflns.pdbx_aniso_diffraction_limit_1                 ? 
_reflns.pdbx_aniso_diffraction_limit_2                 ? 
_reflns.pdbx_aniso_diffraction_limit_3                 ? 
_reflns.pdbx_aniso_B_tensor_eigenvector_1_ortho[1]     ? 
_reflns.pdbx_aniso_B_tensor_eigenvector_1_ortho[2]     ? 
_reflns.pdbx_aniso_B_tensor_eigenvector_1_ortho[3]     ? 
_reflns.pdbx_aniso_B_tensor_eigenvector_2_ortho[1]     ? 
_reflns.pdbx_aniso_B_tensor_eigenvector_2_ortho[2]     ? 
_reflns.pdbx_aniso_B_tensor_eigenvector_2_ortho[3]     ? 
_reflns.pdbx_aniso_B_tensor_eigenvector_3_ortho[1]     ? 
_reflns.pdbx_aniso_B_tensor_eigenvector_3_ortho[2]     ? 
_reflns.pdbx_aniso_B_tensor_eigenvector_3_ortho[3]     ? 
_reflns.pdbx_aniso_B_tensor_eigenvalue_1               ? 
_reflns.pdbx_aniso_B_tensor_eigenvalue_2               ? 
_reflns.pdbx_aniso_B_tensor_eigenvalue_3               ? 
_reflns.pdbx_orthogonalization_convention              ? 
_reflns.pdbx_percent_possible_ellipsoidal              ? 
_reflns.pdbx_percent_possible_spherical                ? 
_reflns.pdbx_percent_possible_ellipsoidal_anomalous    ? 
_reflns.pdbx_percent_possible_spherical_anomalous      ? 
_reflns.pdbx_redundancy_anomalous                      ? 
_reflns.pdbx_CC_half_anomalous                         ? 
_reflns.pdbx_absDiff_over_sigma_anomalous              ? 
_reflns.pdbx_percent_possible_anomalous                ? 
_reflns.pdbx_observed_signal_threshold                 ? 
_reflns.pdbx_signal_type                               ? 
_reflns.pdbx_signal_details                            ? 
_reflns.pdbx_signal_software_id                        ? 
# 
_reflns_shell.d_res_high                                    1.10 
_reflns_shell.d_res_low                                     1.16 
_reflns_shell.meanI_over_sigI_all                           ? 
_reflns_shell.meanI_over_sigI_obs                           4.4 
_reflns_shell.number_measured_all                           ? 
_reflns_shell.number_measured_obs                           ? 
_reflns_shell.number_possible                               ? 
_reflns_shell.number_unique_all                             ? 
_reflns_shell.number_unique_obs                             3417 
_reflns_shell.percent_possible_obs                          ? 
_reflns_shell.Rmerge_F_all                                  ? 
_reflns_shell.Rmerge_F_obs                                  ? 
_reflns_shell.meanI_over_sigI_gt                            ? 
_reflns_shell.meanI_over_uI_all                             ? 
_reflns_shell.meanI_over_uI_gt                              ? 
_reflns_shell.number_measured_gt                            ? 
_reflns_shell.number_unique_gt                              ? 
_reflns_shell.percent_possible_gt                           ? 
_reflns_shell.Rmerge_F_gt                                   ? 
_reflns_shell.Rmerge_I_gt                                   ? 
_reflns_shell.pdbx_redundancy                               ? 
_reflns_shell.pdbx_chi_squared                              ? 
_reflns_shell.pdbx_netI_over_sigmaI_all                     ? 
_reflns_shell.pdbx_netI_over_sigmaI_obs                     ? 
_reflns_shell.pdbx_Rrim_I_all                               0.617 
_reflns_shell.pdbx_Rpim_I_all                               0.254 
_reflns_shell.pdbx_rejects                                  ? 
_reflns_shell.pdbx_ordinal                                  1 
_reflns_shell.pdbx_diffrn_id                                1 
_reflns_shell.pdbx_CC_half                                  0.894 
_reflns_shell.pdbx_CC_star                                  ? 
_reflns_shell.pdbx_R_split                                  ? 
_reflns_shell.percent_possible_all                          ? 
_reflns_shell.Rmerge_I_all                                  ? 
_reflns_shell.Rmerge_I_obs                                  0.560 
_reflns_shell.pdbx_Rsym_value                               ? 
_reflns_shell.pdbx_percent_possible_ellipsoidal             ? 
_reflns_shell.pdbx_percent_possible_spherical               ? 
_reflns_shell.pdbx_percent_possible_ellipsoidal_anomalous   ? 
_reflns_shell.pdbx_percent_possible_spherical_anomalous     ? 
_reflns_shell.pdbx_redundancy_anomalous                     ? 
_reflns_shell.pdbx_CC_half_anomalous                        ? 
_reflns_shell.pdbx_absDiff_over_sigma_anomalous             ? 
_reflns_shell.pdbx_percent_possible_anomalous               ? 
# 
_refine.aniso_B[1][1]                            ? 
_refine.aniso_B[1][2]                            ? 
_refine.aniso_B[1][3]                            ? 
_refine.aniso_B[2][2]                            ? 
_refine.aniso_B[2][3]                            ? 
_refine.aniso_B[3][3]                            ? 
_refine.B_iso_max                                ? 
_refine.B_iso_mean                               13.03 
_refine.B_iso_min                                ? 
_refine.correlation_coeff_Fo_to_Fc               ? 
_refine.correlation_coeff_Fo_to_Fc_free          ? 
_refine.details                                  ? 
_refine.diff_density_max                         ? 
_refine.diff_density_max_esd                     ? 
_refine.diff_density_min                         ? 
_refine.diff_density_min_esd                     ? 
_refine.diff_density_rms                         ? 
_refine.diff_density_rms_esd                     ? 
_refine.entry_id                                 8QMH 
_refine.pdbx_refine_id                           'X-RAY DIFFRACTION' 
_refine.ls_abs_structure_details                 ? 
_refine.ls_abs_structure_Flack                   ? 
_refine.ls_abs_structure_Flack_esd               ? 
_refine.ls_abs_structure_Rogers                  ? 
_refine.ls_abs_structure_Rogers_esd              ? 
_refine.ls_d_res_high                            1.10 
_refine.ls_d_res_low                             21.85 
_refine.ls_extinction_coef                       ? 
_refine.ls_extinction_coef_esd                   ? 
_refine.ls_extinction_expression                 ? 
_refine.ls_extinction_method                     ? 
_refine.ls_goodness_of_fit_all                   ? 
_refine.ls_goodness_of_fit_all_esd               ? 
_refine.ls_goodness_of_fit_obs                   ? 
_refine.ls_goodness_of_fit_obs_esd               ? 
_refine.ls_hydrogen_treatment                    ? 
_refine.ls_matrix_type                           ? 
_refine.ls_number_constraints                    ? 
_refine.ls_number_parameters                     ? 
_refine.ls_number_reflns_all                     ? 
_refine.ls_number_reflns_obs                     23685 
_refine.ls_number_reflns_R_free                  479 
_refine.ls_number_reflns_R_work                  23206 
_refine.ls_number_restraints                     ? 
_refine.ls_percent_reflns_obs                    99.71 
_refine.ls_percent_reflns_R_free                 2.02 
_refine.ls_R_factor_all                          ? 
_refine.ls_R_factor_obs                          0.1227 
_refine.ls_R_factor_R_free                       0.1737 
_refine.ls_R_factor_R_free_error                 ? 
_refine.ls_R_factor_R_free_error_details         ? 
_refine.ls_R_factor_R_work                       0.1218 
_refine.ls_R_Fsqd_factor_obs                     ? 
_refine.ls_R_I_factor_obs                        ? 
_refine.ls_redundancy_reflns_all                 ? 
_refine.ls_redundancy_reflns_obs                 ? 
_refine.ls_restrained_S_all                      ? 
_refine.ls_restrained_S_obs                      ? 
_refine.ls_shift_over_esd_max                    ? 
_refine.ls_shift_over_esd_mean                   ? 
_refine.ls_structure_factor_coef                 ? 
_refine.ls_weighting_details                     ? 
_refine.ls_weighting_scheme                      ? 
_refine.ls_wR_factor_all                         ? 
_refine.ls_wR_factor_obs                         ? 
_refine.ls_wR_factor_R_free                      ? 
_refine.ls_wR_factor_R_work                      ? 
_refine.occupancy_max                            ? 
_refine.occupancy_min                            ? 
_refine.solvent_model_details                    'FLAT BULK SOLVENT MODEL' 
_refine.solvent_model_param_bsol                 ? 
_refine.solvent_model_param_ksol                 ? 
_refine.pdbx_R_complete                          ? 
_refine.ls_R_factor_gt                           ? 
_refine.ls_goodness_of_fit_gt                    ? 
_refine.ls_goodness_of_fit_ref                   ? 
_refine.ls_shift_over_su_max                     ? 
_refine.ls_shift_over_su_max_lt                  ? 
_refine.ls_shift_over_su_mean                    ? 
_refine.ls_shift_over_su_mean_lt                 ? 
_refine.pdbx_ls_sigma_I                          ? 
_refine.pdbx_ls_sigma_F                          1.34 
_refine.pdbx_ls_sigma_Fsqd                       ? 
_refine.pdbx_data_cutoff_high_absF               ? 
_refine.pdbx_data_cutoff_high_rms_absF           ? 
_refine.pdbx_data_cutoff_low_absF                ? 
_refine.pdbx_isotropic_thermal_model             ? 
_refine.pdbx_ls_cross_valid_method               'FREE R-VALUE' 
_refine.pdbx_method_to_determine_struct          'MOLECULAR REPLACEMENT' 
_refine.pdbx_starting_model                      ? 
_refine.pdbx_stereochemistry_target_values       'GeoStd + Monomer Library + CDL v1.2' 
_refine.pdbx_R_Free_selection_details            ? 
_refine.pdbx_stereochem_target_val_spec_case     ? 
_refine.pdbx_overall_ESU_R                       ? 
_refine.pdbx_overall_ESU_R_Free                  ? 
_refine.pdbx_solvent_vdw_probe_radii             1.1000 
_refine.pdbx_solvent_ion_probe_radii             ? 
_refine.pdbx_solvent_shrinkage_radii             0.9000 
_refine.pdbx_real_space_R                        ? 
_refine.pdbx_density_correlation                 ? 
_refine.pdbx_pd_number_of_powder_patterns        ? 
_refine.pdbx_pd_number_of_points                 ? 
_refine.pdbx_pd_meas_number_of_points            ? 
_refine.pdbx_pd_proc_ls_prof_R_factor            ? 
_refine.pdbx_pd_proc_ls_prof_wR_factor           ? 
_refine.pdbx_pd_Marquardt_correlation_coeff      ? 
_refine.pdbx_pd_Fsqrd_R_factor                   ? 
_refine.pdbx_pd_ls_matrix_band_width             ? 
_refine.pdbx_overall_phase_error                 20.9432 
_refine.pdbx_overall_SU_R_free_Cruickshank_DPI   ? 
_refine.pdbx_overall_SU_R_free_Blow_DPI          ? 
_refine.pdbx_overall_SU_R_Blow_DPI               ? 
_refine.pdbx_TLS_residual_ADP_flag               ? 
_refine.pdbx_diffrn_id                           1 
_refine.overall_SU_B                             ? 
_refine.overall_SU_ML                            0.0885 
_refine.overall_SU_R_Cruickshank_DPI             ? 
_refine.overall_SU_R_free                        ? 
_refine.overall_FOM_free_R_set                   ? 
_refine.overall_FOM_work_R_set                   ? 
_refine.pdbx_average_fsc_overall                 ? 
_refine.pdbx_average_fsc_work                    ? 
_refine.pdbx_average_fsc_free                    ? 
# 
_refine_hist.pdbx_refine_id                   'X-RAY DIFFRACTION' 
_refine_hist.cycle_id                         LAST 
_refine_hist.details                          ? 
_refine_hist.d_res_high                       1.10 
_refine_hist.d_res_low                        21.85 
_refine_hist.number_atoms_solvent             105 
_refine_hist.number_atoms_total               632 
_refine_hist.number_reflns_all                ? 
_refine_hist.number_reflns_obs                ? 
_refine_hist.number_reflns_R_free             ? 
_refine_hist.number_reflns_R_work             ? 
_refine_hist.R_factor_all                     ? 
_refine_hist.R_factor_obs                     ? 
_refine_hist.R_factor_R_free                  ? 
_refine_hist.R_factor_R_work                  ? 
_refine_hist.pdbx_number_residues_total       ? 
_refine_hist.pdbx_B_iso_mean_ligand           ? 
_refine_hist.pdbx_B_iso_mean_solvent          ? 
_refine_hist.pdbx_number_atoms_protein        0 
_refine_hist.pdbx_number_atoms_nucleic_acid   492 
_refine_hist.pdbx_number_atoms_ligand         35 
_refine_hist.pdbx_number_atoms_lipid          ? 
_refine_hist.pdbx_number_atoms_carb           ? 
_refine_hist.pdbx_pseudo_atom_details         ? 
# 
loop_
_refine_ls_restr.pdbx_refine_id 
_refine_ls_restr.criterion 
_refine_ls_restr.dev_ideal 
_refine_ls_restr.dev_ideal_target 
_refine_ls_restr.number 
_refine_ls_restr.rejects 
_refine_ls_restr.type 
_refine_ls_restr.weight 
_refine_ls_restr.pdbx_restraint_function 
'X-RAY DIFFRACTION' ? 0.0083  ? 852  ? f_bond_d           ? ? 
'X-RAY DIFFRACTION' ? 1.3840  ? 1330 ? f_angle_d          ? ? 
'X-RAY DIFFRACTION' ? 0.0661  ? 194  ? f_chiral_restr     ? ? 
'X-RAY DIFFRACTION' ? 0.0142  ? 66   ? f_plane_restr      ? ? 
'X-RAY DIFFRACTION' ? 11.7540 ? 490  ? f_dihedral_angle_d ? ? 
# 
loop_
_refine_ls_shell.pdbx_refine_id 
_refine_ls_shell.d_res_high 
_refine_ls_shell.d_res_low 
_refine_ls_shell.number_reflns_all 
_refine_ls_shell.number_reflns_obs 
_refine_ls_shell.number_reflns_R_free 
_refine_ls_shell.number_reflns_R_work 
_refine_ls_shell.percent_reflns_obs 
_refine_ls_shell.percent_reflns_R_free 
_refine_ls_shell.R_factor_all 
_refine_ls_shell.R_factor_obs 
_refine_ls_shell.R_factor_R_free_error 
_refine_ls_shell.R_factor_R_work 
_refine_ls_shell.redundancy_reflns_all 
_refine_ls_shell.redundancy_reflns_obs 
_refine_ls_shell.wR_factor_all 
_refine_ls_shell.wR_factor_obs 
_refine_ls_shell.wR_factor_R_free 
_refine_ls_shell.wR_factor_R_work 
_refine_ls_shell.pdbx_R_complete 
_refine_ls_shell.pdbx_total_number_of_bins_used 
_refine_ls_shell.pdbx_phase_error 
_refine_ls_shell.pdbx_fsc_work 
_refine_ls_shell.pdbx_fsc_free 
_refine_ls_shell.R_factor_R_free 
'X-RAY DIFFRACTION' 1.10 1.26  . . 174 7595 99.54 . . . . 0.1150 . . . . . . . . . . . 0.1860 
'X-RAY DIFFRACTION' 1.26 1.59  . . 153 7707 99.97 . . . . 0.1315 . . . . . . . . . . . 0.1663 
'X-RAY DIFFRACTION' 1.59 21.85 . . 152 7904 99.60 . . . . 0.1201 . . . . . . . . . . . 0.1729 
# 
_struct.entry_id                     8QMH 
_struct.title                        'Crystal structure of RNA G2C4 repeats in complex with small synthetic molecule ANP77' 
_struct.pdbx_model_details           ? 
_struct.pdbx_formula_weight          ? 
_struct.pdbx_formula_weight_method   ? 
_struct.pdbx_model_type_details      ? 
_struct.pdbx_CASP_flag               N 
# 
_struct_keywords.entry_id        8QMH 
_struct_keywords.text            'RNA, G2C4 repeats, ALS, FTD, hexanucleotide repeats' 
_struct_keywords.pdbx_keywords   RNA 
# 
loop_
_struct_asym.id 
_struct_asym.pdbx_blank_PDB_chainid_flag 
_struct_asym.pdbx_modified 
_struct_asym.entity_id 
_struct_asym.details 
A N N 1 ? 
B N N 1 ? 
C N N 1 ? 
D N N 1 ? 
E N N 2 ? 
F N N 3 ? 
G N N 3 ? 
H N N 3 ? 
I N N 4 ? 
J N N 4 ? 
K N N 4 ? 
L N N 4 ? 
# 
_struct_ref.id                         1 
_struct_ref.db_name                    PDB 
_struct_ref.db_code                    8QMH 
_struct_ref.pdbx_db_accession          8QMH 
_struct_ref.pdbx_db_isoform            ? 
_struct_ref.entity_id                  1 
_struct_ref.pdbx_seq_one_letter_code   ? 
_struct_ref.pdbx_align_begin           1 
# 
loop_
_struct_ref_seq.align_id 
_struct_ref_seq.ref_id 
_struct_ref_seq.pdbx_PDB_id_code 
_struct_ref_seq.pdbx_strand_id 
_struct_ref_seq.seq_align_beg 
_struct_ref_seq.pdbx_seq_align_beg_ins_code 
_struct_ref_seq.seq_align_end 
_struct_ref_seq.pdbx_seq_align_end_ins_code 
_struct_ref_seq.pdbx_db_accession 
_struct_ref_seq.db_align_beg 
_struct_ref_seq.pdbx_db_align_beg_ins_code 
_struct_ref_seq.db_align_end 
_struct_ref_seq.pdbx_db_align_end_ins_code 
_struct_ref_seq.pdbx_auth_seq_align_beg 
_struct_ref_seq.pdbx_auth_seq_align_end 
1 1 8QMH A 1 ? 6 ? 8QMH 1 ? 6 ? 1 6 
2 1 8QMH B 1 ? 6 ? 8QMH 1 ? 6 ? 1 6 
3 1 8QMH C 1 ? 6 ? 8QMH 1 ? 6 ? 1 6 
4 1 8QMH D 1 ? 6 ? 8QMH 1 ? 6 ? 1 6 
# 
_pdbx_struct_assembly.id                   1 
_pdbx_struct_assembly.details              author_and_software_defined_assembly 
_pdbx_struct_assembly.method_details       PISA 
_pdbx_struct_assembly.oligomeric_details   tetrameric 
_pdbx_struct_assembly.oligomeric_count     4 
# 
loop_
_pdbx_struct_assembly_prop.biol_id 
_pdbx_struct_assembly_prop.type 
_pdbx_struct_assembly_prop.value 
_pdbx_struct_assembly_prop.details 
1 'ABSA (A^2)' 2620 ? 
1 MORE         -48  ? 
1 'SSA (A^2)'  4240 ? 
# 
_pdbx_struct_assembly_gen.assembly_id       1 
_pdbx_struct_assembly_gen.oper_expression   1 
_pdbx_struct_assembly_gen.asym_id_list      A,B,C,D,E,F,G,H,I,J,K,L 
# 
_pdbx_struct_assembly_auth_evidence.id                     1 
_pdbx_struct_assembly_auth_evidence.assembly_id            1 
_pdbx_struct_assembly_auth_evidence.experimental_support   none 
_pdbx_struct_assembly_auth_evidence.details                ? 
# 
_pdbx_struct_oper_list.id                   1 
_pdbx_struct_oper_list.type                 'identity operation' 
_pdbx_struct_oper_list.name                 1_555 
_pdbx_struct_oper_list.symmetry_operation   x,y,z 
_pdbx_struct_oper_list.matrix[1][1]         1.0000000000 
_pdbx_struct_oper_list.matrix[1][2]         0.0000000000 
_pdbx_struct_oper_list.matrix[1][3]         0.0000000000 
_pdbx_struct_oper_list.vector[1]            0.0000000000 
_pdbx_struct_oper_list.matrix[2][1]         0.0000000000 
_pdbx_struct_oper_list.matrix[2][2]         1.0000000000 
_pdbx_struct_oper_list.matrix[2][3]         0.0000000000 
_pdbx_struct_oper_list.vector[2]            0.0000000000 
_pdbx_struct_oper_list.matrix[3][1]         0.0000000000 
_pdbx_struct_oper_list.matrix[3][2]         0.0000000000 
_pdbx_struct_oper_list.matrix[3][3]         1.0000000000 
_pdbx_struct_oper_list.vector[3]            0.0000000000 
# 
loop_
_struct_conn.id 
_struct_conn.conn_type_id 
_struct_conn.pdbx_leaving_atom_flag 
_struct_conn.pdbx_PDB_id 
_struct_conn.ptnr1_label_asym_id 
_struct_conn.ptnr1_label_comp_id 
_struct_conn.ptnr1_label_seq_id 
_struct_conn.ptnr1_label_atom_id 
_struct_conn.pdbx_ptnr1_label_alt_id 
_struct_conn.pdbx_ptnr1_PDB_ins_code 
_struct_conn.pdbx_ptnr1_standard_comp_id 
_struct_conn.ptnr1_symmetry 
_struct_conn.ptnr2_label_asym_id 
_struct_conn.ptnr2_label_comp_id 
_struct_conn.ptnr2_label_seq_id 
_struct_conn.ptnr2_label_atom_id 
_struct_conn.pdbx_ptnr2_label_alt_id 
_struct_conn.pdbx_ptnr2_PDB_ins_code 
_struct_conn.ptnr1_auth_asym_id 
_struct_conn.ptnr1_auth_comp_id 
_struct_conn.ptnr1_auth_seq_id 
_struct_conn.ptnr2_auth_asym_id 
_struct_conn.ptnr2_auth_comp_id 
_struct_conn.ptnr2_auth_seq_id 
_struct_conn.ptnr2_symmetry 
_struct_conn.pdbx_ptnr3_label_atom_id 
_struct_conn.pdbx_ptnr3_label_seq_id 
_struct_conn.pdbx_ptnr3_label_comp_id 
_struct_conn.pdbx_ptnr3_label_asym_id 
_struct_conn.pdbx_ptnr3_label_alt_id 
_struct_conn.pdbx_ptnr3_PDB_ins_code 
_struct_conn.details 
_struct_conn.pdbx_dist_value 
_struct_conn.pdbx_value_order 
_struct_conn.pdbx_role 
hydrog1  hydrog ? ? A G 1 N1 ? ? ? 1_555 B C 4 N3 ? ? A G 1 B C 4 1_555 ? ? ? ? ? ? WATSON-CRICK ? ? ? 
hydrog2  hydrog ? ? A G 1 N2 ? ? ? 1_555 B C 4 O2 ? ? A G 1 B C 4 1_555 ? ? ? ? ? ? WATSON-CRICK ? ? ? 
hydrog3  hydrog ? ? A G 1 O6 ? ? ? 1_555 B C 4 N4 ? ? A G 1 B C 4 1_555 ? ? ? ? ? ? WATSON-CRICK ? ? ? 
hydrog4  hydrog ? ? A G 1 O6 ? ? ? 1_555 C C 5 N4 ? ? A G 1 C C 5 1_555 ? ? ? ? ? ? 'G-C PAIR'   ? ? ? 
hydrog5  hydrog ? ? A G 2 N1 A ? ? 1_555 B C 3 N3 ? ? A G 2 B C 3 1_555 ? ? ? ? ? ? WATSON-CRICK ? ? ? 
hydrog6  hydrog ? ? A G 2 N1 B ? ? 1_555 B C 3 N3 ? ? A G 2 B C 3 1_555 ? ? ? ? ? ? WATSON-CRICK ? ? ? 
hydrog7  hydrog ? ? A G 2 N2 A ? ? 1_555 B C 3 O2 ? ? A G 2 B C 3 1_555 ? ? ? ? ? ? WATSON-CRICK ? ? ? 
hydrog8  hydrog ? ? A G 2 N2 B ? ? 1_555 B C 3 O2 ? ? A G 2 B C 3 1_555 ? ? ? ? ? ? WATSON-CRICK ? ? ? 
hydrog9  hydrog ? ? A G 2 O6 A ? ? 1_555 B C 3 N4 ? ? A G 2 B C 3 1_555 ? ? ? ? ? ? WATSON-CRICK ? ? ? 
hydrog10 hydrog ? ? A G 2 O6 B ? ? 1_555 B C 3 N4 ? ? A G 2 B C 3 1_555 ? ? ? ? ? ? WATSON-CRICK ? ? ? 
hydrog11 hydrog ? ? A G 2 O6 A ? ? 1_555 C C 6 N4 ? ? A G 2 C C 6 1_555 ? ? ? ? ? ? 'G-C PAIR'   ? ? ? 
hydrog12 hydrog ? ? A G 2 O6 B ? ? 1_555 C C 6 N4 ? ? A G 2 C C 6 1_555 ? ? ? ? ? ? 'G-C PAIR'   ? ? ? 
hydrog13 hydrog ? ? A C 3 N3 A ? ? 1_555 B G 2 N1 A ? A C 3 B G 2 1_555 ? ? ? ? ? ? WATSON-CRICK ? ? ? 
hydrog14 hydrog ? ? A C 3 N3 B ? ? 1_555 B G 2 N1 B ? A C 3 B G 2 1_555 ? ? ? ? ? ? WATSON-CRICK ? ? ? 
hydrog15 hydrog ? ? A C 3 N4 A ? ? 1_555 B G 2 O6 A ? A C 3 B G 2 1_555 ? ? ? ? ? ? WATSON-CRICK ? ? ? 
hydrog16 hydrog ? ? A C 3 O2 A ? ? 1_555 B G 2 N2 A ? A C 3 B G 2 1_555 ? ? ? ? ? ? WATSON-CRICK ? ? ? 
hydrog17 hydrog ? ? A C 3 O2 B ? ? 1_555 B G 2 N2 B ? A C 3 B G 2 1_555 ? ? ? ? ? ? WATSON-CRICK ? ? ? 
hydrog18 hydrog ? ? A C 4 N3 ? ? ? 1_555 B G 1 N1 A ? A C 4 B G 1 1_555 ? ? ? ? ? ? WATSON-CRICK ? ? ? 
hydrog19 hydrog ? ? A C 4 N3 ? ? ? 1_555 B G 1 N1 B ? A C 4 B G 1 1_555 ? ? ? ? ? ? WATSON-CRICK ? ? ? 
hydrog20 hydrog ? ? A C 4 N4 ? ? ? 1_555 B G 1 O6 A ? A C 4 B G 1 1_555 ? ? ? ? ? ? WATSON-CRICK ? ? ? 
hydrog21 hydrog ? ? A C 4 N4 ? ? ? 1_555 B G 1 O6 B ? A C 4 B G 1 1_555 ? ? ? ? ? ? WATSON-CRICK ? ? ? 
hydrog22 hydrog ? ? A C 4 O2 ? ? ? 1_555 B G 1 N2 A ? A C 4 B G 1 1_555 ? ? ? ? ? ? WATSON-CRICK ? ? ? 
hydrog23 hydrog ? ? A C 4 O2 ? ? ? 1_555 B G 1 N2 B ? A C 4 B G 1 1_555 ? ? ? ? ? ? WATSON-CRICK ? ? ? 
hydrog24 hydrog ? ? B C 5 N4 A ? ? 1_555 D G 1 O6 ? ? B C 5 D G 1 1_555 ? ? ? ? ? ? 'C-G PAIR'   ? ? ? 
hydrog25 hydrog ? ? B C 5 N4 B ? ? 1_555 D G 1 O6 ? ? B C 5 D G 1 1_555 ? ? ? ? ? ? 'C-G PAIR'   ? ? ? 
hydrog26 hydrog ? ? B C 6 N4 ? ? ? 1_555 D G 2 O6 A ? B C 6 D G 2 1_555 ? ? ? ? ? ? 'C-G PAIR'   ? ? ? 
hydrog27 hydrog ? ? B C 6 N4 ? ? ? 1_555 D G 2 O6 B ? B C 6 D G 2 1_555 ? ? ? ? ? ? 'C-G PAIR'   ? ? ? 
hydrog28 hydrog ? ? C G 1 N1 ? ? ? 1_555 D C 4 N3 ? ? C G 1 D C 4 1_555 ? ? ? ? ? ? WATSON-CRICK ? ? ? 
hydrog29 hydrog ? ? C G 1 N2 ? ? ? 1_555 D C 4 O2 ? ? C G 1 D C 4 1_555 ? ? ? ? ? ? WATSON-CRICK ? ? ? 
hydrog30 hydrog ? ? C G 1 O6 ? ? ? 1_555 D C 4 N4 ? ? C G 1 D C 4 1_555 ? ? ? ? ? ? WATSON-CRICK ? ? ? 
hydrog31 hydrog ? ? C G 2 N1 ? ? ? 1_555 D C 3 N3 ? ? C G 2 D C 3 1_555 ? ? ? ? ? ? WATSON-CRICK ? ? ? 
hydrog32 hydrog ? ? C G 2 N2 ? ? ? 1_555 D C 3 O2 ? ? C G 2 D C 3 1_555 ? ? ? ? ? ? WATSON-CRICK ? ? ? 
hydrog33 hydrog ? ? C G 2 O6 ? ? ? 1_555 D C 3 N4 ? ? C G 2 D C 3 1_555 ? ? ? ? ? ? WATSON-CRICK ? ? ? 
hydrog34 hydrog ? ? C C 3 N3 ? ? ? 1_555 D G 2 N1 A ? C C 3 D G 2 1_555 ? ? ? ? ? ? WATSON-CRICK ? ? ? 
hydrog35 hydrog ? ? C C 3 N3 ? ? ? 1_555 D G 2 N1 B ? C C 3 D G 2 1_555 ? ? ? ? ? ? WATSON-CRICK ? ? ? 
hydrog36 hydrog ? ? C C 3 N4 ? ? ? 1_555 D G 2 O6 A ? C C 3 D G 2 1_555 ? ? ? ? ? ? WATSON-CRICK ? ? ? 
hydrog37 hydrog ? ? C C 3 N4 ? ? ? 1_555 D G 2 O6 B ? C C 3 D G 2 1_555 ? ? ? ? ? ? WATSON-CRICK ? ? ? 
hydrog38 hydrog ? ? C C 3 O2 ? ? ? 1_555 D G 2 N2 A ? C C 3 D G 2 1_555 ? ? ? ? ? ? WATSON-CRICK ? ? ? 
hydrog39 hydrog ? ? C C 3 O2 ? ? ? 1_555 D G 2 N2 B ? C C 3 D G 2 1_555 ? ? ? ? ? ? WATSON-CRICK ? ? ? 
hydrog40 hydrog ? ? C C 4 N3 ? ? ? 1_555 D G 1 N1 ? ? C C 4 D G 1 1_555 ? ? ? ? ? ? WATSON-CRICK ? ? ? 
hydrog41 hydrog ? ? C C 4 N4 ? ? ? 1_555 D G 1 O6 ? ? C C 4 D G 1 1_555 ? ? ? ? ? ? WATSON-CRICK ? ? ? 
hydrog42 hydrog ? ? C C 4 O2 ? ? ? 1_555 D G 1 N2 ? ? C C 4 D G 1 1_555 ? ? ? ? ? ? WATSON-CRICK ? ? ? 
# 
_struct_conn_type.id          hydrog 
_struct_conn_type.criteria    ? 
_struct_conn_type.reference   ? 
# 
_pdbx_validate_close_contact.id               1 
_pdbx_validate_close_contact.PDB_model_num    1 
_pdbx_validate_close_contact.auth_atom_id_1   CL 
_pdbx_validate_close_contact.auth_asym_id_1   C 
_pdbx_validate_close_contact.auth_comp_id_1   CL 
_pdbx_validate_close_contact.auth_seq_id_1    101 
_pdbx_validate_close_contact.PDB_ins_code_1   ? 
_pdbx_validate_close_contact.label_alt_id_1   B 
_pdbx_validate_close_contact.auth_atom_id_2   O 
_pdbx_validate_close_contact.auth_asym_id_2   B 
_pdbx_validate_close_contact.auth_comp_id_2   HOH 
_pdbx_validate_close_contact.auth_seq_id_2    222 
_pdbx_validate_close_contact.PDB_ins_code_2   ? 
_pdbx_validate_close_contact.label_alt_id_2   ? 
_pdbx_validate_close_contact.dist             2.15 
# 
loop_
_pdbx_validate_rmsd_angle.id 
_pdbx_validate_rmsd_angle.PDB_model_num 
_pdbx_validate_rmsd_angle.auth_atom_id_1 
_pdbx_validate_rmsd_angle.auth_asym_id_1 
_pdbx_validate_rmsd_angle.auth_comp_id_1 
_pdbx_validate_rmsd_angle.auth_seq_id_1 
_pdbx_validate_rmsd_angle.PDB_ins_code_1 
_pdbx_validate_rmsd_angle.label_alt_id_1 
_pdbx_validate_rmsd_angle.auth_atom_id_2 
_pdbx_validate_rmsd_angle.auth_asym_id_2 
_pdbx_validate_rmsd_angle.auth_comp_id_2 
_pdbx_validate_rmsd_angle.auth_seq_id_2 
_pdbx_validate_rmsd_angle.PDB_ins_code_2 
_pdbx_validate_rmsd_angle.label_alt_id_2 
_pdbx_validate_rmsd_angle.auth_atom_id_3 
_pdbx_validate_rmsd_angle.auth_asym_id_3 
_pdbx_validate_rmsd_angle.auth_comp_id_3 
_pdbx_validate_rmsd_angle.auth_seq_id_3 
_pdbx_validate_rmsd_angle.PDB_ins_code_3 
_pdbx_validate_rmsd_angle.label_alt_id_3 
_pdbx_validate_rmsd_angle.angle_value 
_pdbx_validate_rmsd_angle.angle_target_value 
_pdbx_validate_rmsd_angle.angle_deviation 
_pdbx_validate_rmsd_angle.angle_standard_deviation 
_pdbx_validate_rmsd_angle.linker_flag 
1 1 C6 A C 4 ? ? N1 A C 4 ? ? C2 A C 4 ? ? 117.89 120.30 -2.41 0.40 N 
2 1 N3 B C 5 ? B C4 B C 5 ? B C5 B C 5 ? B 119.29 121.90 -2.61 0.40 N 
3 1 C2 B C 6 ? ? N3 B C 6 ? ? C4 B C 6 ? ? 123.15 119.90 3.25  0.50 N 
4 1 N3 B C 6 ? ? C4 B C 6 ? ? C5 B C 6 ? ? 119.28 121.90 -2.62 0.40 N 
5 1 N3 C C 6 ? ? C4 C C 6 ? ? C5 C C 6 ? ? 118.95 121.90 -2.95 0.40 N 
6 1 C6 D C 6 ? A N1 D C 6 ? A C2 D C 6 ? A 117.67 120.30 -2.63 0.40 N 
# 
loop_
_pdbx_struct_special_symmetry.id 
_pdbx_struct_special_symmetry.PDB_model_num 
_pdbx_struct_special_symmetry.auth_asym_id 
_pdbx_struct_special_symmetry.auth_comp_id 
_pdbx_struct_special_symmetry.auth_seq_id 
_pdbx_struct_special_symmetry.PDB_ins_code 
_pdbx_struct_special_symmetry.label_asym_id 
_pdbx_struct_special_symmetry.label_comp_id 
_pdbx_struct_special_symmetry.label_seq_id 
1 1 A HOH 126 ? I HOH . 
2 1 B HOH 225 ? J HOH . 
# 
loop_
_space_group_symop.id 
_space_group_symop.operation_xyz 
1 x,y,z               
2 x,-y,-z             
3 -x,y,-z+1/2         
4 -x,-y,z+1/2         
5 x+1/2,y+1/2,z       
6 x+1/2,-y+1/2,-z     
7 -x+1/2,y+1/2,-z+1/2 
8 -x+1/2,-y+1/2,z+1/2 
# 
_pdbx_entry_details.entry_id                 8QMH 
_pdbx_entry_details.has_ligand_of_interest   Y 
_pdbx_entry_details.compound_details         ? 
_pdbx_entry_details.source_details           ? 
_pdbx_entry_details.nonpolymer_details       ? 
_pdbx_entry_details.sequence_details         ? 
# 
_pdbx_distant_solvent_atoms.id                                1 
_pdbx_distant_solvent_atoms.PDB_model_num                     1 
_pdbx_distant_solvent_atoms.auth_atom_id                      O 
_pdbx_distant_solvent_atoms.label_alt_id                      ? 
_pdbx_distant_solvent_atoms.auth_asym_id                      B 
_pdbx_distant_solvent_atoms.auth_comp_id                      HOH 
_pdbx_distant_solvent_atoms.auth_seq_id                       227 
_pdbx_distant_solvent_atoms.PDB_ins_code                      ? 
_pdbx_distant_solvent_atoms.neighbor_macromolecule_distance   . 
_pdbx_distant_solvent_atoms.neighbor_ligand_distance          7.36 
# 
loop_
_chem_comp_atom.comp_id 
_chem_comp_atom.atom_id 
_chem_comp_atom.type_symbol 
_chem_comp_atom.pdbx_aromatic_flag 
_chem_comp_atom.pdbx_stereo_config 
_chem_comp_atom.pdbx_ordinal 
C   OP3    O  N N 1   
C   P      P  N N 2   
C   OP1    O  N N 3   
C   OP2    O  N N 4   
C   "O5'"  O  N N 5   
C   "C5'"  C  N N 6   
C   "C4'"  C  N R 7   
C   "O4'"  O  N N 8   
C   "C3'"  C  N S 9   
C   "O3'"  O  N N 10  
C   "C2'"  C  N R 11  
C   "O2'"  O  N N 12  
C   "C1'"  C  N R 13  
C   N1     N  N N 14  
C   C2     C  N N 15  
C   O2     O  N N 16  
C   N3     N  N N 17  
C   C4     C  N N 18  
C   N4     N  N N 19  
C   C5     C  N N 20  
C   C6     C  N N 21  
C   HOP3   H  N N 22  
C   HOP2   H  N N 23  
C   "H5'"  H  N N 24  
C   "H5''" H  N N 25  
C   "H4'"  H  N N 26  
C   "H3'"  H  N N 27  
C   "HO3'" H  N N 28  
C   "H2'"  H  N N 29  
C   "HO2'" H  N N 30  
C   "H1'"  H  N N 31  
C   H41    H  N N 32  
C   H42    H  N N 33  
C   H5     H  N N 34  
C   H6     H  N N 35  
CL  CL     CL N N 36  
G   OP3    O  N N 37  
G   P      P  N N 38  
G   OP1    O  N N 39  
G   OP2    O  N N 40  
G   "O5'"  O  N N 41  
G   "C5'"  C  N N 42  
G   "C4'"  C  N R 43  
G   "O4'"  O  N N 44  
G   "C3'"  C  N S 45  
G   "O3'"  O  N N 46  
G   "C2'"  C  N R 47  
G   "O2'"  O  N N 48  
G   "C1'"  C  N R 49  
G   N9     N  Y N 50  
G   C8     C  Y N 51  
G   N7     N  Y N 52  
G   C5     C  Y N 53  
G   C6     C  N N 54  
G   O6     O  N N 55  
G   N1     N  N N 56  
G   C2     C  N N 57  
G   N2     N  N N 58  
G   N3     N  N N 59  
G   C4     C  Y N 60  
G   HOP3   H  N N 61  
G   HOP2   H  N N 62  
G   "H5'"  H  N N 63  
G   "H5''" H  N N 64  
G   "H4'"  H  N N 65  
G   "H3'"  H  N N 66  
G   "HO3'" H  N N 67  
G   "H2'"  H  N N 68  
G   "HO2'" H  N N 69  
G   "H1'"  H  N N 70  
G   H8     H  N N 71  
G   H1     H  N N 72  
G   H21    H  N N 73  
G   H22    H  N N 74  
HOH O      O  N N 75  
HOH H1     H  N N 76  
HOH H2     H  N N 77  
W53 C8     C  N N 78  
W53 N7     N  N N 79  
W53 C5     C  Y N 80  
W53 C6     C  Y N 81  
W53 N6     N  Y N 82  
W53 N1     N  Y N 83  
W53 C2     C  Y N 84  
W53 N3     N  N N 85  
W53 C4     C  Y N 86  
W53 N      N  N N 87  
W53 C      C  Y N 88  
W53 C1     C  Y N 89  
W53 C14    C  N N 90  
W53 C15    C  Y N 91  
W53 C16    C  Y N 92  
W53 C17    C  Y N 93  
W53 C18    C  Y N 94  
W53 C19    C  Y N 95  
W53 C20    C  Y N 96  
W53 C21    C  Y N 97  
W53 C22    C  Y N 98  
W53 C3     C  Y N 99  
W53 C7     C  Y N 100 
W53 C9     C  N N 101 
W53 N2     N  Y N 102 
W53 N5     N  Y N 103 
W53 O      O  N N 104 
W53 C10    C  N N 105 
W53 C11    C  N N 106 
W53 C12    C  N N 107 
W53 C13    C  N N 108 
W53 N4     N  N N 109 
W53 H8     H  N N 110 
W53 H7     H  N N 111 
W53 H24    H  N N 112 
W53 H25    H  N N 113 
W53 H5     H  N N 114 
W53 H6     H  N N 115 
W53 H10    H  N N 116 
W53 H4     H  N N 117 
W53 H1     H  N N 118 
W53 H      H  N N 119 
W53 H19    H  N N 120 
W53 H20    H  N N 121 
W53 H21    H  N N 122 
W53 H22    H  N N 123 
W53 H26    H  N N 124 
W53 H27    H  N N 125 
W53 H3     H  N N 126 
W53 H9     H  N N 127 
W53 H12    H  N N 128 
W53 H11    H  N N 129 
W53 H14    H  N N 130 
W53 H13    H  N N 131 
W53 H15    H  N N 132 
W53 H16    H  N N 133 
W53 H17    H  N N 134 
W53 H18    H  N N 135 
# 
loop_
_chem_comp_bond.comp_id 
_chem_comp_bond.atom_id_1 
_chem_comp_bond.atom_id_2 
_chem_comp_bond.value_order 
_chem_comp_bond.pdbx_aromatic_flag 
_chem_comp_bond.pdbx_stereo_config 
_chem_comp_bond.pdbx_ordinal 
C   OP3   P      sing N N 1   
C   OP3   HOP3   sing N N 2   
C   P     OP1    doub N N 3   
C   P     OP2    sing N N 4   
C   P     "O5'"  sing N N 5   
C   OP2   HOP2   sing N N 6   
C   "O5'" "C5'"  sing N N 7   
C   "C5'" "C4'"  sing N N 8   
C   "C5'" "H5'"  sing N N 9   
C   "C5'" "H5''" sing N N 10  
C   "C4'" "O4'"  sing N N 11  
C   "C4'" "C3'"  sing N N 12  
C   "C4'" "H4'"  sing N N 13  
C   "O4'" "C1'"  sing N N 14  
C   "C3'" "O3'"  sing N N 15  
C   "C3'" "C2'"  sing N N 16  
C   "C3'" "H3'"  sing N N 17  
C   "O3'" "HO3'" sing N N 18  
C   "C2'" "O2'"  sing N N 19  
C   "C2'" "C1'"  sing N N 20  
C   "C2'" "H2'"  sing N N 21  
C   "O2'" "HO2'" sing N N 22  
C   "C1'" N1     sing N N 23  
C   "C1'" "H1'"  sing N N 24  
C   N1    C2     sing N N 25  
C   N1    C6     sing N N 26  
C   C2    O2     doub N N 27  
C   C2    N3     sing N N 28  
C   N3    C4     doub N N 29  
C   C4    N4     sing N N 30  
C   C4    C5     sing N N 31  
C   N4    H41    sing N N 32  
C   N4    H42    sing N N 33  
C   C5    C6     doub N N 34  
C   C5    H5     sing N N 35  
C   C6    H6     sing N N 36  
G   OP3   P      sing N N 37  
G   OP3   HOP3   sing N N 38  
G   P     OP1    doub N N 39  
G   P     OP2    sing N N 40  
G   P     "O5'"  sing N N 41  
G   OP2   HOP2   sing N N 42  
G   "O5'" "C5'"  sing N N 43  
G   "C5'" "C4'"  sing N N 44  
G   "C5'" "H5'"  sing N N 45  
G   "C5'" "H5''" sing N N 46  
G   "C4'" "O4'"  sing N N 47  
G   "C4'" "C3'"  sing N N 48  
G   "C4'" "H4'"  sing N N 49  
G   "O4'" "C1'"  sing N N 50  
G   "C3'" "O3'"  sing N N 51  
G   "C3'" "C2'"  sing N N 52  
G   "C3'" "H3'"  sing N N 53  
G   "O3'" "HO3'" sing N N 54  
G   "C2'" "O2'"  sing N N 55  
G   "C2'" "C1'"  sing N N 56  
G   "C2'" "H2'"  sing N N 57  
G   "O2'" "HO2'" sing N N 58  
G   "C1'" N9     sing N N 59  
G   "C1'" "H1'"  sing N N 60  
G   N9    C8     sing Y N 61  
G   N9    C4     sing Y N 62  
G   C8    N7     doub Y N 63  
G   C8    H8     sing N N 64  
G   N7    C5     sing Y N 65  
G   C5    C6     sing N N 66  
G   C5    C4     doub Y N 67  
G   C6    O6     doub N N 68  
G   C6    N1     sing N N 69  
G   N1    C2     sing N N 70  
G   N1    H1     sing N N 71  
G   C2    N2     sing N N 72  
G   C2    N3     doub N N 73  
G   N2    H21    sing N N 74  
G   N2    H22    sing N N 75  
G   N3    C4     sing N N 76  
HOH O     H1     sing N N 77  
HOH O     H2     sing N N 78  
W53 N     C      sing N N 79  
W53 C     N1     doub Y N 80  
W53 N1    C1     sing Y N 81  
W53 C1    C2     doub Y N 82  
W53 C3    C2     sing Y N 83  
W53 C4    C3     doub Y N 84  
W53 C     C4     sing Y N 85  
W53 C2    C5     sing Y N 86  
W53 C5    C6     doub Y N 87  
W53 C6    C7     sing Y N 88  
W53 N2    C7     doub Y N 89  
W53 C1    N2     sing Y N 90  
W53 C7    C8     sing N N 91  
W53 C8    C9     sing N N 92  
W53 C9    C10    sing N N 93  
W53 C10   O      doub N N 94  
W53 N3    C10    sing N N 95  
W53 C11   N3     sing N N 96  
W53 C12   C11    sing N N 97  
W53 C13   C12    sing N N 98  
W53 N4    C13    sing N N 99  
W53 C14   C9     sing N N 100 
W53 C15   C14    sing N N 101 
W53 C15   N5     doub Y N 102 
W53 N5    C16    sing Y N 103 
W53 C16   C17    doub Y N 104 
W53 C18   C17    sing Y N 105 
W53 C19   C18    doub Y N 106 
W53 C20   C19    sing Y N 107 
W53 N6    C20    doub Y N 108 
W53 C16   N6     sing Y N 109 
W53 N7    C20    sing N N 110 
W53 C17   C21    sing Y N 111 
W53 C21   C22    doub Y N 112 
W53 C22   C15    sing Y N 113 
W53 C8    H8     sing N N 114 
W53 C8    H7     sing N N 115 
W53 N7    H24    sing N N 116 
W53 N7    H25    sing N N 117 
W53 C5    H5     sing N N 118 
W53 C6    H6     sing N N 119 
W53 N3    H10    sing N N 120 
W53 C4    H4     sing N N 121 
W53 N     H1     sing N N 122 
W53 N     H      sing N N 123 
W53 C14   H19    sing N N 124 
W53 C14   H20    sing N N 125 
W53 C18   H21    sing N N 126 
W53 C19   H22    sing N N 127 
W53 C21   H26    sing N N 128 
W53 C22   H27    sing N N 129 
W53 C3    H3     sing N N 130 
W53 C9    H9     sing N N 131 
W53 C11   H12    sing N N 132 
W53 C11   H11    sing N N 133 
W53 C12   H14    sing N N 134 
W53 C12   H13    sing N N 135 
W53 C13   H15    sing N N 136 
W53 C13   H16    sing N N 137 
W53 N4    H17    sing N N 138 
W53 N4    H18    sing N N 139 
# 
loop_
_ndb_struct_conf_na.entry_id 
_ndb_struct_conf_na.feature 
8QMH 'double helix'        
8QMH 'a-form double helix' 
# 
loop_
_ndb_struct_na_base_pair.model_number 
_ndb_struct_na_base_pair.i_label_asym_id 
_ndb_struct_na_base_pair.i_label_comp_id 
_ndb_struct_na_base_pair.i_label_seq_id 
_ndb_struct_na_base_pair.i_symmetry 
_ndb_struct_na_base_pair.j_label_asym_id 
_ndb_struct_na_base_pair.j_label_comp_id 
_ndb_struct_na_base_pair.j_label_seq_id 
_ndb_struct_na_base_pair.j_symmetry 
_ndb_struct_na_base_pair.shear 
_ndb_struct_na_base_pair.stretch 
_ndb_struct_na_base_pair.stagger 
_ndb_struct_na_base_pair.buckle 
_ndb_struct_na_base_pair.propeller 
_ndb_struct_na_base_pair.opening 
_ndb_struct_na_base_pair.pair_number 
_ndb_struct_na_base_pair.pair_name 
_ndb_struct_na_base_pair.i_auth_asym_id 
_ndb_struct_na_base_pair.i_auth_seq_id 
_ndb_struct_na_base_pair.i_PDB_ins_code 
_ndb_struct_na_base_pair.j_auth_asym_id 
_ndb_struct_na_base_pair.j_auth_seq_id 
_ndb_struct_na_base_pair.j_PDB_ins_code 
_ndb_struct_na_base_pair.hbond_type_28 
_ndb_struct_na_base_pair.hbond_type_12 
1 B G 1 1_555 A C 4 1_555 -0.161 0.102  -0.150 -3.292 -11.702 4.770  1 B_G1:C4_A B 1 ? A 4 ? 19 1 
1 B G 2 1_555 A C 3 1_555 -0.510 0.163  -0.092 -1.210 -2.355  4.676  2 B_G2:C3_A B 2 ? A 3 ? 19 1 
1 B C 3 1_555 A G 2 1_555 0.161  -0.277 -0.145 5.059  -9.794  -1.686 3 B_C3:G2_A B 3 ? A 2 ? 19 1 
1 B C 4 1_555 A G 1 1_555 0.245  -0.137 -0.101 -0.256 -5.550  -1.688 4 B_C4:G1_A B 4 ? A 1 ? 19 1 
1 D G 1 1_555 C C 4 1_555 -0.238 -0.130 -0.048 -3.270 -12.312 1.369  5 D_G1:C4_C D 1 ? C 4 ? 19 1 
1 D G 2 1_555 C C 3 1_555 -0.142 -0.045 -0.163 -7.565 -4.032  0.117  6 D_G2:C3_C D 2 ? C 3 ? 19 1 
1 D C 3 1_555 C G 2 1_555 0.300  -0.118 0.050  -2.641 -11.622 2.611  7 D_C3:G2_C D 3 ? C 2 ? 19 1 
1 D C 4 1_555 C G 1 1_555 0.236  -0.171 -0.181 2.911  1.188   -2.508 8 D_C4:G1_C D 4 ? C 1 ? 19 1 
# 
loop_
_ndb_struct_na_base_pair_step.model_number 
_ndb_struct_na_base_pair_step.i_label_asym_id_1 
_ndb_struct_na_base_pair_step.i_label_comp_id_1 
_ndb_struct_na_base_pair_step.i_label_seq_id_1 
_ndb_struct_na_base_pair_step.i_symmetry_1 
_ndb_struct_na_base_pair_step.j_label_asym_id_1 
_ndb_struct_na_base_pair_step.j_label_comp_id_1 
_ndb_struct_na_base_pair_step.j_label_seq_id_1 
_ndb_struct_na_base_pair_step.j_symmetry_1 
_ndb_struct_na_base_pair_step.i_label_asym_id_2 
_ndb_struct_na_base_pair_step.i_label_comp_id_2 
_ndb_struct_na_base_pair_step.i_label_seq_id_2 
_ndb_struct_na_base_pair_step.i_symmetry_2 
_ndb_struct_na_base_pair_step.j_label_asym_id_2 
_ndb_struct_na_base_pair_step.j_label_comp_id_2 
_ndb_struct_na_base_pair_step.j_label_seq_id_2 
_ndb_struct_na_base_pair_step.j_symmetry_2 
_ndb_struct_na_base_pair_step.shift 
_ndb_struct_na_base_pair_step.slide 
_ndb_struct_na_base_pair_step.rise 
_ndb_struct_na_base_pair_step.tilt 
_ndb_struct_na_base_pair_step.roll 
_ndb_struct_na_base_pair_step.twist 
_ndb_struct_na_base_pair_step.x_displacement 
_ndb_struct_na_base_pair_step.y_displacement 
_ndb_struct_na_base_pair_step.helical_rise 
_ndb_struct_na_base_pair_step.inclination 
_ndb_struct_na_base_pair_step.tip 
_ndb_struct_na_base_pair_step.helical_twist 
_ndb_struct_na_base_pair_step.step_number 
_ndb_struct_na_base_pair_step.step_name 
_ndb_struct_na_base_pair_step.i_auth_asym_id_1 
_ndb_struct_na_base_pair_step.i_auth_seq_id_1 
_ndb_struct_na_base_pair_step.i_PDB_ins_code_1 
_ndb_struct_na_base_pair_step.j_auth_asym_id_1 
_ndb_struct_na_base_pair_step.j_auth_seq_id_1 
_ndb_struct_na_base_pair_step.j_PDB_ins_code_1 
_ndb_struct_na_base_pair_step.i_auth_asym_id_2 
_ndb_struct_na_base_pair_step.i_auth_seq_id_2 
_ndb_struct_na_base_pair_step.i_PDB_ins_code_2 
_ndb_struct_na_base_pair_step.j_auth_asym_id_2 
_ndb_struct_na_base_pair_step.j_auth_seq_id_2 
_ndb_struct_na_base_pair_step.j_PDB_ins_code_2 
1 B G 1 1_555 A C 4 1_555 B G 2 1_555 A C 3 1_555 -0.833 -2.205 3.140 -3.551 4.070 29.000 -5.138 0.934  2.890 8.039  7.015  29.488 
1 BB_G1G2:C3C4_AA B 1 ? A 4 ? B 2 ? A 3 ? 
1 B G 2 1_555 A C 3 1_555 B C 3 1_555 A G 2 1_555 -0.593 -1.842 3.209 -0.621 2.134 29.954 -3.977 1.021  3.085 4.122  1.199  30.035 
2 BB_G2C3:G2C3_AA B 2 ? A 3 ? B 3 ? A 2 ? 
1 B C 3 1_555 A G 2 1_555 B C 4 1_555 A G 1 1_555 -0.073 -2.117 3.424 -0.407 7.743 31.937 -5.035 0.062  2.847 13.819 0.726  32.841 
3 BB_C3C4:G1G2_AA B 3 ? A 2 ? B 4 ? A 1 ? 
1 B C 4 1_555 A G 1 1_555 D G 1 1_555 C C 4 1_555 0.958  -4.525 3.083 -1.105 8.673 98.020 -3.118 -0.649 2.771 5.737  0.731  98.309 
4 BD_C4G1:C4G1_CA B 4 ? A 1 ? D 1 ? C 4 ? 
1 D G 1 1_555 C C 4 1_555 D G 2 1_555 C C 3 1_555 -0.993 -1.959 3.199 -3.044 9.237 31.848 -4.828 1.271  2.625 16.363 5.392  33.264 
5 DD_G1G2:C3C4_CC D 1 ? C 4 ? D 2 ? C 3 ? 
1 D G 2 1_555 C C 3 1_555 D C 3 1_555 C G 2 1_555 0.660  -1.482 3.191 1.296  1.573 32.517 -2.908 -0.958 3.141 2.806  -2.312 32.579 
6 DD_G2C3:G2C3_CC D 2 ? C 3 ? D 3 ? C 2 ? 
1 D C 3 1_555 C G 2 1_555 D C 4 1_555 C G 1 1_555 -0.361 -1.540 3.233 2.513  4.019 32.893 -3.337 1.034  2.994 7.051  -4.410 33.224 
7 DD_C3C4:G1G2_CC D 3 ? C 2 ? D 4 ? C 1 ? 
# 
_pdbx_audit_support.funding_organization   'Polish National Science Centre' 
_pdbx_audit_support.country                Poland 
_pdbx_audit_support.grant_number           UMO-2022/45/B/NZ7/03543 
_pdbx_audit_support.ordinal                1 
# 
_pdbx_entity_instance_feature.ordinal        1 
_pdbx_entity_instance_feature.comp_id        W53 
_pdbx_entity_instance_feature.asym_id        ? 
_pdbx_entity_instance_feature.seq_num        ? 
_pdbx_entity_instance_feature.auth_comp_id   W53 
_pdbx_entity_instance_feature.auth_asym_id   ? 
_pdbx_entity_instance_feature.auth_seq_num   ? 
_pdbx_entity_instance_feature.feature_type   'SUBJECT OF INVESTIGATION' 
_pdbx_entity_instance_feature.details        ? 
# 
_pdbx_initial_refinement_model.id               1 
_pdbx_initial_refinement_model.entity_id_list   ? 
_pdbx_initial_refinement_model.type             'experimental model' 
_pdbx_initial_refinement_model.source_name      PDB 
_pdbx_initial_refinement_model.accession_code   5EW7 
_pdbx_initial_refinement_model.details          ? 
# 
_pdbx_related_exp_data_set.ordinal              1 
_pdbx_related_exp_data_set.data_reference       10.18150/AJNJBE 
_pdbx_related_exp_data_set.metadata_reference   ? 
_pdbx_related_exp_data_set.data_set_type        'diffraction image data' 
_pdbx_related_exp_data_set.details              ? 
# 
_space_group.name_H-M_alt     'C 2 2 21' 
_space_group.name_Hall        'C 2c 2' 
_space_group.IT_number        20 
_space_group.crystal_system   orthorhombic 
_space_group.id               1 
# 
_atom_sites.entry_id                    8QMH 
_atom_sites.Cartn_transf_matrix[1][1]   ? 
_atom_sites.Cartn_transf_matrix[1][2]   ? 
_atom_sites.Cartn_transf_matrix[1][3]   ? 
_atom_sites.Cartn_transf_matrix[2][1]   ? 
_atom_sites.Cartn_transf_matrix[2][2]   ? 
_atom_sites.Cartn_transf_matrix[2][3]   ? 
_atom_sites.Cartn_transf_matrix[3][1]   ? 
_atom_sites.Cartn_transf_matrix[3][2]   ? 
_atom_sites.Cartn_transf_matrix[3][3]   ? 
_atom_sites.Cartn_transf_vector[1]      ? 
_atom_sites.Cartn_transf_vector[2]      ? 
_atom_sites.Cartn_transf_vector[3]      ? 
_atom_sites.Cartn_transform_axes        ? 
_atom_sites.fract_transf_matrix[1][1]   0.02715568 
_atom_sites.fract_transf_matrix[1][2]   -0.01652804 
_atom_sites.fract_transf_matrix[1][3]   -0.01228168 
_atom_sites.fract_transf_matrix[2][1]   -0.01336301 
_atom_sites.fract_transf_matrix[2][2]   -0.01467249 
_atom_sites.fract_transf_matrix[2][3]   -0.00980112 
_atom_sites.fract_transf_matrix[3][1]   -0.00027978 
_atom_sites.fract_transf_matrix[3][2]   0.00661106 
_atom_sites.fract_transf_matrix[3][3]   -0.00951544 
_atom_sites.fract_transf_vector[1]      -0.390604 
_atom_sites.fract_transf_vector[2]      0.108028 
_atom_sites.fract_transf_vector[3]      -0.122588 
_atom_sites.solution_primary            ? 
_atom_sites.solution_secondary          ? 
_atom_sites.solution_hydrogens          ? 
_atom_sites.special_details             ? 
# 
loop_
_atom_type.symbol 
_atom_type.scat_dispersion_real 
_atom_type.scat_dispersion_imag 
_atom_type.scat_Cromer_Mann_a1 
_atom_type.scat_Cromer_Mann_a2 
_atom_type.scat_Cromer_Mann_a3 
_atom_type.scat_Cromer_Mann_a4 
_atom_type.scat_Cromer_Mann_b1 
_atom_type.scat_Cromer_Mann_b2 
_atom_type.scat_Cromer_Mann_b3 
_atom_type.scat_Cromer_Mann_b4 
_atom_type.scat_Cromer_Mann_c 
_atom_type.scat_source 
_atom_type.scat_dispersion_source 
C  ? ? 3.54356 2.42580 ? ? 25.62398 1.50364  ? ? 0.0 
;2-Gaussian fit: Grosse-Kunstleve RW, Sauter NK, Adams PD: Newsletter of the IUCr Commission on Crystallographic Computing 2004, 3, 22-31.
;
? 
CL ? ? 9.50761 7.44341 ? ? 1.04373  23.83732 ? ? 0.0 
;2-Gaussian fit: Grosse-Kunstleve RW, Sauter NK, Adams PD: Newsletter of the IUCr Commission on Crystallographic Computing 2004, 3, 22-31.
;
? 
N  ? ? 4.01032 2.96436 ? ? 19.97189 1.75589  ? ? 0.0 
;2-Gaussian fit: Grosse-Kunstleve RW, Sauter NK, Adams PD: Newsletter of the IUCr Commission on Crystallographic Computing 2004, 3, 22-31.
;
? 
O  ? ? 4.49882 3.47563 ? ? 15.80542 1.70748  ? ? 0.0 
;2-Gaussian fit: Grosse-Kunstleve RW, Sauter NK, Adams PD: Newsletter of the IUCr Commission on Crystallographic Computing 2004, 3, 22-31.
;
? 
P  ? ? 9.51135 5.44231 ? ? 1.42069  35.72801 ? ? 0.0 
;2-Gaussian fit: Grosse-Kunstleve RW, Sauter NK, Adams PD: Newsletter of the IUCr Commission on Crystallographic Computing 2004, 3, 22-31.
;
? 
# 
loop_
_atom_site.group_PDB 
_atom_site.id 
_atom_site.type_symbol 
_atom_site.label_atom_id 
_atom_site.label_alt_id 
_atom_site.label_comp_id 
_atom_site.label_asym_id 
_atom_site.label_entity_id 
_atom_site.label_seq_id 
_atom_site.pdbx_PDB_ins_code 
_atom_site.Cartn_x 
_atom_site.Cartn_y 
_atom_site.Cartn_z 
_atom_site.occupancy 
_atom_site.B_iso_or_equiv 
_atom_site.pdbx_formal_charge 
_atom_site.auth_seq_id 
_atom_site.auth_comp_id 
_atom_site.auth_asym_id 
_atom_site.auth_atom_id 
_atom_site.pdbx_PDB_model_num 
ATOM   1   O  "O5'" . G   A 1 1 ? -7.80601  -6.75302  1.76411   1.000 13.26872 ? 1   G   A "O5'" 1 
ATOM   2   C  "C5'" . G   A 1 1 ? -7.96978  -7.96704  2.45256   1.000 11.85430 ? 1   G   A "C5'" 1 
ATOM   3   C  "C4'" . G   A 1 1 ? -6.95755  -8.12091  3.55141   1.000 8.66438  ? 1   G   A "C4'" 1 
ATOM   4   O  "O4'" . G   A 1 1 ? -5.60305  -8.12710  3.01685   1.000 9.79895  ? 1   G   A "O4'" 1 
ATOM   5   C  "C3'" A G   A 1 1 ? -6.91816  -7.02916  4.61912   0.516 7.36184  ? 1   G   A "C3'" 1 
ATOM   6   C  "C3'" B G   A 1 1 ? -6.93175  -7.06293  4.62081   0.484 9.91896  ? 1   G   A "C3'" 1 
ATOM   7   O  "O3'" A G   A 1 1 ? -7.94543  -7.18140  5.58666   0.516 7.85678  ? 1   G   A "O3'" 1 
ATOM   8   O  "O3'" B G   A 1 1 ? -7.95304  -7.32405  5.55514   0.484 12.94414 ? 1   G   A "O3'" 1 
ATOM   9   C  "C2'" . G   A 1 1 ? -5.52578  -7.24517  5.20078   1.000 9.57568  ? 1   G   A "C2'" 1 
ATOM   10  O  "O2'" . G   A 1 1 ? -5.49297  -8.41513  6.01689   1.000 9.74334  ? 1   G   A "O2'" 1 
ATOM   11  C  "C1'" . G   A 1 1 ? -4.72080  -7.54357  3.95127   1.000 8.71043  ? 1   G   A "C1'" 1 
ATOM   12  N  N9    . G   A 1 1 ? -4.20171  -6.30998  3.35057   1.000 7.83481  ? 1   G   A N9    1 
ATOM   13  C  C8    . G   A 1 1 ? -4.63849  -5.68986  2.21091   1.000 8.19732  ? 1   G   A C8    1 
ATOM   14  N  N7    . G   A 1 1 ? -3.94052  -4.62833  1.91052   1.000 7.29056  ? 1   G   A N7    1 
ATOM   15  C  C5    . G   A 1 1 ? -2.99174  -4.54316  2.90024   1.000 7.26846  ? 1   G   A C5    1 
ATOM   16  C  C6    . G   A 1 1 ? -1.98199  -3.60530  3.11857   1.000 7.26624  ? 1   G   A C6    1 
ATOM   17  O  O6    . G   A 1 1 ? -1.67618  -2.62122  2.43389   1.000 7.72765  ? 1   G   A O6    1 
ATOM   18  N  N1    . G   A 1 1 ? -1.22693  -3.85487  4.27221   1.000 7.11920  ? 1   G   A N1    1 
ATOM   19  C  C2    . G   A 1 1 ? -1.45694  -4.93726  5.10493   1.000 7.44690  ? 1   G   A C2    1 
ATOM   20  N  N2    . G   A 1 1 ? -0.67598  -5.02725  6.20842   1.000 8.45166  ? 1   G   A N2    1 
ATOM   21  N  N3    . G   A 1 1 ? -2.38778  -5.86638  4.90609   1.000 7.77169  ? 1   G   A N3    1 
ATOM   22  C  C4    . G   A 1 1 ? -3.12272  -5.58166  3.79673   1.000 7.81987  ? 1   G   A C4    1 
ATOM   23  P  P     A G   A 1 2 ? -8.52151  -5.96593  6.43901   0.638 8.65406  ? 2   G   A P     1 
ATOM   24  P  P     B G   A 1 2 ? -8.65978  -6.13757  6.33452   0.362 12.12436 ? 2   G   A P     1 
ATOM   25  O  OP1   A G   A 1 2 ? -9.46873  -6.59714  7.41207   0.638 11.90453 ? 2   G   A OP1   1 
ATOM   26  O  OP1   B G   A 1 2 ? -9.69285  -6.71604  7.23724   0.362 10.89147 ? 2   G   A OP1   1 
ATOM   27  O  OP2   A G   A 1 2 ? -9.01055  -4.86633  5.57225   0.638 11.00838 ? 2   G   A OP2   1 
ATOM   28  O  OP2   B G   A 1 2 ? -9.02039  -5.10537  5.34498   0.362 10.06489 ? 2   G   A OP2   1 
ATOM   29  O  "O5'" A G   A 1 2 ? -7.26340  -5.37665  7.21457   0.638 7.49708  ? 2   G   A "O5'" 1 
ATOM   30  O  "O5'" B G   A 1 2 ? -7.48919  -5.57130  7.24426   0.362 12.45623 ? 2   G   A "O5'" 1 
ATOM   31  C  "C5'" A G   A 1 2 ? -6.80343  -6.04340  8.37094   0.638 8.62707  ? 2   G   A "C5'" 1 
ATOM   32  C  "C5'" B G   A 1 2 ? -6.77134  -6.44877  8.09089   0.362 9.44502  ? 2   G   A "C5'" 1 
ATOM   33  C  "C4'" A G   A 1 2 ? -5.64215  -5.32153  8.98298   0.638 7.80413  ? 2   G   A "C4'" 1 
ATOM   34  C  "C4'" B G   A 1 2 ? -5.74332  -5.68881  8.85870   0.362 7.97877  ? 2   G   A "C4'" 1 
ATOM   35  O  "O4'" A G   A 1 2 ? -4.49014  -5.25489  8.08820   0.638 7.68149  ? 2   G   A "O4'" 1 
ATOM   36  O  "O4'" B G   A 1 2 ? -4.52387  -5.48034  8.09838   0.362 9.97549  ? 2   G   A "O4'" 1 
ATOM   37  C  "C3'" A G   A 1 2 ? -5.85391  -3.87903  9.37715   0.638 7.45121  ? 2   G   A "C3'" 1 
ATOM   38  C  "C3'" B G   A 1 2 ? -6.16718  -4.29658  9.22470   0.362 9.04920  ? 2   G   A "C3'" 1 
ATOM   39  O  "O3'" A G   A 1 2 ? -6.70682  -3.73100  10.50020  0.638 7.22963  ? 2   G   A "O3'" 1 
ATOM   40  O  "O3'" B G   A 1 2 ? -7.13975  -4.32641  10.24423  0.362 9.02419  ? 2   G   A "O3'" 1 
ATOM   41  C  "C2'" A G   A 1 2 ? -4.41947  -3.43837  9.61665   0.638 6.80049  ? 2   G   A "C2'" 1 
ATOM   42  C  "C2'" B G   A 1 2 ? -4.83866  -3.65801  9.59273   0.362 7.06779  ? 2   G   A "C2'" 1 
ATOM   43  O  "O2'" A G   A 1 2 ? -3.94035  -4.00464  10.84080  0.638 9.32267  ? 2   G   A "O2'" 1 
ATOM   44  O  "O2'" B G   A 1 2 ? -4.40038  -4.11590  10.86709  0.362 5.81949  ? 2   G   A "O2'" 1 
ATOM   45  C  "C1'" A G   A 1 2 ? -3.71325  -4.12485  8.42615   0.638 7.18024  ? 2   G   A "C1'" 1 
ATOM   46  C  "C1'" B G   A 1 2 ? -3.92546  -4.26756  8.51197   0.362 8.28069  ? 2   G   A "C1'" 1 
ATOM   47  N  N9    A G   A 1 2 ? -3.69721  -3.21174  7.25949   0.638 8.10113  ? 2   G   A N9    1 
ATOM   48  N  N9    B G   A 1 2 ? -3.80185  -3.38052  7.33800   0.362 6.77788  ? 2   G   A N9    1 
ATOM   49  C  C8    A G   A 1 2 ? -4.52514  -3.23572  6.15087   0.638 8.71168  ? 2   G   A C8    1 
ATOM   50  C  C8    B G   A 1 2 ? -4.50582  -3.46573  6.14916   0.362 7.58613  ? 2   G   A C8    1 
ATOM   51  N  N7    A G   A 1 2 ? -4.27017  -2.28782  5.28453   0.638 8.45230  ? 2   G   A N7    1 
ATOM   52  N  N7    B G   A 1 2 ? -4.17701  -2.54403  5.27293   0.362 6.23403  ? 2   G   A N7    1 
ATOM   53  C  C5    A G   A 1 2 ? -3.22182  -1.59111  5.87397   0.638 8.25339  ? 2   G   A C5    1 
ATOM   54  C  C5    B G   A 1 2 ? -3.20739  -1.80601  5.94713   0.362 4.17692  ? 2   G   A C5    1 
ATOM   55  C  C6    A G   A 1 2 ? -2.53687  -0.45330  5.40869   0.638 7.61172  ? 2   G   A C6    1 
ATOM   56  C  C6    B G   A 1 2 ? -2.47985  -0.67903  5.50952   0.362 6.14512  ? 2   G   A C6    1 
ATOM   57  O  O6    A G   A 1 2 ? -2.74973  0.14278   4.34030   0.638 6.97303  ? 2   G   A O6    1 
ATOM   58  O  O6    B G   A 1 2 ? -2.58685  -0.11983  4.41063   0.362 8.28064  ? 2   G   A O6    1 
ATOM   59  N  N1    A G   A 1 2 ? -1.53187  -0.05426  6.27546   0.638 7.48409  ? 2   G   A N1    1 
ATOM   60  N  N1    B G   A 1 2 ? -1.57201  -0.24036  6.47074   0.362 5.98467  ? 2   G   A N1    1 
ATOM   61  C  C2    A G   A 1 2 ? -1.23600  -0.64878  7.47625   0.638 7.43941  ? 2   G   A C2    1 
ATOM   62  C  C2    B G   A 1 2 ? -1.40943  -0.80900  7.71274   0.362 6.46174  ? 2   G   A C2    1 
ATOM   63  N  N2    A G   A 1 2 ? -0.22348  -0.10756  8.19184   0.638 8.13573  ? 2   G   A N2    1 
ATOM   64  N  N2    B G   A 1 2 ? -0.49131  -0.26010  8.53329   0.362 6.90439  ? 2   G   A N2    1 
ATOM   65  N  N3    A G   A 1 2 ? -1.86003  -1.73558  7.91423   0.638 8.63090  ? 2   G   A N3    1 
ATOM   66  N  N3    B G   A 1 2 ? -2.07194  -1.88206  8.12606   0.362 6.41973  ? 2   G   A N3    1 
ATOM   67  C  C4    A G   A 1 2 ? -2.84106  -2.14854  7.07549   0.638 9.17894  ? 2   G   A C4    1 
ATOM   68  C  C4    B G   A 1 2 ? -2.93120  -2.33011  7.19462   0.362 4.79656  ? 2   G   A C4    1 
ATOM   69  P  P     A C   A 1 3 ? -7.73494  -2.50291  10.57191  0.638 8.07014  ? 3   C   A P     1 
ATOM   70  P  P     B C   A 1 3 ? -8.08100  -3.07300  10.49685  0.362 10.28793 ? 3   C   A P     1 
ATOM   71  O  OP1   A C   A 1 3 ? -8.58645  -2.85467  11.75622  0.638 9.14501  ? 3   C   A OP1   1 
ATOM   72  O  OP1   B C   A 1 3 ? -9.07439  -3.47309  11.50899  0.362 10.99065 ? 3   C   A OP1   1 
ATOM   73  O  OP2   A C   A 1 3 ? -8.30809  -2.18496  9.26085   0.638 9.37855  ? 3   C   A OP2   1 
ATOM   74  O  OP2   B C   A 1 3 ? -8.47595  -2.47638  9.20058   0.362 12.43229 ? 3   C   A OP2   1 
ATOM   75  O  "O5'" A C   A 1 3 ? -6.80656  -1.26013  10.95798  0.638 7.70338  ? 3   C   A "O5'" 1 
ATOM   76  O  "O5'" B C   A 1 3 ? -7.08455  -2.08902  11.24173  0.362 10.57821 ? 3   C   A "O5'" 1 
ATOM   77  C  "C5'" A C   A 1 3 ? -6.02089  -1.26520  12.14182  0.638 8.58656  ? 3   C   A "C5'" 1 
ATOM   78  C  "C5'" B C   A 1 3 ? -7.07973  -0.71800  10.94091  0.362 12.37680 ? 3   C   A "C5'" 1 
ATOM   79  C  "C4'" A C   A 1 3 ? -4.92331  -0.22109  12.09874  0.638 8.54898  ? 3   C   A "C4'" 1 
ATOM   80  C  "C4'" B C   A 1 3 ? -5.75318  -0.11279  11.27901  0.362 10.02496 ? 3   C   A "C4'" 1 
ATOM   81  O  "O4'" A C   A 1 3 ? -4.03802  -0.45065  10.96747  0.638 9.63579  ? 3   C   A "O4'" 1 
ATOM   82  O  "O4'" B C   A 1 3 ? -4.77524  -0.44095  10.24690  0.362 9.33630  ? 3   C   A "O4'" 1 
ATOM   83  C  "C3'" A C   A 1 3 ? -5.33308  1.23631   11.92155  0.638 7.80746  ? 3   C   A "C3'" 1 
ATOM   84  C  "C3'" B C   A 1 3 ? -5.77193  1.40652   11.32429  0.362 8.19305  ? 3   C   A "C3'" 1 
ATOM   85  O  "O3'" A C   A 1 3 ? -5.78649  1.80129   13.12080  0.638 8.50349  ? 3   C   A "O3'" 1 
ATOM   86  O  "O3'" B C   A 1 3 ? -6.24271  1.89340   12.56808  0.362 9.95404  ? 3   C   A "O3'" 1 
ATOM   87  C  "C2'" A C   A 1 3 ? -4.04671  1.87739   11.43059  0.638 9.13432  ? 3   C   A "C2'" 1 
ATOM   88  C  "C2'" B C   A 1 3 ? -4.32444  1.76634   11.00686  0.362 8.23831  ? 3   C   A "C2'" 1 
ATOM   89  O  "O2'" A C   A 1 3 ? -3.13134  2.00388   12.51023  0.638 10.11263 ? 3   C   A "O2'" 1 
ATOM   90  O  "O2'" B C   A 1 3 ? -3.50867  1.57668   12.15075  0.362 11.25715 ? 3   C   A "O2'" 1 
ATOM   91  C  "C1'" A C   A 1 3 ? -3.52482  0.79160   10.49918  0.638 10.26579 ? 3   C   A "C1'" 1 
ATOM   92  C  "C1'" B C   A 1 3 ? -3.96534  0.68404   9.98265   0.362 8.16991  ? 3   C   A "C1'" 1 
ATOM   93  N  N1    A C   A 1 3 ? -4.01921  1.02947   9.12482   0.638 9.91353  ? 3   C   A N1    1 
ATOM   94  N  N1    B C   A 1 3 ? -4.27335  1.12348   8.60869   0.362 8.34807  ? 3   C   A N1    1 
ATOM   95  C  C2    A C   A 1 3 ? -3.41331  2.05213   8.38839   0.638 10.87227 ? 3   C   A C2    1 
ATOM   96  C  C2    B C   A 1 3 ? -3.45639  2.08306   8.01979   0.362 7.90777  ? 3   C   A C2    1 
ATOM   97  O  O2    A C   A 1 3 ? -2.50503  2.66624   8.92546   0.638 12.04976 ? 3   C   A O2    1 
ATOM   98  O  O2    B C   A 1 3 ? -2.50362  2.50330   8.67066   0.362 8.97686  ? 3   C   A O2    1 
ATOM   99  N  N3    A C   A 1 3 ? -3.83123  2.31634   7.14006   0.638 11.32382 ? 3   C   A N3    1 
ATOM   100 N  N3    B C   A 1 3 ? -3.71880  2.51547   6.77103   0.362 8.47462  ? 3   C   A N3    1 
ATOM   101 C  C4    A C   A 1 3 ? -4.82736  1.61126   6.61826   0.638 10.72562 ? 3   C   A C4    1 
ATOM   102 C  C4    B C   A 1 3 ? -4.76595  1.99681   6.11072   0.362 6.61081  ? 3   C   A C4    1 
ATOM   103 N  N4    A C   A 1 3 ? -5.20649  1.92137   5.37047   0.638 12.35326 ? 3   C   A N4    1 
ATOM   104 N  N4    B C   A 1 3 ? -5.01935  2.43010   4.87740   0.362 6.93742  ? 3   C   A N4    1 
ATOM   105 C  C5    A C   A 1 3 ? -5.47969  0.55520   7.35045   0.638 10.27043 ? 3   C   A C5    1 
ATOM   106 C  C5    B C   A 1 3 ? -5.62136  1.01208   6.67897   0.362 7.99791  ? 3   C   A C5    1 
ATOM   107 C  C6    A C   A 1 3 ? -5.05413  0.30250   8.59126   0.638 8.04714  ? 3   C   A C6    1 
ATOM   108 C  C6    B C   A 1 3 ? -5.33197  0.59836   7.92303   0.362 9.70627  ? 3   C   A C6    1 
ATOM   109 P  P     A C   A 1 4 ? -6.84563  3.00267   13.10616  0.535 7.93265  ? 4   C   A P     1 
ATOM   110 P  P     B C   A 1 4 ? -7.23959  3.14771   12.61159  0.465 11.94420 ? 4   C   A P     1 
ATOM   111 O  OP1   A C   A 1 4 ? -7.10985  3.27260   14.53057  0.535 9.58129  ? 4   C   A OP1   1 
ATOM   112 O  OP1   B C   A 1 4 ? -7.68484  3.34767   14.00723  0.465 13.45598 ? 4   C   A OP1   1 
ATOM   113 O  OP2   A C   A 1 4 ? -7.96777  2.64466   12.18622  0.535 8.75411  ? 4   C   A OP2   1 
ATOM   114 O  OP2   B C   A 1 4 ? -8.23542  2.94905   11.53559  0.465 13.63184 ? 4   C   A OP2   1 
ATOM   115 O  "O5'" A C   A 1 4 ? -6.06274  4.22653   12.46626  0.535 7.70313  ? 4   C   A "O5'" 1 
ATOM   116 O  "O5'" B C   A 1 4 ? -6.31798  4.35494   12.18004  0.465 10.03817 ? 4   C   A "O5'" 1 
ATOM   117 C  "C5'" A C   A 1 4 ? -4.99316  4.83076   13.17424  0.535 8.28194  ? 4   C   A "C5'" 1 
ATOM   118 C  "C5'" B C   A 1 4 ? -5.22939  4.74336   12.98948  0.465 9.99616  ? 4   C   A "C5'" 1 
ATOM   119 C  "C4'" A C   A 1 4 ? -4.17738  5.74591   12.30083  0.535 9.31462  ? 4   C   A "C4'" 1 
ATOM   120 C  "C4'" B C   A 1 4 ? -4.35505  5.71567   12.26046  0.465 9.26488  ? 4   C   A "C4'" 1 
ATOM   121 O  "O4'" A C   A 1 4 ? -3.84172  5.10303   11.05529  0.535 9.57252  ? 4   C   A "O4'" 1 
ATOM   122 O  "O4'" B C   A 1 4 ? -3.84258  5.10038   11.05246  0.465 9.54139  ? 4   C   A "O4'" 1 
ATOM   123 C  "C3'" A C   A 1 4 ? -4.84711  7.02464   11.86634  0.535 10.65523 ? 4   C   A "C3'" 1 
ATOM   124 C  "C3'" B C   A 1 4 ? -5.03164  6.97509   11.75903  0.465 9.17165  ? 4   C   A "C3'" 1 
ATOM   125 O  "O3'" A C   A 1 4 ? -4.84190  7.96801   12.91710  0.535 9.49279  ? 4   C   A "O3'" 1 
ATOM   126 O  "O3'" B C   A 1 4 ? -5.24246  7.92769   12.80319  0.465 9.86228  ? 4   C   A "O3'" 1 
ATOM   127 C  "C2'" A C   A 1 4 ? -4.00216  7.43477   10.66629  0.535 8.56356  ? 4   C   A "C2'" 1 
ATOM   128 C  "C2'" B C   A 1 4 ? -4.05602  7.42164   10.67729  0.465 7.77056  ? 4   C   A "C2'" 1 
ATOM   129 O  "O2'" A C   A 1 4 ? -2.77544  8.01708   11.09256  0.535 10.13546 ? 4   C   A "O2'" 1 
ATOM   130 O  "O2'" B C   A 1 4 ? -2.87836  7.94195   11.27899  0.465 8.50851  ? 4   C   A "O2'" 1 
ATOM   131 C  "C1'" . C   A 1 4 ? -3.71138  6.07225   10.04099  1.000 7.81299  ? 4   C   A "C1'" 1 
ATOM   132 N  N1    . C   A 1 4 ? -4.63430  5.75352   8.92622   1.000 8.05715  ? 4   C   A N1    1 
ATOM   133 C  C2    . C   A 1 4 ? -4.42973  6.39983   7.71456   1.000 8.08305  ? 4   C   A C2    1 
ATOM   134 O  O2    . C   A 1 4 ? -3.52510  7.24229   7.66160   1.000 8.80445  ? 4   C   A O2    1 
ATOM   135 N  N3    . C   A 1 4 ? -5.20559  6.14859   6.63160   1.000 8.65356  ? 4   C   A N3    1 
ATOM   136 C  C4    . C   A 1 4 ? -6.18219  5.23585   6.74796   1.000 9.48280  ? 4   C   A C4    1 
ATOM   137 N  N4    . C   A 1 4 ? -6.91196  4.98429   5.66389   1.000 10.66234 ? 4   C   A N4    1 
ATOM   138 C  C5    . C   A 1 4 ? -6.43685  4.54266   7.97691   1.000 9.16141  ? 4   C   A C5    1 
ATOM   139 C  C6    . C   A 1 4 ? -5.64957  4.85097   9.00261   1.000 9.74124  ? 4   C   A C6    1 
ATOM   140 P  P     A C   A 1 5 ? -5.97261  9.09061   13.02531  0.586 8.40059  ? 5   C   A P     1 
ATOM   141 P  P     B C   A 1 5 ? -6.35828  9.07579   12.65887  0.414 10.24680 ? 5   C   A P     1 
ATOM   142 O  OP1   A C   A 1 5 ? -5.76552  9.69085   14.35439  0.586 9.92874  ? 5   C   A OP1   1 
ATOM   143 O  OP1   B C   A 1 5 ? -6.57620  9.69271   13.98641  0.414 11.84703 ? 5   C   A OP1   1 
ATOM   144 O  OP2   A C   A 1 5 ? -7.29462  8.55280   12.63547  0.586 9.64051  ? 5   C   A OP2   1 
ATOM   145 O  OP2   B C   A 1 5 ? -7.51786  8.52731   11.92499  0.414 12.25672 ? 5   C   A OP2   1 
ATOM   146 O  "O5'" A C   A 1 5 ? -5.55535  10.16806  11.93508  0.586 7.51156  ? 5   C   A "O5'" 1 
ATOM   147 O  "O5'" B C   A 1 5 ? -5.70911  10.12759  11.66389  0.414 9.40047  ? 5   C   A "O5'" 1 
ATOM   148 C  "C5'" A C   A 1 5 ? -4.42871  11.02376  12.10035  0.586 6.27690  ? 5   C   A "C5'" 1 
ATOM   149 C  "C5'" B C   A 1 5 ? -4.57478  10.90138  12.01228  0.414 8.97199  ? 5   C   A "C5'" 1 
ATOM   150 C  "C4'" A C   A 1 5 ? -4.20396  11.85698  10.86430  0.586 7.62027  ? 5   C   A "C4'" 1 
ATOM   151 C  "C4'" B C   A 1 5 ? -4.23651  11.81687  10.87363  0.414 8.24793  ? 5   C   A "C4'" 1 
ATOM   152 O  "O4'" . C   A 1 5 ? -3.85756  11.02589  9.71950   1.000 7.04500  ? 5   C   A "O4'" 1 
ATOM   153 C  "C3'" . C   A 1 5 ? -5.39190  12.65733  10.35845  1.000 7.79953  ? 5   C   A "C3'" 1 
ATOM   154 O  "O3'" . C   A 1 5 ? -5.64642  13.76910  11.19755  1.000 7.68981  ? 5   C   A "O3'" 1 
ATOM   155 C  "C2'" . C   A 1 5 ? -4.92619  13.00457  8.95397   1.000 7.43461  ? 5   C   A "C2'" 1 
ATOM   156 O  "O2'" . C   A 1 5 ? -3.86611  13.97323  9.05215   1.000 7.82800  ? 5   C   A "O2'" 1 
ATOM   157 C  "C1'" . C   A 1 5 ? -4.32138  11.65163  8.54500   1.000 7.47555  ? 5   C   A "C1'" 1 
ATOM   158 N  N1    . C   A 1 5 ? -5.34529  10.77663  7.93473   1.000 6.69927  ? 5   C   A N1    1 
ATOM   159 C  C2    . C   A 1 5 ? -5.63986  11.00695  6.57779   1.000 7.52097  ? 5   C   A C2    1 
ATOM   160 O  O2    . C   A 1 5 ? -5.11523  11.95990  5.98830   1.000 8.44462  ? 5   C   A O2    1 
ATOM   161 N  N3    . C   A 1 5 ? -6.51743  10.18908  5.93843   1.000 8.42499  ? 5   C   A N3    1 
ATOM   162 C  C4    . C   A 1 5 ? -7.09704  9.15686   6.61663   1.000 8.12535  ? 5   C   A C4    1 
ATOM   163 N  N4    . C   A 1 5 ? -7.92399  8.35568   5.95244   1.000 9.09080  ? 5   C   A N4    1 
ATOM   164 C  C5    . C   A 1 5 ? -6.82532  8.92226   7.99684   1.000 7.34423  ? 5   C   A C5    1 
ATOM   165 C  C6    . C   A 1 5 ? -5.95569  9.75249   8.60491   1.000 7.62061  ? 5   C   A C6    1 
ATOM   166 P  P     . C   A 1 6 ? -7.10864  14.40950  11.27411  1.000 7.71928  ? 6   C   A P     1 
ATOM   167 O  OP1   . C   A 1 6 ? -7.02617  15.42474  12.36586  1.000 8.27952  ? 6   C   A OP1   1 
ATOM   168 O  OP2   . C   A 1 6 ? -8.12776  13.32211  11.35635  1.000 8.96364  ? 6   C   A OP2   1 
ATOM   169 O  "O5'" . C   A 1 6 ? -7.31770  15.11756  9.86970   1.000 7.84386  ? 6   C   A "O5'" 1 
ATOM   170 C  "C5'" . C   A 1 6 ? -6.46733  16.17387  9.45885   1.000 7.36126  ? 6   C   A "C5'" 1 
ATOM   171 C  "C4'" . C   A 1 6 ? -6.67614  16.47988  7.99562   1.000 9.40328  ? 6   C   A "C4'" 1 
ATOM   172 O  "O4'" . C   A 1 6 ? -6.45811  15.30103  7.17297   1.000 8.53913  ? 6   C   A "O4'" 1 
ATOM   173 C  "C3'" . C   A 1 6 ? -8.08586  16.90846  7.59659   1.000 9.66753  ? 6   C   A "C3'" 1 
ATOM   174 O  "O3'" . C   A 1 6 ? -8.37152  18.24816  7.93118   1.000 11.14264 ? 6   C   A "O3'" 1 
ATOM   175 C  "C2'" . C   A 1 6 ? -8.09939  16.63173  6.10509   1.000 10.64505 ? 6   C   A "C2'" 1 
ATOM   176 O  "O2'" . C   A 1 6 ? -7.31342  17.60045  5.40627   1.000 13.25538 ? 6   C   A "O2'" 1 
ATOM   177 C  "C1'" . C   A 1 6 ? -7.31380  15.33074  6.06331   1.000 10.02561 ? 6   C   A "C1'" 1 
ATOM   178 N  N1    . C   A 1 6 ? -8.15312  14.10886  6.07356   1.000 8.41642  ? 6   C   A N1    1 
ATOM   179 C  C2    . C   A 1 6 ? -8.77033  13.77642  4.86431   1.000 9.33335  ? 6   C   A C2    1 
ATOM   180 O  O2    . C   A 1 6 ? -8.64047  14.49373  3.85855   1.000 11.15382 ? 6   C   A O2    1 
ATOM   181 N  N3    . C   A 1 6 ? -9.48137  12.62732  4.78834   1.000 9.79765  ? 6   C   A N3    1 
ATOM   182 C  C4    . C   A 1 6 ? -9.64852  11.86146  5.87818   1.000 9.36288  ? 6   C   A C4    1 
ATOM   183 N  N4    . C   A 1 6 ? -10.32890 10.72851  5.73408   1.000 9.93442  ? 6   C   A N4    1 
ATOM   184 C  C5    . C   A 1 6 ? -9.07635  12.22666  7.11963   1.000 8.20674  ? 6   C   A C5    1 
ATOM   185 C  C6    . C   A 1 6 ? -8.34072  13.35606  7.18400   1.000 8.52137  ? 6   C   A C6    1 
ATOM   186 O  "O5'" A G   B 1 1 ? -3.33322  10.15873  -2.85475  0.530 22.62105 ? 1   G   B "O5'" 1 
ATOM   187 O  "O5'" B G   B 1 1 ? -3.79928  9.26537   -2.94547  0.470 26.35394 ? 1   G   B "O5'" 1 
ATOM   188 C  "C5'" A G   B 1 1 ? -2.64505  11.39034  -2.70750  0.530 20.25203 ? 1   G   B "C5'" 1 
ATOM   189 C  "C5'" B G   B 1 1 ? -3.26600  10.57758  -2.97125  0.470 24.06961 ? 1   G   B "C5'" 1 
ATOM   190 C  "C4'" A G   B 1 1 ? -2.32636  11.68537  -1.26234  0.530 16.95457 ? 1   G   B "C4'" 1 
ATOM   191 C  "C4'" B G   B 1 1 ? -2.90565  11.04950  -1.58677  0.470 20.26568 ? 1   G   B "C4'" 1 
ATOM   192 O  "O4'" A G   B 1 1 ? -3.54749  11.83227  -0.50079  0.530 15.81293 ? 1   G   B "O4'" 1 
ATOM   193 O  "O4'" B G   B 1 1 ? -4.08986  11.15723  -0.76391  0.470 17.90249 ? 1   G   B "O4'" 1 
ATOM   194 C  "C3'" A G   B 1 1 ? -1.56047  10.62267  -0.50177  0.530 13.39840 ? 1   G   B "C3'" 1 
ATOM   195 C  "C3'" B G   B 1 1 ? -1.99141  10.15716  -0.77146  0.470 18.31866 ? 1   G   B "C3'" 1 
ATOM   196 O  "O3'" A G   B 1 1 ? -0.18163  10.63404  -0.80912  0.530 14.28322 ? 1   G   B "O3'" 1 
ATOM   197 O  "O3'" B G   B 1 1 ? -0.64060  10.27041  -1.17072  0.470 17.88299 ? 1   G   B "O3'" 1 
ATOM   198 C  "C2'" A G   B 1 1 ? -1.87320  10.96751  0.93861   0.530 13.88892 ? 1   G   B "C2'" 1 
ATOM   199 C  "C2'" B G   B 1 1 ? -2.24024  10.66191  0.63430   0.470 17.96563 ? 1   G   B "C2'" 1 
ATOM   200 O  "O2'" A G   B 1 1 ? -1.09123  12.07811  1.36187   0.530 14.08096 ? 1   G   B "O2'" 1 
ATOM   201 O  "O2'" B G   B 1 1 ? -1.57251  11.90206  0.81175   0.470 19.39821 ? 1   G   B "O2'" 1 
ATOM   202 C  "C1'" A G   B 1 1 ? -3.34499  11.36556  0.81633   0.530 14.34984 ? 1   G   B "C1'" 1 
ATOM   203 C  "C1'" B G   B 1 1 ? -3.74822  10.90170  0.58315   0.470 16.16286 ? 1   G   B "C1'" 1 
ATOM   204 N  N9    A G   B 1 1 ? -4.19775  10.18283  1.00193   0.530 12.42162 ? 1   G   B N9    1 
ATOM   205 N  N9    B G   B 1 1 ? -4.48190  9.70091   1.01058   0.470 13.84636 ? 1   G   B N9    1 
ATOM   206 C  C8    A G   B 1 1 ? -4.96491  9.54186   0.07073   0.530 11.99818 ? 1   G   B C8    1 
ATOM   207 C  C8    B G   B 1 1 ? -5.31036  8.93960   0.22468   0.470 13.20198 ? 1   G   B C8    1 
ATOM   208 N  N7    A G   B 1 1 ? -5.58342  8.49878   0.56725   0.530 10.67017 ? 1   G   B N7    1 
ATOM   209 N  N7    B G   B 1 1 ? -5.81994  7.93196   0.87634   0.470 11.94983 ? 1   G   B N7    1 
ATOM   210 C  C5    A G   B 1 1 ? -5.17756  8.44498   1.90102   0.530 11.15894 ? 1   G   B C5    1 
ATOM   211 C  C5    B G   B 1 1 ? -5.30168  8.04361   2.16419   0.470 9.26783  ? 1   G   B C5    1 
ATOM   212 C  C6    A G   B 1 1 ? -5.49924  7.54732   2.95958   0.530 11.09227 ? 1   G   B C6    1 
ATOM   213 C  C6    B G   B 1 1 ? -5.49083  7.22950   3.30868   0.470 6.90012  ? 1   G   B C6    1 
ATOM   214 O  O6    A G   B 1 1 ? -6.24251  6.57026   2.94494   0.530 11.62165 ? 1   G   B O6    1 
ATOM   215 O  O6    B G   B 1 1 ? -6.22055  6.23022   3.37255   0.470 8.16891  ? 1   G   B O6    1 
ATOM   216 N  N1    A G   B 1 1 ? -4.85896  7.88312   4.14697   0.530 9.63865  ? 1   G   B N1    1 
ATOM   217 N  N1    B G   B 1 1 ? -4.78224  7.67654   4.43737   0.470 7.55762  ? 1   G   B N1    1 
ATOM   218 C  C2    A G   B 1 1 ? -4.01442  8.94797   4.29323   0.530 9.52725  ? 1   G   B C2    1 
ATOM   219 C  C2    B G   B 1 1 ? -3.97225  8.78613   4.44295   0.470 8.60466  ? 1   G   B C2    1 
ATOM   220 N  N2    A G   B 1 1 ? -3.48254  9.12019   5.50744   0.530 9.21488  ? 1   G   B N2    1 
ATOM   221 N  N2    B G   B 1 1 ? -3.34977  9.07099   5.60149   0.470 8.12233  ? 1   G   B N2    1 
ATOM   222 N  N3    A G   B 1 1 ? -3.73774  9.80721   3.32131   0.530 8.88014  ? 1   G   B N3    1 
ATOM   223 N  N3    B G   B 1 1 ? -3.78911  9.55444   3.36642   0.470 11.91165 ? 1   G   B N3    1 
ATOM   224 C  C4    A G   B 1 1 ? -4.32336  9.47731   2.16911   0.530 11.68409 ? 1   G   B C4    1 
ATOM   225 C  C4    B G   B 1 1 ? -4.46218  9.12644   2.26673   0.470 11.24600 ? 1   G   B C4    1 
ATOM   226 P  P     A G   B 1 2 ? 0.70151   9.30622   -0.66314  0.530 12.63961 ? 2   G   B P     1 
ATOM   227 P  P     B G   B 1 2 ? 0.31399   8.98233   -1.20403  0.470 19.90075 ? 2   G   B P     1 
ATOM   228 O  OP1   A G   B 1 2 ? 1.94686   9.59248   -1.41224  0.530 14.58197 ? 2   G   B OP1   1 
ATOM   229 O  OP1   B G   B 1 2 ? 1.55280   9.40077   -1.88912  0.470 21.16188 ? 2   G   B OP1   1 
ATOM   230 O  OP2   A G   B 1 2 ? -0.08736  8.07575   -0.98707  0.530 14.25524 ? 2   G   B OP2   1 
ATOM   231 O  OP2   B G   B 1 2 ? -0.45740  7.79548   -1.68531  0.470 20.14607 ? 2   G   B OP2   1 
ATOM   232 O  "O5'" A G   B 1 2 ? 0.96382   9.21848   0.89075   0.530 10.17460 ? 2   G   B "O5'" 1 
ATOM   233 O  "O5'" B G   B 1 2 ? 0.67093   8.74469   0.32497   0.470 18.44915 ? 2   G   B "O5'" 1 
ATOM   234 C  "C5'" A G   B 1 2 ? 1.84161   10.11810  1.54204   0.530 10.26132 ? 2   G   B "C5'" 1 
ATOM   235 C  "C5'" B G   B 1 2 ? 1.54488   9.61840   1.00634   0.470 18.75637 ? 2   G   B "C5'" 1 
ATOM   236 C  "C4'" A G   B 1 2 ? 2.05210   9.69079   2.97662   0.530 8.31663  ? 2   G   B "C4'" 1 
ATOM   237 C  "C4'" B G   B 1 2 ? 1.52911   9.31802   2.47884   0.470 18.30379 ? 2   G   B "C4'" 1 
ATOM   238 O  "O4'" A G   B 1 2 ? 0.79775   9.76831   3.69903   0.530 7.20179  ? 2   G   B "O4'" 1 
ATOM   239 O  "O4'" B G   B 1 2 ? 0.15980   9.26716   2.95272   0.470 20.49494 ? 2   G   B "O4'" 1 
ATOM   240 C  "C3'" A G   B 1 2 ? 2.50690   8.25484   3.19475   0.530 7.11332  ? 2   G   B "C3'" 1 
ATOM   241 C  "C3'" B G   B 1 2 ? 2.09813   7.97931   2.90467   0.470 17.04340 ? 2   G   B "C3'" 1 
ATOM   242 O  "O3'" A G   B 1 2 ? 3.88880   8.06177   2.94785   0.530 8.64291  ? 2   G   B "O3'" 1 
ATOM   243 O  "O3'" B G   B 1 2 ? 3.50937   7.98936   2.93004   0.470 17.53919 ? 2   G   B "O3'" 1 
ATOM   244 C  "C2'" A G   B 1 2 ? 2.06226   8.01255   4.62437   0.530 8.84711  ? 2   G   B "C2'" 1 
ATOM   245 C  "C2'" B G   B 1 2 ? 1.46001   7.78899   4.27520   0.470 20.48321 ? 2   G   B "C2'" 1 
ATOM   246 O  "O2'" A G   B 1 2 ? 2.96053   8.69794   5.49348   0.530 7.22785  ? 2   G   B "O2'" 1 
ATOM   247 O  "O2'" B G   B 1 2 ? 2.10490   8.63467   5.21452   0.470 27.32305 ? 2   G   B "O2'" 1 
ATOM   248 C  "C1'" A G   B 1 2 ? 0.70531   8.72654   4.62230   0.530 6.47808  ? 2   G   B "C1'" 1 
ATOM   249 C  "C1'" B G   B 1 2 ? 0.05910   8.34969   4.02561   0.470 20.67302 ? 2   G   B "C1'" 1 
ATOM   250 N  N9    A G   B 1 2 ? -0.36531  7.81551   4.15610   0.530 6.05898  ? 2   G   B N9    1 
ATOM   251 N  N9    B G   B 1 2 ? -0.91751  7.30090   3.66389   0.470 20.54278 ? 2   G   B N9    1 
ATOM   252 C  C8    A G   B 1 2 ? -0.99508  7.77522   2.93898   0.530 8.28162  ? 2   G   B C8    1 
ATOM   253 C  C8    B G   B 1 2 ? -1.56723  7.11691   2.46955   0.470 18.71031 ? 2   G   B C8    1 
ATOM   254 N  N7    A G   B 1 2 ? -1.91593  6.84390   2.84737   0.530 7.13345  ? 2   G   B N7    1 
ATOM   255 N  N7    B G   B 1 2 ? -2.38172  6.09889   2.46843   0.470 18.51061 ? 2   G   B N7    1 
ATOM   256 C  C5    A G   B 1 2 ? -1.89326  6.20304   4.06916   0.530 5.40943  ? 2   G   B C5    1 
ATOM   257 C  C5    B G   B 1 2 ? -2.27607  5.58065   3.74665   0.470 17.43652 ? 2   G   B C5    1 
ATOM   258 C  C6    A G   B 1 2 ? -2.62320  5.10912   4.59328   0.530 6.21680  ? 2   G   B C6    1 
ATOM   259 C  C6    B G   B 1 2 ? -2.92060  4.46159   4.34961   0.470 17.47819 ? 2   G   B C6    1 
ATOM   260 O  O6    A G   B 1 2 ? -3.51435  4.45614   4.01881   0.530 7.52120  ? 2   G   B O6    1 
ATOM   261 O  O6    B G   B 1 2 ? -3.74833  3.68408   3.82957   0.470 17.54722 ? 2   G   B O6    1 
ATOM   262 N  N1    A G   B 1 2 ? -2.26637  4.79314   5.89291   0.530 6.28802  ? 2   G   B N1    1 
ATOM   263 N  N1    B G   B 1 2 ? -2.51613  4.28247   5.68252   0.470 15.04438 ? 2   G   B N1    1 
ATOM   264 C  C2    A G   B 1 2 ? -1.29277  5.42984   6.63043   0.530 6.11778  ? 2   G   B C2    1 
ATOM   265 C  C2    B G   B 1 2 ? -1.60455  5.07308   6.33473   0.470 15.02138 ? 2   G   B C2    1 
ATOM   266 N  N2    A G   B 1 2 ? -1.03415  5.00804   7.87406   0.530 7.37496  ? 2   G   B N2    1 
ATOM   267 N  N2    B G   B 1 2 ? -1.29485  4.75429   7.59779   0.470 13.50024 ? 2   G   B N2    1 
ATOM   268 N  N3    A G   B 1 2 ? -0.60176  6.46741   6.16750   0.530 6.82789  ? 2   G   B N3    1 
ATOM   269 N  N3    B G   B 1 2 ? -1.00942  6.11280   5.77447   0.470 17.75736 ? 2   G   B N3    1 
ATOM   270 C  C4    A G   B 1 2 ? -0.95065  6.79664   4.89484   0.530 6.99500  ? 2   G   B C4    1 
ATOM   271 C  C4    B G   B 1 2 ? -1.38005  6.30507   4.49195   0.470 18.91343 ? 2   G   B C4    1 
ATOM   272 P  P     A C   B 1 3 ? 4.45528   6.60203   2.62162   0.468 10.94239 ? 3   C   B P     1 
ATOM   273 P  P     B C   B 1 3 ? 4.33606   6.69804   2.46142   0.532 17.27378 ? 3   C   B P     1 
ATOM   274 O  OP1   A C   B 1 3 ? 5.91807   6.74118   2.39541   0.468 12.86543 ? 3   C   B OP1   1 
ATOM   275 O  OP1   B C   B 1 3 ? 5.68581   7.21958   2.16305   0.532 18.37978 ? 3   C   B OP1   1 
ATOM   276 O  OP2   A C   B 1 3 ? 3.57832   5.90240   1.65275   0.468 14.69934 ? 3   C   B OP2   1 
ATOM   277 O  OP2   B C   B 1 3 ? 3.55045   5.92483   1.46421   0.532 15.25135 ? 3   C   B OP2   1 
ATOM   278 O  "O5'" A C   B 1 3 ? 4.23980   5.83715   3.98512   0.468 9.60262  ? 3   C   B "O5'" 1 
ATOM   279 O  "O5'" B C   B 1 3 ? 4.37749   5.80165   3.77441   0.532 16.82054 ? 3   C   B "O5'" 1 
ATOM   280 C  "C5'" A C   B 1 3 ? 5.06328   6.12433   5.10059   0.468 11.61160 ? 3   C   B "C5'" 1 
ATOM   281 C  "C5'" B C   B 1 3 ? 4.88125   6.30487   5.00092   0.532 15.06576 ? 3   C   B "C5'" 1 
ATOM   282 C  "C4'" A C   B 1 3 ? 4.64190   5.31090   6.28212   0.468 11.89751 ? 3   C   B "C4'" 1 
ATOM   283 C  "C4'" B C   B 1 3 ? 4.55399   5.38429   6.14859   0.532 13.28776 ? 3   C   B "C4'" 1 
ATOM   284 O  "O4'" A C   B 1 3 ? 3.21243   5.46383   6.49131   0.468 10.51837 ? 3   C   B "O4'" 1 
ATOM   285 O  "O4'" B C   B 1 3 ? 3.14521   5.49187   6.48910   0.532 14.38952 ? 3   C   B "O4'" 1 
ATOM   286 C  "C3'" A C   B 1 3 ? 4.82447   3.81404   6.15894   0.468 13.56552 ? 3   C   B "C3'" 1 
ATOM   287 C  "C3'" B C   B 1 3 ? 4.75524   3.89334   5.93420   0.532 12.46717 ? 3   C   B "C3'" 1 
ATOM   288 O  "O3'" A C   B 1 3 ? 6.16363   3.42101   6.38422   0.468 16.76713 ? 3   C   B "O3'" 1 
ATOM   289 O  "O3'" B C   B 1 3 ? 6.10653   3.50087   6.05143   0.532 12.81279 ? 3   C   B "O3'" 1 
ATOM   290 C  "C2'" A C   B 1 3 ? 3.83555   3.30122   7.19376   0.468 11.32259 ? 3   C   B "C2'" 1 
ATOM   291 C  "C2'" B C   B 1 3 ? 3.86294   3.30297   7.01703   0.532 13.03168 ? 3   C   B "C2'" 1 
ATOM   292 O  "O2'" A C   B 1 3 ? 4.31694   3.57333   8.50697   0.468 13.28986 ? 3   C   B "O2'" 1 
ATOM   293 O  "O2'" B C   B 1 3 ? 4.46727   3.43284   8.29591   0.532 16.89636 ? 3   C   B "O2'" 1 
ATOM   294 C  "C1'" . C   B 1 3 ? 2.66861   4.24093   6.94695   1.000 11.06799 ? 3   C   B "C1'" 1 
ATOM   295 N  N1    . C   B 1 3 ? 1.68978   3.71358   5.94395   1.000 9.09251  ? 3   C   B N1    1 
ATOM   296 C  C2    . C   B 1 3 ? 0.83286   2.66487   6.36287   1.000 9.26379  ? 3   C   B C2    1 
ATOM   297 O  O2    . C   B 1 3 ? 0.91093   2.21360   7.51848   1.000 10.28867 ? 3   C   B O2    1 
ATOM   298 N  N3    . C   B 1 3 ? -0.08129  2.17468   5.49117   1.000 8.80539  ? 3   C   B N3    1 
ATOM   299 C  C4    . C   B 1 3 ? -0.16242  2.67134   4.24530   1.000 8.30999  ? 3   C   B C4    1 
ATOM   300 N  N4    . C   B 1 3 ? -1.06734  2.20865   3.40484   1.000 8.14305  ? 3   C   B N4    1 
ATOM   301 C  C5    . C   B 1 3 ? 0.70588   3.68872   3.79530   1.000 8.79760  ? 3   C   B C5    1 
ATOM   302 C  C6    . C   B 1 3 ? 1.61265   4.18730   4.65683   1.000 9.46117  ? 3   C   B C6    1 
ATOM   303 P  P     A C   B 1 4 ? 6.75449   2.12282   5.65929   0.516 17.41640 ? 4   C   B P     1 
ATOM   304 P  P     B C   B 1 4 ? 6.63611   2.19796   5.29461   0.484 12.61602 ? 4   C   B P     1 
ATOM   305 O  OP1   A C   B 1 4 ? 8.13883   2.01510   6.16884   0.516 19.70591 ? 4   C   B OP1   1 
ATOM   306 O  OP1   B C   B 1 4 ? 8.10342   2.18948   5.48047   0.484 14.21591 ? 4   C   B OP1   1 
ATOM   307 O  OP2   A C   B 1 4 ? 6.38251   2.09673   4.21709   0.516 18.06688 ? 4   C   B OP2   1 
ATOM   308 O  OP2   B C   B 1 4 ? 6.00742   2.14373   3.94954   0.484 13.63156 ? 4   C   B OP2   1 
ATOM   309 O  "O5'" A C   B 1 4 ? 5.96094   0.95732   6.35711   0.516 15.74319 ? 4   C   B "O5'" 1 
ATOM   310 O  "O5'" B C   B 1 4 ? 5.93152   1.00251   6.07486   0.484 11.59947 ? 4   C   B "O5'" 1 
ATOM   311 C  "C5'" A C   B 1 4 ? 6.12039   0.74204   7.74193   0.516 15.05133 ? 4   C   B "C5'" 1 
ATOM   312 C  "C5'" B C   B 1 4 ? 6.19124   0.74729   7.44807   0.484 13.12756 ? 4   C   B "C5'" 1 
ATOM   313 C  "C4'" A C   B 1 4 ? 5.30161   -0.43412  8.15376   0.516 13.63509 ? 4   C   B "C4'" 1 
ATOM   314 C  "C4'" B C   B 1 4 ? 5.36989   -0.41603  7.96535   0.484 11.31178 ? 4   C   B "C4'" 1 
ATOM   315 O  "O4'" A C   B 1 4 ? 3.90231   -0.14129  7.97837   0.516 12.13287 ? 4   C   B "O4'" 1 
ATOM   316 O  "O4'" B C   B 1 4 ? 3.94570   -0.12913  7.88690   0.484 11.91982 ? 4   C   B "O4'" 1 
ATOM   317 C  "C3'" A C   B 1 4 ? 5.48980   -1.67975  7.32281   0.516 11.04489 ? 4   C   B "C3'" 1 
ATOM   318 C  "C3'" B C   B 1 4 ? 5.50051   -1.73745  7.23690   0.484 11.66717 ? 4   C   B "C3'" 1 
ATOM   319 O  "O3'" A C   B 1 4 ? 6.67934   -2.34347  7.66599   0.516 12.29074 ? 4   C   B "O3'" 1 
ATOM   320 O  "O3'" B C   B 1 4 ? 6.65933   -2.44539  7.61552   0.484 12.56030 ? 4   C   B "O3'" 1 
ATOM   321 C  "C2'" . C   B 1 4 ? 4.23129   -2.45991  7.64439   1.000 11.06067 ? 4   C   B "C2'" 1 
ATOM   322 O  "O2'" . C   B 1 4 ? 4.31952   -2.97888  8.96693   1.000 13.77452 ? 4   C   B "O2'" 1 
ATOM   323 C  "C1'" . C   B 1 4 ? 3.22475   -1.32824  7.63297   1.000 10.54283 ? 4   C   B "C1'" 1 
ATOM   324 N  N1    . C   B 1 4 ? 2.56057   -1.17464  6.32433   1.000 9.97358  ? 4   C   B N1    1 
ATOM   325 C  C2    . C   B 1 4 ? 1.53726   -2.06092  6.00837   1.000 9.30967  ? 4   C   B C2    1 
ATOM   326 O  O2    . C   B 1 4 ? 1.28042   -2.98057  6.77969   1.000 9.99046  ? 4   C   B O2    1 
ATOM   327 N  N3    . C   B 1 4 ? 0.83401   -1.88549  4.86232   1.000 8.40086  ? 4   C   B N3    1 
ATOM   328 C  C4    . C   B 1 4 ? 1.14574   -0.88636  4.01484   1.000 8.66405  ? 4   C   B C4    1 
ATOM   329 N  N4    . C   B 1 4 ? 0.42711   -0.75118  2.90492   1.000 9.05900  ? 4   C   B N4    1 
ATOM   330 C  C5    . C   B 1 4 ? 2.23717   -0.01072  4.31198   1.000 9.93517  ? 4   C   B C5    1 
ATOM   331 C  C6    . C   B 1 4 ? 2.91570   -0.17793  5.46084   1.000 10.88527 ? 4   C   B C6    1 
ATOM   332 P  P     A C   B 1 5 ? 7.68278   -2.84961  6.53562   0.428 9.45489  ? 5   C   B P     1 
ATOM   333 P  P     B C   B 1 5 ? 7.47844   -3.30374  6.55764   0.572 15.07365 ? 5   C   B P     1 
ATOM   334 O  OP1   A C   B 1 5 ? 8.92510   -3.25200  7.25768   0.428 9.66391  ? 5   C   B OP1   1 
ATOM   335 O  OP1   B C   B 1 5 ? 8.67013   -3.83156  7.29533   0.572 15.00083 ? 5   C   B OP1   1 
ATOM   336 O  OP2   A C   B 1 5 ? 7.69065   -1.90861  5.41189   0.428 12.59464 ? 5   C   B OP2   1 
ATOM   337 O  OP2   B C   B 1 5 ? 7.63012   -2.55959  5.31279   0.572 16.40360 ? 5   C   B OP2   1 
ATOM   338 O  "O5'" A C   B 1 5 ? 7.00504   -4.21162  6.06790   0.428 8.69282  ? 5   C   B "O5'" 1 
ATOM   339 O  "O5'" B C   B 1 5 ? 6.55352   -4.55106  6.24052   0.572 12.46523 ? 5   C   B "O5'" 1 
ATOM   340 C  "C5'" A C   B 1 5 ? 6.88170   -5.26648  7.01815   0.428 7.41996  ? 5   C   B "C5'" 1 
ATOM   341 C  "C5'" B C   B 1 5 ? 6.44068   -5.56388  7.22496   0.572 11.78768 ? 5   C   B "C5'" 1 
ATOM   342 C  "C4'" A C   B 1 5 ? 5.72519   -6.18881  6.74898   0.428 8.08631  ? 5   C   B "C4'" 1 
ATOM   343 C  "C4'" B C   B 1 5 ? 5.42070   -6.56981  6.82870   0.572 9.17851  ? 5   C   B "C4'" 1 
ATOM   344 O  "O4'" A C   B 1 5 ? 4.48915   -5.44336  6.62626   0.428 6.02087  ? 5   C   B "O4'" 1 
ATOM   345 O  "O4'" B C   B 1 5 ? 4.11361   -5.93893  6.78436   0.572 10.94243 ? 5   C   B "O4'" 1 
ATOM   346 C  "C3'" A C   B 1 5 ? 5.77750   -6.99938  5.47118   0.428 10.67536 ? 5   C   B "C3'" 1 
ATOM   347 C  "C3'" B C   B 1 5 ? 5.57003   -7.13763  5.43200   0.572 10.21683 ? 5   C   B "C3'" 1 
ATOM   348 O  "O3'" A C   B 1 5 ? 6.65399   -8.11252  5.59474   0.428 13.31965 ? 5   C   B "O3'" 1 
ATOM   349 O  "O3'" B C   B 1 5 ? 6.65872   -8.07211  5.33040   0.572 9.63533  ? 5   C   B "O3'" 1 
ATOM   350 C  "C2'" A C   B 1 5 ? 4.32220   -7.40002  5.31376   0.428 8.35187  ? 5   C   B "C2'" 1 
ATOM   351 C  "C2'" B C   B 1 5 ? 4.16858   -7.69716  5.21393   0.572 11.07569 ? 5   C   B "C2'" 1 
ATOM   352 O  "O2'" A C   B 1 5 ? 4.03328   -8.42378  6.25099   0.428 8.03914  ? 5   C   B "O2'" 1 
ATOM   353 O  "O2'" B C   B 1 5 ? 4.00282   -8.85086  6.02515   0.572 11.55614 ? 5   C   B "O2'" 1 
ATOM   354 C  "C1'" A C   B 1 5 ? 3.61784   -6.11134  5.73992   0.428 7.98995  ? 5   C   B "C1'" 1 
ATOM   355 C  "C1'" B C   B 1 5 ? 3.31793   -6.55540  5.79587   0.572 9.89334  ? 5   C   B "C1'" 1 
ATOM   356 N  N1    A C   B 1 5 ? 3.36734   -5.23800  4.56807   0.428 6.69769  ? 5   C   B N1    1 
ATOM   357 N  N1    B C   B 1 5 ? 3.01969   -5.56089  4.72801   0.572 9.95752  ? 5   C   B N1    1 
ATOM   358 C  C2    A C   B 1 5 ? 2.30397   -5.55971  3.74152   0.428 7.95015  ? 5   C   B C2    1 
ATOM   359 C  C2    B C   B 1 5 ? 1.91168   -5.80117  3.93246   0.572 7.93645  ? 5   C   B C2    1 
ATOM   360 O  O2    A C   B 1 5 ? 1.59425   -6.53340  4.00572   0.428 7.05741  ? 5   C   B O2    1 
ATOM   361 O  O2    B C   B 1 5 ? 1.20444   -6.78550  4.13824   0.572 9.24219  ? 5   C   B O2    1 
ATOM   362 N  N3    A C   B 1 5 ? 2.05976   -4.78617  2.66966   0.428 5.43960  ? 5   C   B N3    1 
ATOM   363 N  N3    B C   B 1 5 ? 1.62744   -4.92305  2.92892   0.572 8.18143  ? 5   C   B N3    1 
ATOM   364 C  C4    A C   B 1 5 ? 2.81238   -3.72933  2.38518   0.428 6.49979  ? 5   C   B C4    1 
ATOM   365 C  C4    B C   B 1 5 ? 2.38704   -3.85094  2.66582   0.572 7.29884  ? 5   C   B C4    1 
ATOM   366 N  N4    A C   B 1 5 ? 2.52233   -3.00485  1.31156   0.428 5.16923  ? 5   C   B N4    1 
ATOM   367 N  N4    B C   B 1 5 ? 2.06643   -3.04013  1.63561   0.572 6.27382  ? 5   C   B N4    1 
ATOM   368 C  C5    A C   B 1 5 ? 3.91886   -3.39324  3.20410   0.428 7.70127  ? 5   C   B C5    1 
ATOM   369 C  C5    B C   B 1 5 ? 3.55128   -3.60813  3.45715   0.572 7.74576  ? 5   C   B C5    1 
ATOM   370 C  C6    A C   B 1 5 ? 4.15549   -4.16086  4.27291   0.428 7.32356  ? 5   C   B C6    1 
ATOM   371 C  C6    B C   B 1 5 ? 3.80870   -4.46366  4.45973   0.572 8.55894  ? 5   C   B C6    1 
ATOM   372 P  P     A C   B 1 6 ? 7.33731   -8.75472  4.30107   0.500 12.82533 ? 6   C   B P     1 
ATOM   373 P  P     B C   B 1 6 ? 7.34878   -8.39669  3.92605   0.500 9.06102  ? 6   C   B P     1 
ATOM   374 O  OP1   A C   B 1 6 ? 8.13050   -9.90377  4.78370   0.500 14.49064 ? 6   C   B OP1   1 
ATOM   375 O  OP1   B C   B 1 6 ? 8.37113   -9.42502  4.24458   0.500 9.85487  ? 6   C   B OP1   1 
ATOM   376 O  OP2   A C   B 1 6 ? 7.96423   -7.62052  3.56647   0.500 15.02428 ? 6   C   B OP2   1 
ATOM   377 O  OP2   B C   B 1 6 ? 7.73947   -7.14827  3.22935   0.500 10.36577 ? 6   C   B OP2   1 
ATOM   378 O  "O5'" A C   B 1 6 ? 6.12348   -9.26847  3.40250   0.500 11.13910 ? 6   C   B "O5'" 1 
ATOM   379 O  "O5'" B C   B 1 6 ? 6.19681   -9.07788  3.05020   0.500 8.67845  ? 6   C   B "O5'" 1 
ATOM   380 C  "C5'" A C   B 1 6 ? 5.36847   -10.39144 3.80703   0.500 9.62748  ? 6   C   B "C5'" 1 
ATOM   381 C  "C5'" B C   B 1 6 ? 5.62884   -10.32077 3.43287   0.500 9.61047  ? 6   C   B "C5'" 1 
ATOM   382 C  "C4'" A C   B 1 6 ? 4.21938   -10.64567 2.87707   0.500 8.49323  ? 6   C   B "C4'" 1 
ATOM   383 C  "C4'" B C   B 1 6 ? 4.42058   -10.65488 2.59904   0.500 9.23943  ? 6   C   B "C4'" 1 
ATOM   384 O  "O4'" A C   B 1 6 ? 3.34857   -9.48001  2.80966   0.500 7.48330  ? 6   C   B "O4'" 1 
ATOM   385 O  "O4'" B C   B 1 6 ? 3.41038   -9.60728  2.72276   0.500 9.55335  ? 6   C   B "O4'" 1 
ATOM   386 C  "C3'" A C   B 1 6 ? 4.56773   -10.89087 1.42569   0.500 9.33168  ? 6   C   B "C3'" 1 
ATOM   387 C  "C3'" B C   B 1 6 ? 4.63378   -10.74590 1.10047   0.500 8.83645  ? 6   C   B "C3'" 1 
ATOM   388 O  "O3'" A C   B 1 6 ? 5.09519   -12.18091 1.20913   0.500 9.32403  ? 6   C   B "O3'" 1 
ATOM   389 O  "O3'" B C   B 1 6 ? 5.27009   -11.94006 0.70992   0.500 12.20657 ? 6   C   B "O3'" 1 
ATOM   390 C  "C2'" A C   B 1 6 ? 3.22510   -10.64552 0.74315   0.500 10.96260 ? 6   C   B "C2'" 1 
ATOM   391 C  "C2'" B C   B 1 6 ? 3.20516   -10.61886 0.58977   0.500 8.09897  ? 6   C   B "C2'" 1 
ATOM   392 O  "O2'" A C   B 1 6 ? 2.38552   -11.77793 0.88597   0.500 13.48654 ? 6   C   B "O2'" 1 
ATOM   393 O  "O2'" B C   B 1 6 ? 2.50000   -11.83597 0.80039   0.500 10.33393 ? 6   C   B "O2'" 1 
ATOM   394 C  "C1'" A C   B 1 6 ? 2.65694   -9.48582  1.58404   0.500 8.11993  ? 6   C   B "C1'" 1 
ATOM   395 C  "C1'" B C   B 1 6 ? 2.65953   -9.52420  1.52942   0.500 7.43998  ? 6   C   B "C1'" 1 
ATOM   396 N  N1    . C   B 1 6 ? 2.87410   -8.19468  0.90373   1.000 7.73588  ? 6   C   B N1    1 
ATOM   397 C  C2    . C   B 1 6 ? 1.95041   -7.84672  -0.09637  1.000 7.43865  ? 6   C   B C2    1 
ATOM   398 O  O2    . C   B 1 6 ? 0.99063   -8.57445  -0.35331  1.000 7.90770  ? 6   C   B O2    1 
ATOM   399 N  N3    . C   B 1 6 ? 2.14254   -6.69284  -0.75359  1.000 6.63425  ? 6   C   B N3    1 
ATOM   400 C  C4    . C   B 1 6 ? 3.19204   -5.88024  -0.52404  1.000 6.60294  ? 6   C   B C4    1 
ATOM   401 N  N4    . C   B 1 6 ? 3.31430   -4.78896  -1.24570  1.000 7.22930  ? 6   C   B N4    1 
ATOM   402 C  C5    . C   B 1 6 ? 4.15204   -6.23687  0.49447   1.000 7.03125  ? 6   C   B C5    1 
ATOM   403 C  C6    . C   B 1 6 ? 3.95719   -7.38977  1.16356   1.000 8.19004  ? 6   C   B C6    1 
ATOM   404 O  "O5'" . G   C 1 1 ? 11.05281  0.84885   -0.37855  1.000 18.05550 ? 1   G   C "O5'" 1 
ATOM   405 C  "C5'" . G   C 1 1 ? 11.89745  1.89425   -0.79293  1.000 15.22451 ? 1   G   C "C5'" 1 
ATOM   406 C  "C4'" . G   C 1 1 ? 11.82817  2.08055   -2.29147  1.000 13.83123 ? 1   G   C "C4'" 1 
ATOM   407 O  "O4'" . G   C 1 1 ? 12.41022  0.96099   -3.01868  1.000 13.69391 ? 1   G   C "O4'" 1 
ATOM   408 C  "C3'" . G   C 1 1 ? 10.45393  2.25259   -2.90698  1.000 13.92166 ? 1   G   C "C3'" 1 
ATOM   409 O  "O3'" . G   C 1 1 ? 10.00975  3.58556   -2.74281  1.000 15.14180 ? 1   G   C "O3'" 1 
ATOM   410 C  "C2'" . G   C 1 1 ? 10.70277  1.88404   -4.36010  1.000 13.34075 ? 1   G   C "C2'" 1 
ATOM   411 O  "O2'" . G   C 1 1 ? 11.41503  2.93820   -5.03352  1.000 15.29849 ? 1   G   C "O2'" 1 
ATOM   412 C  "C1'" . G   C 1 1 ? 11.65788  0.71794   -4.18559  1.000 12.30336 ? 1   G   C "C1'" 1 
ATOM   413 N  N9    . G   C 1 1 ? 10.95567  -0.55804  -4.00003  1.000 10.73998 ? 1   G   C N9    1 
ATOM   414 C  C8    . G   C 1 1 ? 10.98646  -1.36477  -2.86319  1.000 12.58255 ? 1   G   C C8    1 
ATOM   415 N  N7    . G   C 1 1 ? 10.32806  -2.49445  -2.97920  1.000 9.94874  ? 1   G   C N7    1 
ATOM   416 C  C5    . G   C 1 1 ? 9.87684   -2.43782  -4.31738  1.000 10.00999 ? 1   G   C C5    1 
ATOM   417 C  C6    . G   C 1 1 ? 9.11447   -3.37570  -5.05403  1.000 9.00668  ? 1   G   C C6    1 
ATOM   418 O  O6    . G   C 1 1 ? 8.67489   -4.47389  -4.65962  1.000 10.58458 ? 1   G   C O6    1 
ATOM   419 N  N1    . G   C 1 1 ? 8.85081   -2.96704  -6.34566  1.000 8.44644  ? 1   G   C N1    1 
ATOM   420 C  C2    . G   C 1 1 ? 9.28075   -1.77716  -6.86176  1.000 9.77643  ? 1   G   C C2    1 
ATOM   421 N  N2    . G   C 1 1 ? 8.93226   -1.51894  -8.12701  1.000 10.50251 ? 1   G   C N2    1 
ATOM   422 N  N3    . G   C 1 1 ? 10.03628  -0.88762  -6.21238  1.000 10.46164 ? 1   G   C N3    1 
ATOM   423 C  C4    . G   C 1 1 ? 10.26410  -1.26586  -4.94877  1.000 10.21187 ? 1   G   C C4    1 
ATOM   424 P  P     . G   C 1 2 ? 8.46466   3.93807   -2.53164  1.000 16.34349 ? 2   G   C P     1 
ATOM   425 O  OP1   . G   C 1 2 ? 8.39717   5.37294   -2.23758  1.000 17.86430 ? 2   G   C OP1   1 
ATOM   426 O  OP2   . G   C 1 2 ? 7.76995   2.95138   -1.65187  1.000 19.85398 ? 2   G   C OP2   1 
ATOM   427 O  "O5'" . G   C 1 2 ? 7.77601   3.66937   -3.94251  1.000 15.67825 ? 2   G   C "O5'" 1 
ATOM   428 C  "C5'" . G   C 1 2 ? 8.16935   4.41612   -5.07703  1.000 14.90090 ? 2   G   C "C5'" 1 
ATOM   429 C  "C4'" . G   C 1 2 ? 7.61950   3.77841   -6.31710  1.000 13.40787 ? 2   G   C "C4'" 1 
ATOM   430 O  "O4'" . G   C 1 2 ? 8.16702   2.45042   -6.49278  1.000 13.68972 ? 2   G   C "O4'" 1 
ATOM   431 C  "C3'" . G   C 1 2 ? 6.11990   3.56110   -6.32338  1.000 12.21407 ? 2   G   C "C3'" 1 
ATOM   432 O  "O3'" . G   C 1 2 ? 5.42982   4.75752   -6.66936  1.000 12.52084 ? 2   G   C "O3'" 1 
ATOM   433 C  "C2'" . G   C 1 2 ? 5.97216   2.46030   -7.36079  1.000 13.06320 ? 2   G   C "C2'" 1 
ATOM   434 O  "O2'" . G   C 1 2 ? 6.13937   2.98640   -8.67195  1.000 14.20076 ? 2   G   C "O2'" 1 
ATOM   435 C  "C1'" . G   C 1 2 ? 7.17153   1.60502   -7.03454  1.000 13.10651 ? 2   G   C "C1'" 1 
ATOM   436 N  N9    . G   C 1 2 ? 6.83338   0.57467   -6.03902  1.000 11.16327 ? 2   G   C N9    1 
ATOM   437 C  C8    . G   C 1 2 ? 7.20222   0.52069   -4.70850  1.000 11.45278 ? 2   G   C C8    1 
ATOM   438 N  N7    . G   C 1 2 ? 6.82566   -0.58796  -4.11045  1.000 10.84334 ? 2   G   C N7    1 
ATOM   439 C  C5    . G   C 1 2 ? 6.16964   -1.31298  -5.07210  1.000 9.63384  ? 2   G   C C5    1 
ATOM   440 C  C6    . G   C 1 2 ? 5.52547   -2.56963  -4.98373  1.000 8.76771  ? 2   G   C C6    1 
ATOM   441 O  O6    . G   C 1 2 ? 5.46584   -3.35948  -4.03404  1.000 8.92853  ? 2   G   C O6    1 
ATOM   442 N  N1    . G   C 1 2 ? 4.97413   -2.88387  -6.22435  1.000 9.05723  ? 2   G   C N1    1 
ATOM   443 C  C2    . G   C 1 2 ? 5.01672   -2.11996  -7.35850  1.000 8.49283  ? 2   G   C C2    1 
ATOM   444 N  N2    . G   C 1 2 ? 4.38337   -2.60841  -8.44839  1.000 10.03689 ? 2   G   C N2    1 
ATOM   445 N  N3    . G   C 1 2 ? 5.62842   -0.95881  -7.43814  1.000 9.19098  ? 2   G   C N3    1 
ATOM   446 C  C4    . G   C 1 2 ? 6.17040   -0.60497  -6.26930  1.000 10.82229 ? 2   G   C C4    1 
ATOM   447 P  P     . C   C 1 3 ? 3.98855   5.05542   -6.05897  1.000 12.46545 ? 3   C   C P     1 
ATOM   448 O  OP1   . C   C 1 3 ? 3.73601   6.48068   -6.37136  1.000 14.91381 ? 3   C   C OP1   1 
ATOM   449 O  OP2   . C   C 1 3 ? 3.87100   4.54241   -4.68000  1.000 14.10094 ? 3   C   C OP2   1 
ATOM   450 O  "O5'" . C   C 1 3 ? 2.98974   4.17705   -6.90849  1.000 11.88142 ? 3   C   C "O5'" 1 
ATOM   451 C  "C5'" . C   C 1 3 ? 2.73782   4.44744   -8.28275  1.000 11.51451 ? 3   C   C "C5'" 1 
ATOM   452 C  "C4'" . C   C 1 3 ? 1.93828   3.32829   -8.88329  1.000 9.53419  ? 3   C   C "C4'" 1 
ATOM   453 O  "O4'" . C   C 1 3 ? 2.70552   2.10616   -8.84270  1.000 11.14954 ? 3   C   C "O4'" 1 
ATOM   454 C  "C3'" . C   C 1 3 ? 0.66457   2.94923   -8.15237  1.000 9.33738  ? 3   C   C "C3'" 1 
ATOM   455 O  "O3'" . C   C 1 3 ? -0.37232  3.87838   -8.43043  1.000 9.33963  ? 3   C   C "O3'" 1 
ATOM   456 C  "C2'" . C   C 1 3 ? 0.40769   1.55274   -8.67800  1.000 9.52138  ? 3   C   C "C2'" 1 
ATOM   457 O  "O2'" . C   C 1 3 ? -0.02278  1.61582   -10.02565 1.000 10.81666 ? 3   C   C "O2'" 1 
ATOM   458 C  "C1'" . C   C 1 3 ? 1.82642   1.00810   -8.64192  1.000 9.94638  ? 3   C   C "C1'" 1 
ATOM   459 N  N1    . C   C 1 3 ? 2.11728   0.40323   -7.32386  1.000 8.35356  ? 3   C   C N1    1 
ATOM   460 C  C2    . C   C 1 3 ? 1.62539   -0.87121  -7.07613  1.000 7.85109  ? 3   C   C C2    1 
ATOM   461 O  O2    . C   C 1 3 ? 0.99283   -1.45614  -7.96104  1.000 8.51419  ? 3   C   C O2    1 
ATOM   462 N  N3    . C   C 1 3 ? 1.91057   -1.46624  -5.88669  1.000 7.65936  ? 3   C   C N3    1 
ATOM   463 C  C4    . C   C 1 3 ? 2.59318   -0.82554  -4.95027  1.000 8.25785  ? 3   C   C C4    1 
ATOM   464 N  N4    . C   C 1 3 ? 2.84821   -1.43104  -3.78439  1.000 8.26470  ? 3   C   C N4    1 
ATOM   465 C  C5    . C   C 1 3 ? 3.09431   0.48077   -5.17727  1.000 8.45098  ? 3   C   C C5    1 
ATOM   466 C  C6    . C   C 1 3 ? 2.82988   1.05562   -6.35987  1.000 8.61165  ? 3   C   C C6    1 
ATOM   467 P  P     . C   C 1 4 ? -1.38341  4.29198   -7.25607  1.000 9.72631  ? 4   C   C P     1 
ATOM   468 O  OP1   . C   C 1 4 ? -2.24826  5.34034   -7.78719  1.000 10.86606 ? 4   C   C OP1   1 
ATOM   469 O  OP2   . C   C 1 4 ? -0.63510  4.58192   -6.00738  1.000 11.97117 ? 4   C   C OP2   1 
ATOM   470 O  "O5'" . C   C 1 4 ? -2.23999  2.99729   -6.95527  1.000 7.89956  ? 4   C   C "O5'" 1 
ATOM   471 C  "C5'" . C   C 1 4 ? -3.06510  2.46793   -7.96021  1.000 7.91584  ? 4   C   C "C5'" 1 
ATOM   472 C  "C4'" . C   C 1 4 ? -3.54450  1.07789   -7.63109  1.000 7.68147  ? 4   C   C "C4'" 1 
ATOM   473 O  "O4'" . C   C 1 4 ? -2.39492  0.20154   -7.47531  1.000 7.61820  ? 4   C   C "O4'" 1 
ATOM   474 C  "C3'" . C   C 1 4 ? -4.29765  0.85580   -6.33956  1.000 6.98987  ? 4   C   C "C3'" 1 
ATOM   475 O  "O3'" . C   C 1 4 ? -5.61110  1.35504   -6.43277  1.000 7.56878  ? 4   C   C "O3'" 1 
ATOM   476 C  "C2'" . C   C 1 4 ? -4.18871  -0.66236  -6.19854  1.000 7.49646  ? 4   C   C "C2'" 1 
ATOM   477 O  "O2'" . C   C 1 4 ? -5.00131  -1.26614  -7.18374  1.000 7.75544  ? 4   C   C "O2'" 1 
ATOM   478 C  "C1'" . C   C 1 4 ? -2.71432  -0.84681  -6.58128  1.000 7.67612  ? 4   C   C "C1'" 1 
ATOM   479 N  N1    . C   C 1 4 ? -1.85537  -0.74772  -5.37589  1.000 6.80904  ? 4   C   C N1    1 
ATOM   480 C  C2    . C   C 1 4 ? -1.88733  -1.86533  -4.54340  1.000 6.99581  ? 4   C   C C2    1 
ATOM   481 O  O2    . C   C 1 4 ? -2.58954  -2.84734  -4.87323  1.000 6.96023  ? 4   C   C O2    1 
ATOM   482 N  N3    . C   C 1 4 ? -1.14914  -1.85490  -3.38145  1.000 6.46313  ? 4   C   C N3    1 
ATOM   483 C  C4    . C   C 1 4 ? -0.43357  -0.79071  -3.04613  1.000 6.97581  ? 4   C   C C4    1 
ATOM   484 N  N4    . C   C 1 4 ? 0.24865   -0.82244  -1.89465  1.000 8.08972  ? 4   C   C N4    1 
ATOM   485 C  C5    . C   C 1 4 ? -0.40629  0.36655   -3.89872  1.000 7.99823  ? 4   C   C C5    1 
ATOM   486 C  C6    . C   C 1 4 ? -1.11955  0.36267   -5.03404  1.000 7.79558  ? 4   C   C C6    1 
ATOM   487 P  P     . C   C 1 5 ? -6.51481  1.55819   -5.10851  1.000 8.43283  ? 5   C   C P     1 
ATOM   488 O  OP1   . C   C 1 5 ? -7.75174  2.25132   -5.56872  1.000 10.03556 ? 5   C   C OP1   1 
ATOM   489 O  OP2   . C   C 1 5 ? -5.71205  2.13777   -4.02576  1.000 9.45159  ? 5   C   C OP2   1 
ATOM   490 O  "O5'" . C   C 1 5 ? -6.87328  0.08921   -4.61072  1.000 8.73109  ? 5   C   C "O5'" 1 
ATOM   491 C  "C5'" . C   C 1 5 ? -7.73485  -0.74578  -5.34495  1.000 8.69208  ? 5   C   C "C5'" 1 
ATOM   492 C  "C4'" . C   C 1 5 ? -8.06968  -1.98582  -4.54377  1.000 7.92161  ? 5   C   C "C4'" 1 
ATOM   493 O  "O4'" . C   C 1 5 ? -6.88539  -2.81039  -4.35091  1.000 8.12455  ? 5   C   C "O4'" 1 
ATOM   494 C  "C3'" . C   C 1 5 ? -8.57409  -1.77072  -3.12163  1.000 7.41490  ? 5   C   C "C3'" 1 
ATOM   495 O  "O3'" . C   C 1 5 ? -9.94498  -1.40791  -3.11139  1.000 8.55287  ? 5   C   C "O3'" 1 
ATOM   496 C  "C2'" . C   C 1 5 ? -8.30028  -3.14753  -2.50346  1.000 7.60427  ? 5   C   C "C2'" 1 
ATOM   497 O  "O2'" . C   C 1 5 ? -9.23320  -4.06240  -3.04505  1.000 8.77071  ? 5   C   C "O2'" 1 
ATOM   498 C  "C1'" . C   C 1 5 ? -6.92427  -3.42760  -3.07367  1.000 7.81287  ? 5   C   C "C1'" 1 
ATOM   499 N  N1    . C   C 1 5 ? -5.85014  -2.84357  -2.21746  1.000 7.37280  ? 5   C   C N1    1 
ATOM   500 C  C2    . C   C 1 5 ? -5.43303  -3.58447  -1.11584  1.000 7.50052  ? 5   C   C C2    1 
ATOM   501 O  O2    . C   C 1 5 ? -5.99227  -4.65454  -0.84968  1.000 8.60029  ? 5   C   C O2    1 
ATOM   502 N  N3    . C   C 1 5 ? -4.41880  -3.09222  -0.36241  1.000 7.28583  ? 5   C   C N3    1 
ATOM   503 C  C4    . C   C 1 5 ? -3.80422  -1.93894  -0.64251  1.000 6.97992  ? 5   C   C C4    1 
ATOM   504 N  N4    . C   C 1 5 ? -2.83981  -1.51884  0.15626   1.000 7.89104  ? 5   C   C N4    1 
ATOM   505 C  C5    . C   C 1 5 ? -4.23168  -1.16379  -1.76123  1.000 7.10410  ? 5   C   C C5    1 
ATOM   506 C  C6    . C   C 1 5 ? -5.23217  -1.65055  -2.51403  1.000 7.36534  ? 5   C   C C6    1 
ATOM   507 P  P     . C   C 1 6 ? -10.53132 -0.47412  -1.95303  1.000 10.04116 ? 6   C   C P     1 
ATOM   508 O  OP1   . C   C 1 6 ? -11.94958 -0.27273  -2.32231  1.000 11.92734 ? 6   C   C OP1   1 
ATOM   509 O  OP2   . C   C 1 6 ? -9.62838  0.69524   -1.76841  1.000 12.10822 ? 6   C   C OP2   1 
ATOM   510 O  "O5'" . C   C 1 6 ? -10.42546 -1.35268  -0.64606  1.000 9.73901  ? 6   C   C "O5'" 1 
ATOM   511 C  "C5'" . C   C 1 6 ? -11.13890 -2.57178  -0.50371  1.000 10.53079 ? 6   C   C "C5'" 1 
ATOM   512 C  "C4'" . C   C 1 6 ? -10.73754 -3.29417  0.75352   1.000 10.33374 ? 6   C   C "C4'" 1 
ATOM   513 O  "O4'" . C   C 1 6 ? -9.33244  -3.66028  0.64339   1.000 10.27777 ? 6   C   C "O4'" 1 
ATOM   514 C  "C3'" . C   C 1 6 ? -10.78713 -2.51040  2.03666   1.000 11.53748 ? 6   C   C "C3'" 1 
ATOM   515 O  "O3'" . C   C 1 6 ? -12.09525 -2.44475  2.57404   1.000 14.15342 ? 6   C   C "O3'" 1 
ATOM   516 C  "C2'" . C   C 1 6 ? -9.81381  -3.28933  2.92206   1.000 11.86418 ? 6   C   C "C2'" 1 
ATOM   517 O  "O2'" . C   C 1 6 ? -10.41808 -4.49641  3.37989   1.000 14.70979 ? 6   C   C "O2'" 1 
ATOM   518 C  "C1'" . C   C 1 6 ? -8.73100  -3.66404  1.91142   1.000 10.19386 ? 6   C   C "C1'" 1 
ATOM   519 N  N1    . C   C 1 6 ? -7.64792  -2.66184  1.91454   1.000 8.51060  ? 6   C   C N1    1 
ATOM   520 C  C2    . C   C 1 6 ? -6.67300  -2.82192  2.90686   1.000 7.36684  ? 6   C   C C2    1 
ATOM   521 O  O2    . C   C 1 6 ? -6.71894  -3.78156  3.68967   1.000 8.84283  ? 6   C   C O2    1 
ATOM   522 N  N3    . C   C 1 6 ? -5.67857  -1.90242  2.98359   1.000 7.54787  ? 6   C   C N3    1 
ATOM   523 C  C4    . C   C 1 6 ? -5.62357  -0.83369  2.19432   1.000 8.72115  ? 6   C   C C4    1 
ATOM   524 N  N4    . C   C 1 6 ? -4.62006  0.02567   2.39511   1.000 8.44810  ? 6   C   C N4    1 
ATOM   525 C  C5    . C   C 1 6 ? -6.58575  -0.69392  1.15760   1.000 7.92272  ? 6   C   C C5    1 
ATOM   526 C  C6    . C   C 1 6 ? -7.56212  -1.59669  1.06310   1.000 8.34718  ? 6   C   C C6    1 
ATOM   527 O  "O5'" A G   D 1 1 ? -1.90320  -11.09362 4.04820   0.203 10.93773 ? 1   G   D "O5'" 1 
ATOM   528 O  "O5'" B G   D 1 1 ? -0.25522  -10.14067 3.07674   0.797 10.05862 ? 1   G   D "O5'" 1 
ATOM   529 C  "C5'" A G   D 1 1 ? -1.28621  -10.88384 2.79396   0.203 10.76905 ? 1   G   D "C5'" 1 
ATOM   530 C  "C5'" B G   D 1 1 ? -1.38768  -10.95822 2.85095   0.797 12.19333 ? 1   G   D "C5'" 1 
ATOM   531 C  "C4'" . G   D 1 1 ? -2.26815  -10.40549 1.75347   1.000 8.83324  ? 1   G   D "C4'" 1 
ATOM   532 O  "O4'" . G   D 1 1 ? -2.65422  -9.04194  2.02741   1.000 8.80663  ? 1   G   D "O4'" 1 
ATOM   533 C  "C3'" . G   D 1 1 ? -1.69197  -10.34878 0.34428   1.000 7.79500  ? 1   G   D "C3'" 1 
ATOM   534 O  "O3'" . G   D 1 1 ? -1.73741  -11.63705 -0.24195  1.000 8.95310  ? 1   G   D "O3'" 1 
ATOM   535 C  "C2'" . G   D 1 1 ? -2.60904  -9.33125  -0.33037  1.000 7.48087  ? 1   G   D "C2'" 1 
ATOM   536 O  "O2'" . G   D 1 1 ? -3.83915  -9.94013  -0.72478  1.000 8.96552  ? 1   G   D "O2'" 1 
ATOM   537 C  "C1'" . G   D 1 1 ? -2.86096  -8.35355  0.81044   1.000 7.35119  ? 1   G   D "C1'" 1 
ATOM   538 N  N9    . G   D 1 1 ? -1.92135  -7.22597  0.78742   1.000 7.05759  ? 1   G   D N9    1 
ATOM   539 C  C8    . G   D 1 1 ? -0.89700  -6.92760  1.67264   1.000 7.57541  ? 1   G   D C8    1 
ATOM   540 N  N7    . G   D 1 1 ? -0.27094  -5.84027  1.35938   1.000 6.92615  ? 1   G   D N7    1 
ATOM   541 C  C5    . G   D 1 1 ? -0.88995  -5.38986  0.20486   1.000 6.39716  ? 1   G   D C5    1 
ATOM   542 C  C6    . G   D 1 1 ? -0.64048  -4.21777  -0.56563  1.000 5.99221  ? 1   G   D C6    1 
ATOM   543 O  O6    . G   D 1 1 ? 0.21669   -3.35946  -0.36474  1.000 6.61986  ? 1   G   D O6    1 
ATOM   544 N  N1    . G   D 1 1 ? -1.49451  -4.14832  -1.64699  1.000 6.19700  ? 1   G   D N1    1 
ATOM   545 C  C2    . G   D 1 1 ? -2.48293  -5.04539  -1.93822  1.000 5.74834  ? 1   G   D C2    1 
ATOM   546 N  N2    . G   D 1 1 ? -3.20334  -4.82799  -3.03413  1.000 6.37035  ? 1   G   D N2    1 
ATOM   547 N  N3    . G   D 1 1 ? -2.75180  -6.11502  -1.19562  1.000 6.52065  ? 1   G   D N3    1 
ATOM   548 C  C4    . G   D 1 1 ? -1.90624  -6.22353  -0.14750  1.000 6.42330  ? 1   G   D C4    1 
ATOM   549 P  P     . G   D 1 2 ? -0.72744  -12.06734 -1.42390  1.000 8.85974  ? 2   G   D P     1 
ATOM   550 O  OP1   . G   D 1 2 ? -1.04946  -13.47565 -1.74227  1.000 10.70096 ? 2   G   D OP1   1 
ATOM   551 O  OP2   . G   D 1 2 ? 0.67564   -11.72316 -1.08236  1.000 9.24349  ? 2   G   D OP2   1 
ATOM   552 O  "O5'" A G   D 1 2 ? -1.14532  -11.17791 -2.67689  0.357 9.01498  ? 2   G   D "O5'" 1 
ATOM   553 O  "O5'" B G   D 1 2 ? -1.10748  -11.13192 -2.63503  0.643 8.94572  ? 2   G   D "O5'" 1 
ATOM   554 C  "C5'" A G   D 1 2 ? -2.24037  -11.55735 -3.51540  0.357 7.95856  ? 2   G   D "C5'" 1 
ATOM   555 C  "C5'" B G   D 1 2 ? -2.32312  -11.35604 -3.35196  0.643 7.96748  ? 2   G   D "C5'" 1 
ATOM   556 C  "C4'" A G   D 1 2 ? -2.40677  -10.64074 -4.71394  0.357 6.76871  ? 2   G   D "C4'" 1 
ATOM   557 C  "C4'" B G   D 1 2 ? -2.46500  -10.37444 -4.48970  0.643 7.47008  ? 2   G   D "C4'" 1 
ATOM   558 O  "O4'" A G   D 1 2 ? -2.74701  -9.29222  -4.28685  0.357 7.33375  ? 2   G   D "O4'" 1 
ATOM   559 O  "O4'" B G   D 1 2 ? -2.68742  -9.04018  -3.97930  0.643 5.57410  ? 2   G   D "O4'" 1 
ATOM   560 C  "C3'" A G   D 1 2 ? -1.17737  -10.42885 -5.58606  0.357 8.89050  ? 2   G   D "C3'" 1 
ATOM   561 C  "C3'" B G   D 1 2 ? -1.25446  -10.17341 -5.37482  0.643 6.65734  ? 2   G   D "C3'" 1 
ATOM   562 O  "O3'" A G   D 1 2 ? -0.89739  -11.51841 -6.44149  0.357 10.77247 ? 2   G   D "O3'" 1 
ATOM   563 O  "O3'" B G   D 1 2 ? -1.00636  -11.28151 -6.21126  0.643 8.29268  ? 2   G   D "O3'" 1 
ATOM   564 C  "C2'" A G   D 1 2 ? -1.52383  -9.14022  -6.31806  0.357 10.16502 ? 2   G   D "C2'" 1 
ATOM   565 C  "C2'" B G   D 1 2 ? -1.62605  -8.88354  -6.09740  0.643 5.80110  ? 2   G   D "C2'" 1 
ATOM   566 O  "O2'" A G   D 1 2 ? -2.49437  -9.39773  -7.32346  0.357 8.59916  ? 2   G   D "O2'" 1 
ATOM   567 O  "O2'" B G   D 1 2 ? -2.66292  -9.17835  -7.02470  0.643 7.38847  ? 2   G   D "O2'" 1 
ATOM   568 C  "C1'" A G   D 1 2 ? -2.19497  -8.35223  -5.19865  0.357 8.78081  ? 2   G   D "C1'" 1 
ATOM   569 C  "C1'" B G   D 1 2 ? -2.19539  -8.09707  -4.92335  0.643 4.75044  ? 2   G   D "C1'" 1 
ATOM   570 N  N9    A G   D 1 2 ? -1.23129  -7.49485  -4.48190  0.357 8.32139  ? 2   G   D N9    1 
ATOM   571 N  N9    B G   D 1 2 ? -1.11902  -7.29791  -4.30858  0.643 4.77910  ? 2   G   D N9    1 
ATOM   572 C  C8    A G   D 1 2 ? -0.71600  -7.70646  -3.21935  0.357 5.91222  ? 2   G   D C8    1 
ATOM   573 C  C8    B G   D 1 2 ? -0.39652  -7.56520  -3.17082  0.643 6.07915  ? 2   G   D C8    1 
ATOM   574 N  N7    A G   D 1 2 ? 0.10539   -6.76013  -2.82716  0.357 6.65923  ? 2   G   D N7    1 
ATOM   575 N  N7    B G   D 1 2 ? 0.48248   -6.61529  -2.90266  0.643 5.77179  ? 2   G   D N7    1 
ATOM   576 C  C5    A G   D 1 2 ? 0.13395   -5.88642  -3.90064  0.357 7.20485  ? 2   G   D C5    1 
ATOM   577 C  C5    B G   D 1 2 ? 0.33620   -5.71646  -3.93880  0.643 5.01136  ? 2   G   D C5    1 
ATOM   578 C  C6    A G   D 1 2 ? 0.84082   -4.67372  -4.07838  0.357 6.13254  ? 2   G   D C6    1 
ATOM   579 C  C6    B G   D 1 2 ? 1.00215   -4.51774  -4.22065  0.643 4.82704  ? 2   G   D C6    1 
ATOM   580 O  O6    A G   D 1 2 ? 1.62369   -4.12539  -3.29499  0.357 5.96911  ? 2   G   D O6    1 
ATOM   581 O  O6    B G   D 1 2 ? 1.90464   -4.00855  -3.55387  0.643 5.98163  ? 2   G   D O6    1 
ATOM   582 N  N1    A G   D 1 2 ? 0.61341   -4.08803  -5.31811  0.357 6.31857  ? 2   G   D N1    1 
ATOM   583 N  N1    B G   D 1 2 ? 0.56437   -3.92865  -5.38867  0.643 6.12148  ? 2   G   D N1    1 
ATOM   584 C  C2    A G   D 1 2 ? -0.22385  -4.59348  -6.28901  0.357 4.89502  ? 2   G   D C2    1 
ATOM   585 C  C2    B G   D 1 2 ? -0.41733  -4.41508  -6.21221  0.643 6.66066  ? 2   G   D C2    1 
ATOM   586 N  N2    A G   D 1 2 ? -0.35966  -3.91425  -7.44175  0.357 4.95982  ? 2   G   D N2    1 
ATOM   587 N  N2    B G   D 1 2 ? -0.69901  -3.68769  -7.30313  0.643 6.85106  ? 2   G   D N2    1 
ATOM   588 N  N3    A G   D 1 2 ? -0.90080  -5.72040  -6.12545  0.357 5.37696  ? 2   G   D N3    1 
ATOM   589 N  N3    B G   D 1 2 ? -1.07388  -5.53931  -5.94817  0.643 6.01389  ? 2   G   D N3    1 
ATOM   590 C  C4    A G   D 1 2 ? -0.67988  -6.31341  -4.92821  0.357 7.16178  ? 2   G   D C4    1 
ATOM   591 C  C4    B G   D 1 2 ? -0.63783  -6.12290  -4.81221  0.643 5.82680  ? 2   G   D C4    1 
ATOM   592 P  P     A C   D 1 3 ? 0.61002   -11.78758 -6.87616  0.581 16.14453 ? 3   C   D P     1 
ATOM   593 P  P     B C   D 1 3 ? 0.48598   -11.61849 -6.66775  0.419 5.46456  ? 3   C   D P     1 
ATOM   594 O  OP1   A C   D 1 3 ? 0.59620   -13.06722 -7.60960  0.581 18.78820 ? 3   C   D OP1   1 
ATOM   595 O  OP1   B C   D 1 3 ? 0.39659   -12.97559 -7.23710  0.419 7.13141  ? 3   C   D OP1   1 
ATOM   596 O  OP2   A C   D 1 3 ? 1.47200   -11.65877 -5.67707  0.581 17.52717 ? 3   C   D OP2   1 
ATOM   597 O  OP2   B C   D 1 3 ? 1.44776   -11.31370 -5.58469  0.419 6.05421  ? 3   C   D OP2   1 
ATOM   598 O  "O5'" A C   D 1 3 ? 1.00421   -10.57622 -7.82465  0.581 14.13568 ? 3   C   D "O5'" 1 
ATOM   599 O  "O5'" B C   D 1 3 ? 0.85339   -10.55025 -7.77439  0.419 7.15650  ? 3   C   D "O5'" 1 
ATOM   600 C  "C5'" A C   D 1 3 ? 0.41104   -10.40032 -9.09860  0.581 11.09944 ? 3   C   D "C5'" 1 
ATOM   601 C  "C5'" B C   D 1 3 ? -0.01712  -10.28715 -8.85010  0.419 6.44600  ? 3   C   D "C5'" 1 
ATOM   602 C  "C4'" A C   D 1 3 ? 0.60967   -8.98954  -9.60194  0.581 10.91186 ? 3   C   D "C4'" 1 
ATOM   603 C  "C4'" B C   D 1 3 ? 0.32185   -8.95619  -9.45736  0.419 8.47654  ? 3   C   D "C4'" 1 
ATOM   604 O  "O4'" A C   D 1 3 ? 0.35925   -8.04810  -8.54610  0.581 10.54125 ? 3   C   D "O4'" 1 
ATOM   605 O  "O4'" B C   D 1 3 ? 0.19871   -7.90052  -8.47374  0.419 7.74214  ? 3   C   D "O4'" 1 
ATOM   606 C  "C3'" A C   D 1 3 ? 1.99203   -8.60899  -10.10597 0.581 9.72403  ? 3   C   D "C3'" 1 
ATOM   607 C  "C3'" B C   D 1 3 ? 1.74289   -8.82253  -9.96620  0.419 9.36352  ? 3   C   D "C3'" 1 
ATOM   608 O  "O3'" A C   D 1 3 ? 2.15496   -9.04268  -11.43333 0.581 11.09932 ? 3   C   D "O3'" 1 
ATOM   609 O  "O3'" B C   D 1 3 ? 1.87718   -9.42705  -11.23837 0.419 8.38873  ? 3   C   D "O3'" 1 
ATOM   610 C  "C2'" A C   D 1 3 ? 1.98161   -7.08858  -9.98358  0.581 10.30748 ? 3   C   D "C2'" 1 
ATOM   611 C  "C2'" B C   D 1 3 ? 1.95839   -7.31220  -9.95788  0.419 10.49478 ? 3   C   D "C2'" 1 
ATOM   612 O  "O2'" A C   D 1 3 ? 1.21338   -6.51006  -11.02432 0.581 12.22641 ? 3   C   D "O2'" 1 
ATOM   613 O  "O2'" B C   D 1 3 ? 1.30583   -6.71829  -11.06655 0.419 11.16551 ? 3   C   D "O2'" 1 
ATOM   614 C  "C1'" . C   D 1 3 ? 1.19088   -6.91741  -8.70158  1.000 9.08186  ? 3   C   D "C1'" 1 
ATOM   615 N  N1    . C   D 1 3 ? 2.07319   -6.81815  -7.52771  1.000 8.38054  ? 3   C   D N1    1 
ATOM   616 C  C2    . C   D 1 3 ? 2.77424   -5.61853  -7.37396  1.000 7.94469  ? 3   C   D C2    1 
ATOM   617 O  O2    . C   D 1 3 ? 2.65593   -4.75252  -8.26839  1.000 9.85782  ? 3   C   D O2    1 
ATOM   618 N  N3    . C   D 1 3 ? 3.51859   -5.39947  -6.27492  1.000 8.54381  ? 3   C   D N3    1 
ATOM   619 C  C4    . C   D 1 3 ? 3.58209   -6.35232  -5.32319  1.000 7.93274  ? 3   C   D C4    1 
ATOM   620 N  N4    . C   D 1 3 ? 4.30968   -6.09064  -4.23113  1.000 8.45934  ? 3   C   D N4    1 
ATOM   621 C  C5    . C   D 1 3 ? 2.85530   -7.58940  -5.45899  1.000 8.24509  ? 3   C   D C5    1 
ATOM   622 C  C6    . C   D 1 3 ? 2.10231   -7.80093  -6.56250  1.000 7.68046  ? 3   C   D C6    1 
ATOM   623 P  P     A C   D 1 4 ? 3.59597   -9.39957  -12.01066 0.782 13.80575 ? 4   C   D P     1 
ATOM   624 P  P     B C   D 1 4 ? 3.31253   -9.57207  -11.92986 0.218 7.95760  ? 4   C   D P     1 
ATOM   625 O  OP1   A C   D 1 4 ? 3.34460   -9.97422  -13.36229 0.782 16.02715 ? 4   C   D OP1   1 
ATOM   626 O  OP1   B C   D 1 4 ? 3.18254   -10.42282 -13.13979 0.218 7.97649  ? 4   C   D OP1   1 
ATOM   627 O  OP2   A C   D 1 4 ? 4.36708   -10.17449 -11.02778 0.782 17.17795 ? 4   C   D OP2   1 
ATOM   628 O  OP2   B C   D 1 4 ? 4.33261   -9.94906  -10.93126 0.218 6.83213  ? 4   C   D OP2   1 
ATOM   629 O  "O5'" A C   D 1 4 ? 4.32117   -7.98354  -12.17878 0.782 11.95349 ? 4   C   D "O5'" 1 
ATOM   630 O  "O5'" B C   D 1 4 ? 3.60096   -8.09706  -12.42432 0.218 9.28881  ? 4   C   D "O5'" 1 
ATOM   631 C  "C5'" A C   D 1 4 ? 3.75379   -7.00253  -13.03624 0.782 13.08513 ? 4   C   D "C5'" 1 
ATOM   632 C  "C5'" B C   D 1 4 ? 4.84235   -7.76757  -13.01453 0.218 9.14881  ? 4   C   D "C5'" 1 
ATOM   633 C  "C4'" A C   D 1 4 ? 4.56068   -5.73600  -13.04958 0.782 11.40705 ? 4   C   D "C4'" 1 
ATOM   634 C  "C4'" B C   D 1 4 ? 5.01049   -6.27558  -13.10994 0.218 9.00098  ? 4   C   D "C4'" 1 
ATOM   635 O  "O4'" A C   D 1 4 ? 4.72222   -5.23328  -11.69588 0.782 11.18315 ? 4   C   D "O4'" 1 
ATOM   636 O  "O4'" B C   D 1 4 ? 4.87505   -5.68387  -11.78375 0.218 8.44159  ? 4   C   D "O4'" 1 
ATOM   637 C  "C3'" A C   D 1 4 ? 5.96546   -5.87594  -13.61372 0.782 12.12240 ? 4   C   D "C3'" 1 
ATOM   638 C  "C3'" B C   D 1 4 ? 6.37278   -5.84611  -13.61096 0.218 9.94203  ? 4   C   D "C3'" 1 
ATOM   639 O  "O3'" A C   D 1 4 ? 6.31115   -4.65088  -14.26804 0.782 11.29855 ? 4   C   D "O3'" 1 
ATOM   640 O  "O3'" B C   D 1 4 ? 6.25551   -4.56658  -14.22872 0.218 13.55740 ? 4   C   D "O3'" 1 
ATOM   641 C  "C2'" A C   D 1 4 ? 6.82364   -6.01979  -12.35833 0.782 10.64519 ? 4   C   D "C2'" 1 
ATOM   642 C  "C2'" B C   D 1 4 ? 7.15344   -5.71102  -12.31458 0.218 8.87895  ? 4   C   D "C2'" 1 
ATOM   643 O  "O2'" A C   D 1 4 ? 8.18650   -5.65157  -12.51539 0.782 11.83802 ? 4   C   D "O2'" 1 
ATOM   644 O  "O2'" B C   D 1 4 ? 8.33998   -4.95640  -12.41312 0.218 8.21237  ? 4   C   D "O2'" 1 
ATOM   645 C  "C1'" . C   D 1 4 ? 6.10216   -5.08400  -11.39605 1.000 8.89404  ? 4   C   D "C1'" 1 
ATOM   646 N  N1    . C   D 1 4 ? 6.33532   -5.39859  -9.97618  1.000 9.36046  ? 4   C   D N1    1 
ATOM   647 C  C2    . C   D 1 4 ? 7.02173   -4.49604  -9.17265  1.000 8.96065  ? 4   C   D C2    1 
ATOM   648 O  O2    . C   D 1 4 ? 7.40322   -3.42022  -9.66224  1.000 10.01110 ? 4   C   D O2    1 
ATOM   649 N  N3    . C   D 1 4 ? 7.24541   -4.80909  -7.87206  1.000 9.27372  ? 4   C   D N3    1 
ATOM   650 C  C4    . C   D 1 4 ? 6.81448   -5.97913  -7.39830  1.000 8.29875  ? 4   C   D C4    1 
ATOM   651 N  N4    . C   D 1 4 ? 7.05957   -6.20189  -6.12354  1.000 10.22548 ? 4   C   D N4    1 
ATOM   652 C  C5    . C   D 1 4 ? 6.09456   -6.90608  -8.21291  1.000 10.06937 ? 4   C   D C5    1 
ATOM   653 C  C6    . C   D 1 4 ? 5.87673   -6.58016  -9.48917  1.000 9.78607  ? 4   C   D C6    1 
ATOM   654 P  P     A C   D 1 5 ? 5.88142   -4.43428  -15.79356 0.486 9.73852  ? 5   C   D P     1 
ATOM   655 P  P     B C   D 1 5 ? 6.26679   -4.44117  -15.82731 0.514 16.00619 ? 5   C   D P     1 
ATOM   656 O  OP1   A C   D 1 5 ? 6.13166   -3.01124  -16.10723 0.486 12.11012 ? 5   C   D OP1   1 
ATOM   657 O  OP1   B C   D 1 5 ? 6.99230   -3.16837  -16.10790 0.514 16.84878 ? 5   C   D OP1   1 
ATOM   658 O  OP2   A C   D 1 5 ? 4.53039   -5.04212  -16.03656 0.486 9.94525  ? 5   C   D OP2   1 
ATOM   659 O  OP2   B C   D 1 5 ? 4.88341   -4.65080  -16.36189 0.514 17.38845 ? 5   C   D OP2   1 
ATOM   660 O  "O5'" A C   D 1 5 ? 6.81877   -5.42113  -16.60070 0.486 5.93410  ? 5   C   D "O5'" 1 
ATOM   661 O  "O5'" B C   D 1 5 ? 7.16608   -5.66047  -16.30144 0.514 13.66368 ? 5   C   D "O5'" 1 
ATOM   662 C  "C5'" A C   D 1 5 ? 8.21686   -5.33792  -16.43368 0.486 8.86448  ? 5   C   D "C5'" 1 
ATOM   663 C  "C5'" B C   D 1 5 ? 8.57388   -5.53641  -16.34464 0.514 12.47802 ? 5   C   D "C5'" 1 
ATOM   664 C  "C4'" A C   D 1 5 ? 8.87873   -5.76120  -17.70794 0.486 9.56021  ? 5   C   D "C4'" 1 
ATOM   665 C  "C4'" B C   D 1 5 ? 9.08600   -5.87846  -17.71413 0.514 12.65426 ? 5   C   D "C4'" 1 
ATOM   666 O  "O4'" A C   D 1 5 ? 8.54266   -4.82883  -18.77232 0.486 8.82160  ? 5   C   D "O4'" 1 
ATOM   667 O  "O4'" B C   D 1 5 ? 8.64457   -4.87687  -18.66533 0.514 10.89543 ? 5   C   D "O4'" 1 
ATOM   668 C  "C3'" A C   D 1 5 ? 10.39631  -5.77598  -17.68164 0.486 7.65189  ? 5   C   D "C3'" 1 
ATOM   669 C  "C3'" B C   D 1 5 ? 10.59767  -5.90468  -17.85832 0.514 13.97413 ? 5   C   D "C3'" 1 
ATOM   670 O  "O3'" A C   D 1 5 ? 10.87758  -6.97984  -17.09680 0.486 11.09429 ? 5   C   D "O3'" 1 
ATOM   671 O  "O3'" B C   D 1 5 ? 11.11780  -7.15977  -17.46831 0.514 17.05153 ? 5   C   D "O3'" 1 
ATOM   672 C  "C2'" A C   D 1 5 ? 10.72918  -5.61681  -19.15747 0.486 7.34360  ? 5   C   D "C2'" 1 
ATOM   673 C  "C2'" B C   D 1 5 ? 10.78812  -5.62096  -19.33777 0.514 14.09207 ? 5   C   D "C2'" 1 
ATOM   674 O  "O2'" A C   D 1 5 ? 10.47570  -6.83981  -19.84145 0.486 9.27882  ? 5   C   D "O2'" 1 
ATOM   675 O  "O2'" B C   D 1 5 ? 10.50948  -6.79712  -20.09522 0.514 16.23559 ? 5   C   D "O2'" 1 
ATOM   676 C  "C1'" . C   D 1 5 ? 9.67384   -4.60671  -19.58581 1.000 9.01120  ? 5   C   D "C1'" 1 
ATOM   677 N  N1    . C   D 1 5 ? 10.12733  -3.20671  -19.40101 1.000 8.16000  ? 5   C   D N1    1 
ATOM   678 C  C2    . C   D 1 5 ? 11.03721  -2.69012  -20.33766 1.000 8.46396  ? 5   C   D C2    1 
ATOM   679 O  O2    . C   D 1 5 ? 11.42650  -3.43280  -21.26227 1.000 9.07865  ? 5   C   D O2    1 
ATOM   680 N  N3    . C   D 1 5 ? 11.43160  -1.38161  -20.27684 1.000 8.53023  ? 5   C   D N3    1 
ATOM   681 C  C4    . C   D 1 5 ? 10.93914  -0.59948  -19.26410 1.000 9.30026  ? 5   C   D C4    1 
ATOM   682 N  N4    . C   D 1 5 ? 11.33227  0.66475   -19.20248 1.000 11.56701 ? 5   C   D N4    1 
ATOM   683 C  C5    . C   D 1 5 ? 10.02071  -1.13668  -18.29071 1.000 11.54888 ? 5   C   D C5    1 
ATOM   684 C  C6    . C   D 1 5 ? 9.61923   -2.41580  -18.39562 1.000 10.44684 ? 5   C   D C6    1 
ATOM   685 P  P     A C   D 1 6 ? 12.21284  -6.97789  -16.21159 0.591 10.56868 ? 6   C   D P     1 
ATOM   686 P  P     B C   D 1 6 ? 12.19307  -7.25798  -16.29167 0.409 21.48851 ? 6   C   D P     1 
ATOM   687 O  OP1   A C   D 1 6 ? 12.70765  -8.38744  -16.12266 0.591 13.94594 ? 6   C   D OP1   1 
ATOM   688 O  OP1   B C   D 1 6 ? 12.47207  -8.70491  -16.09495 0.409 21.88707 ? 6   C   D OP1   1 
ATOM   689 O  OP2   A C   D 1 6 ? 11.93685  -6.19999  -14.95764 0.591 13.02856 ? 6   C   D OP2   1 
ATOM   690 O  OP2   B C   D 1 6 ? 11.70659  -6.43716  -15.14681 0.409 19.39602 ? 6   C   D OP2   1 
ATOM   691 O  "O5'" A C   D 1 6 ? 13.20086  -6.17731  -17.15162 0.591 10.14430 ? 6   C   D "O5'" 1 
ATOM   692 O  "O5'" B C   D 1 6 ? 13.48817  -6.56513  -16.90261 0.409 19.90896 ? 6   C   D "O5'" 1 
ATOM   693 C  "C5'" A C   D 1 6 ? 14.19927  -5.34239  -16.63715 0.591 11.74635 ? 6   C   D "C5'" 1 
ATOM   694 C  "C5'" B C   D 1 6 ? 13.92469  -5.30956  -16.42344 0.409 17.21335 ? 6   C   D "C5'" 1 
ATOM   695 C  "C4'" A C   D 1 6 ? 14.67402  -4.46177  -17.75107 0.591 13.27011 ? 6   C   D "C4'" 1 
ATOM   696 C  "C4'" B C   D 1 6 ? 14.84943  -4.64470  -17.40904 0.409 16.14587 ? 6   C   D "C4'" 1 
ATOM   697 O  "O4'" A C   D 1 6 ? 13.65470  -3.47624  -18.05162 0.591 11.66676 ? 6   C   D "O4'" 1 
ATOM   698 O  "O4'" B C   D 1 6 ? 14.08481  -3.72283  -18.22866 0.409 16.50034 ? 6   C   D "O4'" 1 
ATOM   699 C  "C3'" A C   D 1 6 ? 15.90118  -3.62613  -17.46591 0.591 13.62633 ? 6   C   D "C3'" 1 
ATOM   700 C  "C3'" B C   D 1 6 ? 15.93498  -3.78766  -16.78097 0.409 14.74963 ? 6   C   D "C3'" 1 
ATOM   701 O  "O3'" A C   D 1 6 ? 17.09095  -4.37036  -17.57485 0.591 17.66383 ? 6   C   D "O3'" 1 
ATOM   702 O  "O3'" B C   D 1 6 ? 17.07068  -4.54598  -16.42661 0.409 18.58056 ? 6   C   D "O3'" 1 
ATOM   703 C  "C2'" A C   D 1 6 ? 15.77629  -2.51831  -18.50368 0.591 11.22059 ? 6   C   D "C2'" 1 
ATOM   704 C  "C2'" B C   D 1 6 ? 16.20838  -2.73534  -17.84655 0.409 14.46077 ? 6   C   D "C2'" 1 
ATOM   705 O  "O2'" A C   D 1 6 ? 16.13545  -2.99994  -19.80151 0.591 14.56534 ? 6   C   D "O2'" 1 
ATOM   706 O  "O2'" B C   D 1 6 ? 17.08516  -3.22803  -18.85462 0.409 16.49041 ? 6   C   D "O2'" 1 
ATOM   707 C  "C1'" A C   D 1 6 ? 14.26475  -2.28414  -18.49178 0.591 9.73136  ? 6   C   D "C1'" 1 
ATOM   708 C  "C1'" B C   D 1 6 ? 14.80441  -2.52724  -18.42583 0.409 12.25395 ? 6   C   D "C1'" 1 
ATOM   709 N  N1    A C   D 1 6 ? 13.87009  -1.20043  -17.55839 0.591 11.32057 ? 6   C   D N1    1 
ATOM   710 N  N1    B C   D 1 6 ? 14.10220  -1.45411  -17.68780 0.409 10.82912 ? 6   C   D N1    1 
ATOM   711 C  C2    A C   D 1 6 ? 14.23295  0.11215   -17.90694 0.591 11.29176 ? 6   C   D C2    1 
ATOM   712 C  C2    B C   D 1 6 ? 14.42026  -0.12163  -17.99704 0.409 10.88088 ? 6   C   D C2    1 
ATOM   713 O  O2    A C   D 1 6 ? 14.85508  0.27888   -18.96694 0.591 15.63269 ? 6   C   D O2    1 
ATOM   714 O  O2    B C   D 1 6 ? 15.25840  0.07881   -18.89606 0.409 14.27340 ? 6   C   D O2    1 
ATOM   715 N  N3    A C   D 1 6 ? 13.93945  1.19256   -17.13495 0.591 11.83898 ? 6   C   D N3    1 
ATOM   716 N  N3    B C   D 1 6 ? 13.83928  0.89212   -17.30637 0.409 11.46929 ? 6   C   D N3    1 
ATOM   717 C  C4    A C   D 1 6 ? 13.26903  1.00541   -16.00219 0.591 13.81358 ? 6   C   D C4    1 
ATOM   718 C  C4    B C   D 1 6 ? 12.95516  0.59201   -16.35066 0.409 15.66254 ? 6   C   D C4    1 
ATOM   719 N  N4    A C   D 1 6 ? 12.97788  2.09704   -15.27160 0.591 13.80767 ? 6   C   D N4    1 
ATOM   720 N  N4    B C   D 1 6 ? 12.36981  1.59363   -15.69648 0.409 17.72327 ? 6   C   D N4    1 
ATOM   721 C  C5    A C   D 1 6 ? 12.85798  -0.31603  -15.60057 0.591 14.24835 ? 6   C   D C5    1 
ATOM   722 C  C5    B C   D 1 6 ? 12.60288  -0.74756  -16.00630 0.409 14.14939 ? 6   C   D C5    1 
ATOM   723 C  C6    A C   D 1 6 ? 13.16376  -1.38122  -16.38105 0.591 12.76409 ? 6   C   D C6    1 
ATOM   724 C  C6    B C   D 1 6 ? 13.19674  -1.73446  -16.68811 0.409 15.02878 ? 6   C   D C6    1 
HETATM 725 C  C8    . W53 E 2 . ? -11.94261 7.92397   3.90272   1.000 19.57573 ? 101 W53 B C8    1 
HETATM 726 N  N7    . W53 E 2 . ? -5.92487  12.70600  3.47656   1.000 10.12793 ? 101 W53 B N7    1 
HETATM 727 C  C5    . W53 E 2 . ? -12.95922 9.60479   0.74010   1.000 18.65428 ? 101 W53 B C5    1 
HETATM 728 C  C6    . W53 E 2 . ? -12.95618 8.71350   1.75690   1.000 18.19230 ? 101 W53 B C6    1 
HETATM 729 N  N6    . W53 E 2 . ? -7.23440  10.82642  3.20207   1.000 9.37161  ? 101 W53 B N6    1 
HETATM 730 N  N1    . W53 E 2 . ? -10.90555 12.19488  2.24335   1.000 17.62763 ? 101 W53 B N1    1 
HETATM 731 C  C2    . W53 E 2 . ? -12.23949 10.81340  0.85486   1.000 19.50408 ? 101 W53 B C2    1 
HETATM 732 N  N3    A W53 E 2 . ? -12.76898 4.90127   3.51179   0.377 22.61263 ? 101 W53 B N3    1 
HETATM 733 N  N3    B W53 E 2 . ? -12.25437 4.54622   3.60019   0.623 31.86175 ? 101 W53 B N3    1 
HETATM 734 C  C4    . W53 E 2 . ? -11.50271 12.97624  0.06753   1.000 20.70898 ? 101 W53 B C4    1 
HETATM 735 N  N     . W53 E 2 . ? -10.13510 14.27025  1.59723   1.000 20.71916 ? 101 W53 B N     1 
HETATM 736 C  C     . W53 E 2 . ? -10.83450 13.17538  1.29981   1.000 20.48899 ? 101 W53 B C     1 
HETATM 737 C  C1    . W53 E 2 . ? -11.57993 11.01683  2.05060   1.000 17.91688 ? 101 W53 B C1    1 
HETATM 738 C  C14   . W53 E 2 . ? -9.74041  6.85080   3.19353   1.000 15.12664 ? 101 W53 B C14   1 
HETATM 739 C  C15   . W53 E 2 . ? -9.23075  8.04934   2.43540   1.000 11.84736 ? 101 W53 B C15   1 
HETATM 740 C  C16   . W53 E 2 . ? -8.02702  9.97861   2.46684   1.000 10.05652 ? 101 W53 B C16   1 
HETATM 741 C  C17   . W53 E 2 . ? -8.34215  10.30300  1.15035   1.000 12.48686 ? 101 W53 B C17   1 
HETATM 742 C  C18   . W53 E 2 . ? -7.85514  11.52666  0.63114   1.000 12.51046 ? 101 W53 B C18   1 
HETATM 743 C  C19   . W53 E 2 . ? -7.08957  12.35710  1.38973   1.000 11.34958 ? 101 W53 B C19   1 
HETATM 744 C  C20   . W53 E 2 . ? -6.75303  12.00042  2.70701   1.000 10.17458 ? 101 W53 B C20   1 
HETATM 745 C  C21   . W53 E 2 . ? -9.16434  9.38108   0.46691   1.000 12.79019 ? 101 W53 B C21   1 
HETATM 746 C  C22   . W53 E 2 . ? -9.60195  8.26025   1.10596   1.000 12.68202 ? 101 W53 B C22   1 
HETATM 747 C  C3    . W53 E 2 . ? -12.18044 11.81940  -0.13832  1.000 21.01186 ? 101 W53 B C3    1 
HETATM 748 C  C7    . W53 E 2 . ? -12.21909 9.00063   2.89643   1.000 16.71271 ? 101 W53 B C7    1 
HETATM 749 C  C9    . W53 E 2 . ? -11.26609 6.72605   3.24440   1.000 23.41075 ? 101 W53 B C9    1 
HETATM 750 N  N2    . W53 E 2 . ? -11.55742 10.13414  3.06047   1.000 16.31281 ? 101 W53 B N2    1 
HETATM 751 N  N5    . W53 E 2 . ? -8.46510  8.89003   3.11302   1.000 10.74396 ? 101 W53 B N5    1 
HETATM 752 O  O     A W53 E 2 . ? -10.99661 5.04395   4.90963   0.377 17.93516 ? 101 W53 B O     1 
HETATM 753 O  O     B W53 E 2 . ? -11.43629 5.65025   5.39207   0.623 28.75162 ? 101 W53 B O     1 
HETATM 754 C  C10   A W53 E 2 . ? -11.67714 5.50268   3.99041   0.377 22.31432 ? 101 W53 B C10   1 
HETATM 755 C  C10   B W53 E 2 . ? -11.63398 5.58402   4.17814   0.623 28.59567 ? 101 W53 B C10   1 
HETATM 756 C  C11   A W53 E 2 . ? -12.93564 4.61336   2.09031   0.377 21.23872 ? 101 W53 B C11   1 
HETATM 757 C  C11   B W53 E 2 . ? -13.41653 3.87429   4.17196   0.623 30.34046 ? 101 W53 B C11   1 
HETATM 758 C  C12   A W53 E 2 . ? -14.29204 5.06560   1.55241   0.377 15.26620 ? 101 W53 B C12   1 
HETATM 759 C  C12   B W53 E 2 . ? -14.55766 3.81956   3.16492   0.623 29.83660 ? 101 W53 B C12   1 
HETATM 760 C  C13   A W53 E 2 . ? -14.25656 5.96055   0.32339   0.377 13.60094 ? 101 W53 B C13   1 
HETATM 761 C  C13   B W53 E 2 . ? -14.73178 5.12366   2.39473   0.623 28.95255 ? 101 W53 B C13   1 
HETATM 762 N  N4    A W53 E 2 . ? -13.18349 5.61254   -0.59538  0.377 18.28474 ? 101 W53 B N4    1 
HETATM 763 N  N4    B W53 E 2 . ? -14.44447 5.07642   0.93913   0.623 28.72089 ? 101 W53 B N4    1 
HETATM 764 CL CL    . CL  F 3 . ? 1.43399   1.50062   0.58273   1.000 34.21019 ? 102 CL  B CL    1 
HETATM 765 CL CL    . CL  G 3 . ? 4.44387   -8.63266  -2.29219  0.693 17.31533 ? 103 CL  B CL    1 
HETATM 766 CL CL    A CL  H 3 . ? -2.31214  1.29956   -0.42930  0.264 13.54798 ? 101 CL  C CL    1 
HETATM 767 CL CL    B CL  H 3 . ? -1.45130  1.60260   -0.22340  0.736 45.93693 ? 101 CL  C CL    1 
HETATM 768 O  O     . HOH I 4 . ? -11.37562 -3.74555  11.29458  1.000 31.77110 ? 101 HOH A O     1 
HETATM 769 O  O     . HOH I 4 . ? -8.71135  6.97380   10.57644  1.000 34.60907 ? 102 HOH A O     1 
HETATM 770 O  O     . HOH I 4 . ? -1.45088  8.42554   8.96137   1.000 10.99737 ? 103 HOH A O     1 
HETATM 771 O  O     A HOH I 4 . ? -1.82392  -3.44029  12.15246  0.670 19.29504 ? 104 HOH A O     1 
HETATM 772 O  O     B HOH I 4 . ? -3.37989  -2.34948  12.98996  0.330 13.53289 ? 104 HOH A O     1 
HETATM 773 O  O     . HOH I 4 . ? -6.96196  12.00226  15.03330  1.000 22.91287 ? 105 HOH A O     1 
HETATM 774 O  O     . HOH I 4 . ? -8.55397  10.62345  10.75922  1.000 36.30657 ? 106 HOH A O     1 
HETATM 775 O  O     . HOH I 4 . ? -7.61844  -7.62893  -0.69380  1.000 11.10504 ? 107 HOH A O     1 
HETATM 776 O  O     . HOH I 4 . ? -1.82296  7.87802   13.76962  1.000 23.73078 ? 108 HOH A O     1 
HETATM 777 O  O     . HOH I 4 . ? -4.91146  -10.84763 4.97141   1.000 22.30196 ? 109 HOH A O     1 
HETATM 778 O  O     . HOH I 4 . ? -3.50648  14.30002  6.36072   1.000 10.39339 ? 110 HOH A O     1 
HETATM 779 O  O     . HOH I 4 . ? -9.39584  18.31523  10.49104  1.000 14.73278 ? 111 HOH A O     1 
HETATM 780 O  O     . HOH I 4 . ? -9.03542  19.38719  4.19823   1.000 37.41976 ? 112 HOH A O     1 
HETATM 781 O  O     . HOH I 4 . ? -8.23884  -2.35094  6.41824   1.000 21.47837 ? 113 HOH A O     1 
HETATM 782 O  O     . HOH I 4 . ? -3.25141  10.00675  15.47966  1.000 19.62587 ? 114 HOH A O     1 
HETATM 783 O  O     . HOH I 4 . ? -3.35972  15.74099  11.14271  1.000 8.32221  ? 115 HOH A O     1 
HETATM 784 O  O     . HOH I 4 . ? -9.29722  12.14562  13.65191  1.000 45.06527 ? 116 HOH A O     1 
HETATM 785 O  O     . HOH I 4 . ? -10.20822 0.95686   12.76335  1.000 24.84281 ? 117 HOH A O     1 
HETATM 786 O  O     . HOH I 4 . ? -7.58395  20.73016  6.73660   1.000 25.52940 ? 118 HOH A O     1 
HETATM 787 O  O     . HOH I 4 . ? -0.48317  3.10521   10.94709  1.000 44.72272 ? 119 HOH A O     1 
HETATM 788 O  O     . HOH I 4 . ? -8.91347  2.85410   5.74299   1.000 25.89919 ? 120 HOH A O     1 
HETATM 789 O  O     . HOH I 4 . ? -11.38792 -4.76988  8.69515   1.000 45.38145 ? 121 HOH A O     1 
HETATM 790 O  O     . HOH I 4 . ? -9.51136  15.53778  13.96450  1.000 27.25289 ? 122 HOH A O     1 
HETATM 791 O  O     . HOH I 4 . ? -7.70086  1.82882   3.70204   1.000 38.77283 ? 123 HOH A O     1 
HETATM 792 O  O     A HOH I 4 . ? 1.11088   -0.49316  10.87467  0.505 28.95925 ? 124 HOH A O     1 
HETATM 793 O  O     B HOH I 4 . ? 0.10189   -0.29423  11.34257  0.495 29.86778 ? 124 HOH A O     1 
HETATM 794 O  O     . HOH I 4 . ? -10.97926 -6.85346  1.24478   1.000 26.46549 ? 125 HOH A O     1 
HETATM 795 O  O     . HOH I 4 . ? -7.94384  -10.91876 6.03713   0.50  32.20376 ? 126 HOH A O     1 
HETATM 796 O  O     . HOH I 4 . ? -10.78124 9.77040   10.29350  1.000 40.40941 ? 127 HOH A O     1 
HETATM 797 O  O     . HOH I 4 . ? -11.74250 17.18397  13.47144  1.000 38.93042 ? 128 HOH A O     1 
HETATM 798 O  O     . HOH J 4 . ? 8.19293   -10.47170 7.12644   1.000 40.40856 ? 201 HOH B O     1 
HETATM 799 O  O     . HOH J 4 . ? 6.99855   -5.02968  2.02627   1.000 31.64610 ? 202 HOH B O     1 
HETATM 800 O  O     . HOH J 4 . ? 6.21335   9.55071   1.26722   1.000 26.60274 ? 203 HOH B O     1 
HETATM 801 O  O     . HOH J 4 . ? 3.68959   -14.01321 0.10515   1.000 29.37877 ? 204 HOH B O     1 
HETATM 802 O  O     . HOH J 4 . ? 2.57102   12.03487  -1.95246  1.000 43.19399 ? 205 HOH B O     1 
HETATM 803 O  O     . HOH J 4 . ? 8.70419   -4.46808  9.81407   1.000 24.38699 ? 206 HOH B O     1 
HETATM 804 O  O     . HOH J 4 . ? 9.61746   -0.18085  5.05965   1.000 37.77902 ? 207 HOH B O     1 
HETATM 805 O  O     . HOH J 4 . ? -2.13488  12.12985  3.76569   1.000 16.97338 ? 208 HOH B O     1 
HETATM 806 O  O     . HOH J 4 . ? -9.70089  6.48524   7.18410   1.000 21.92786 ? 209 HOH B O     1 
HETATM 807 O  O     . HOH J 4 . ? 3.79247   -0.69104  0.97358   1.000 19.20582 ? 210 HOH B O     1 
HETATM 808 O  O     . HOH J 4 . ? 6.32440   -3.58964  10.63720  1.000 17.07604 ? 211 HOH B O     1 
HETATM 809 O  O     . HOH J 4 . ? -1.33092  10.42182  6.88525   1.000 10.48325 ? 212 HOH B O     1 
HETATM 810 O  O     . HOH J 4 . ? 6.80273   4.58515   9.37120   1.000 35.32198 ? 213 HOH B O     1 
HETATM 811 O  O     . HOH J 4 . ? 1.45967   -13.04036 3.27142   1.000 41.37538 ? 214 HOH B O     1 
HETATM 812 O  O     B HOH J 4 . ? -11.92378 5.47528   -0.34039  0.626 26.13915 ? 215 HOH B O     1 
HETATM 813 O  O     . HOH J 4 . ? 5.90243   -0.56906  2.96414   1.000 35.70930 ? 216 HOH B O     1 
HETATM 814 O  O     . HOH J 4 . ? 2.44259   -2.56560  11.14677  1.000 41.27978 ? 217 HOH B O     1 
HETATM 815 O  O     . HOH J 4 . ? 4.12832   2.91597   1.86619   1.000 35.76663 ? 218 HOH B O     1 
HETATM 816 O  O     . HOH J 4 . ? 0.95157   5.50728   0.14750   1.000 34.49955 ? 219 HOH B O     1 
HETATM 817 O  O     . HOH J 4 . ? 0.92669   6.93608   8.96596   1.000 16.81963 ? 220 HOH B O     1 
HETATM 818 O  O     . HOH J 4 . ? 2.51113   1.88883   10.18326  1.000 31.10367 ? 221 HOH B O     1 
HETATM 819 O  O     . HOH J 4 . ? -1.40831  3.51914   0.74002   1.000 30.45688 ? 222 HOH B O     1 
HETATM 820 O  O     . HOH J 4 . ? -6.82748  9.48003   -3.14224  1.000 22.87001 ? 223 HOH B O     1 
HETATM 821 O  O     . HOH J 4 . ? 0.61509   4.52337   -1.97922  1.000 45.60273 ? 224 HOH B O     1 
HETATM 822 O  O     . HOH J 4 . ? -9.58719  16.74177  -0.96949  0.50  34.73002 ? 225 HOH B O     1 
HETATM 823 O  O     . HOH J 4 . ? 4.35555   -12.27199 7.46035   1.000 45.73306 ? 226 HOH B O     1 
HETATM 824 O  O     . HOH J 4 . ? -12.48613 20.08011  -2.25584  1.000 42.27597 ? 227 HOH B O     1 
HETATM 825 O  O     . HOH K 4 . ? -3.34180  2.12870   -2.84633  1.000 25.72932 ? 201 HOH C O     1 
HETATM 826 O  O     . HOH K 4 . ? -5.47075  -3.85101  -6.65610  1.000 9.28791  ? 202 HOH C O     1 
HETATM 827 O  O     A HOH K 4 . ? -13.01702 -4.80184  3.98448   0.499 39.16534 ? 203 HOH C O     1 
HETATM 828 O  O     B HOH K 4 . ? -13.20252 -5.44765  3.29333   0.501 39.25683 ? 203 HOH C O     1 
HETATM 829 O  O     . HOH K 4 . ? 9.76282   -5.99317  -2.72290  1.000 21.74618 ? 204 HOH C O     1 
HETATM 830 O  O     . HOH K 4 . ? 5.63342   -3.11172  -1.33895  1.000 19.09558 ? 205 HOH C O     1 
HETATM 831 O  O     . HOH K 4 . ? 5.99290   7.99098   -6.30101  1.000 35.27185 ? 206 HOH C O     1 
HETATM 832 O  O     . HOH K 4 . ? 8.45265   1.02189   0.39527   1.000 38.86384 ? 207 HOH C O     1 
HETATM 833 O  O     . HOH K 4 . ? -1.60096  3.93844   -3.53081  1.000 30.86042 ? 208 HOH C O     1 
HETATM 834 O  O     . HOH K 4 . ? 12.35762  5.47088   -4.61155  1.000 35.78146 ? 209 HOH C O     1 
HETATM 835 O  O     . HOH K 4 . ? 7.46849   -0.66050  -1.40851  1.000 32.02520 ? 210 HOH C O     1 
HETATM 836 O  O     . HOH K 4 . ? 5.79848   0.36274   -9.88613  1.000 32.29479 ? 211 HOH C O     1 
HETATM 837 O  O     . HOH K 4 . ? 12.66563  -1.30400  0.38121   1.000 25.87095 ? 212 HOH C O     1 
HETATM 838 O  O     . HOH K 4 . ? 6.40651   5.59057   -9.66648  1.000 23.64875 ? 213 HOH C O     1 
HETATM 839 O  O     . HOH K 4 . ? 1.30339   3.51131   -4.14045  1.000 19.52590 ? 214 HOH C O     1 
HETATM 840 O  O     . HOH K 4 . ? -6.91076  1.49369   -1.51963  1.000 15.31019 ? 215 HOH C O     1 
HETATM 841 O  O     . HOH K 4 . ? -13.32419 -2.17347  -3.93998  1.000 28.99297 ? 216 HOH C O     1 
HETATM 842 O  O     . HOH K 4 . ? -4.60268  2.14322   0.46734   1.000 17.72042 ? 217 HOH C O     1 
HETATM 843 O  O     . HOH K 4 . ? -9.77035  3.13014   -3.71695  1.000 38.39980 ? 218 HOH C O     1 
HETATM 844 O  O     . HOH K 4 . ? 4.12540   0.14951   -1.74144  1.000 19.19990 ? 219 HOH C O     1 
HETATM 845 O  O     . HOH K 4 . ? 5.00603   2.71933   -2.46666  1.000 29.81381 ? 220 HOH C O     1 
HETATM 846 O  O     . HOH K 4 . ? -0.45574  7.61973   -8.35248  1.000 40.47962 ? 221 HOH C O     1 
HETATM 847 O  O     . HOH K 4 . ? 3.89221   6.12309   -2.05008  1.000 41.43469 ? 222 HOH C O     1 
HETATM 848 O  O     . HOH K 4 . ? 1.30471   -3.11883  -10.52488 1.000 24.69414 ? 223 HOH C O     1 
HETATM 849 O  O     . HOH K 4 . ? 9.58556   1.12948   -9.54489  1.000 24.64337 ? 224 HOH C O     1 
HETATM 850 O  O     . HOH K 4 . ? 8.68631   -3.93365  -0.76813  1.000 42.68080 ? 225 HOH C O     1 
HETATM 851 O  O     . HOH K 4 . ? 3.86605   -1.95026  -11.45237 1.000 32.57987 ? 226 HOH C O     1 
HETATM 852 O  O     . HOH K 4 . ? -8.12663  -0.20404  4.62322   1.000 19.04924 ? 227 HOH C O     1 
HETATM 853 O  O     . HOH K 4 . ? 12.48347  -5.34036  -2.58096  1.000 18.25629 ? 228 HOH C O     1 
HETATM 854 O  O     . HOH K 4 . ? -0.18161  8.87430   -5.91659  1.000 46.76914 ? 229 HOH C O     1 
HETATM 855 O  O     . HOH L 4 . ? 9.22320   -3.01901  -13.67825 1.000 27.84509 ? 101 HOH D O     1 
HETATM 856 O  O     . HOH L 4 . ? 10.03440  -7.23023  -13.24126 1.000 24.94208 ? 102 HOH D O     1 
HETATM 857 O  O     . HOH L 4 . ? 4.31179   -7.45957  -16.85819 1.000 22.06129 ? 103 HOH D O     1 
HETATM 858 O  O     . HOH L 4 . ? -2.86001  -8.24038  -9.58145  1.000 13.15651 ? 104 HOH D O     1 
HETATM 859 O  O     . HOH L 4 . ? 6.63873   -1.03095  -17.72601 1.000 14.74477 ? 105 HOH D O     1 
HETATM 860 O  O     . HOH L 4 . ? 3.71174   -12.46438 -9.92393  1.000 35.81422 ? 106 HOH D O     1 
HETATM 861 O  O     . HOH L 4 . ? -0.97889  -8.51066  5.04353   1.000 12.89005 ? 107 HOH D O     1 
HETATM 862 O  O     . HOH L 4 . ? 11.64928  -3.61283  -14.42565 1.000 22.40876 ? 108 HOH D O     1 
HETATM 863 O  O     . HOH L 4 . ? -1.43977  -6.27102  -10.82762 1.000 12.86512 ? 109 HOH D O     1 
HETATM 864 O  O     . HOH L 4 . ? -5.09084  -7.76577  -1.69134  1.000 9.46321  ? 110 HOH D O     1 
HETATM 865 O  O     . HOH L 4 . ? 2.24032   -10.45368 -3.13002  1.000 15.89805 ? 111 HOH D O     1 
HETATM 866 O  O     . HOH L 4 . ? 4.18134   -10.99646 -6.34060  1.000 34.74133 ? 112 HOH D O     1 
HETATM 867 O  O     . HOH L 4 . ? -3.66681  -5.82179  -7.23319  1.000 10.60692 ? 113 HOH D O     1 
HETATM 868 O  O     . HOH L 4 . ? 7.20174   -1.22151  -11.57306 1.000 42.86256 ? 114 HOH D O     1 
HETATM 869 O  O     . HOH L 4 . ? -0.12624  -15.31877 -3.92613  1.000 34.42966 ? 115 HOH D O     1 
HETATM 870 O  O     . HOH L 4 . ? 6.28391   -8.97980  -5.06601  1.000 17.04697 ? 116 HOH D O     1 
HETATM 871 O  O     . HOH L 4 . ? 10.85391  1.26587   -12.83855 1.000 36.47937 ? 117 HOH D O     1 
HETATM 872 O  O     . HOH L 4 . ? 6.67316   -8.77479  -17.89743 1.000 27.19624 ? 118 HOH D O     1 
HETATM 873 O  O     . HOH L 4 . ? 15.71809  -0.12868  -13.27727 1.000 43.28112 ? 119 HOH D O     1 
HETATM 874 O  O     . HOH L 4 . ? -5.64612  -12.27546 3.00196   1.000 32.40640 ? 120 HOH D O     1 
HETATM 875 O  O     . HOH L 4 . ? 14.11772  -3.00544  -13.34005 1.000 28.53758 ? 121 HOH D O     1 
# 
loop_
_atom_site_anisotrop.id 
_atom_site_anisotrop.type_symbol 
_atom_site_anisotrop.pdbx_label_atom_id 
_atom_site_anisotrop.pdbx_label_alt_id 
_atom_site_anisotrop.pdbx_label_comp_id 
_atom_site_anisotrop.pdbx_label_asym_id 
_atom_site_anisotrop.pdbx_label_seq_id 
_atom_site_anisotrop.pdbx_PDB_ins_code 
_atom_site_anisotrop.U[1][1] 
_atom_site_anisotrop.U[2][2] 
_atom_site_anisotrop.U[3][3] 
_atom_site_anisotrop.U[1][2] 
_atom_site_anisotrop.U[1][3] 
_atom_site_anisotrop.U[2][3] 
_atom_site_anisotrop.pdbx_auth_seq_id 
_atom_site_anisotrop.pdbx_auth_comp_id 
_atom_site_anisotrop.pdbx_auth_asym_id 
_atom_site_anisotrop.pdbx_auth_atom_id 
1   O  "O5'" . G   A 1 ? 0.19408 0.17013 0.13995 -0.00506 -0.01616 0.04292  1   G   A "O5'" 
2   C  "C5'" . G   A 1 ? 0.17120 0.12262 0.15659 -0.02915 -0.00665 0.06906  1   G   A "C5'" 
3   C  "C4'" . G   A 1 ? 0.10634 0.10250 0.12036 0.01170  0.02145  0.03005  1   G   A "C4'" 
4   O  "O4'" . G   A 1 ? 0.15735 0.09395 0.12101 -0.01467 0.01947  0.02897  1   G   A "O4'" 
5   C  "C3'" A G   A 1 ? 0.09529 0.08455 0.09989 0.00045  0.01348  0.02358  1   G   A "C3'" 
6   C  "C3'" B G   A 1 ? 0.10605 0.13801 0.13282 0.00804  0.01528  0.06228  1   G   A "C3'" 
7   O  "O3'" A G   A 1 ? 0.12141 0.09443 0.08268 -0.01871 0.01384  0.01247  1   G   A "O3'" 
8   O  "O3'" B G   A 1 ? 0.12444 0.20763 0.15975 -0.02770 0.00768  0.09862  1   G   A "O3'" 
9   C  "C2'" . G   A 1 ? 0.11585 0.14308 0.10489 -0.00440 0.01079  0.04003  1   G   A "C2'" 
10  O  "O2'" . G   A 1 ? 0.13441 0.12241 0.11338 0.00238  0.00661  0.04123  1   G   A "O2'" 
11  C  "C1'" . G   A 1 ? 0.10479 0.11622 0.10995 -0.01800 -0.00868 0.03699  1   G   A "C1'" 
12  N  N9    . G   A 1 ? 0.08988 0.08886 0.11895 -0.00139 0.00416  0.04026  1   G   A N9    
13  C  C8    . G   A 1 ? 0.11543 0.08556 0.11047 -0.00403 0.00701  0.02796  1   G   A C8    
14  N  N7    . G   A 1 ? 0.08942 0.09681 0.09077 0.01022  0.00379  0.01286  1   G   A N7    
15  C  C5    . G   A 1 ? 0.10669 0.08727 0.08223 -0.00805 -0.00967 0.01784  1   G   A C5    
16  C  C6    . G   A 1 ? 0.12794 0.08874 0.05941 -0.00613 -0.00125 0.01376  1   G   A C6    
17  O  O6    . G   A 1 ? 0.11904 0.09939 0.07518 -0.01211 -0.01193 0.02403  1   G   A O6    
18  N  N1    . G   A 1 ? 0.08593 0.09913 0.08544 0.01748  0.01344  0.02373  1   G   A N1    
19  C  C2    . G   A 1 ? 0.10108 0.10426 0.07761 0.02386  0.02875  0.02117  1   G   A C2    
20  N  N2    . G   A 1 ? 0.11412 0.12269 0.08432 0.01428  0.01492  0.03655  1   G   A N2    
21  N  N3    . G   A 1 ? 0.09450 0.11737 0.08343 0.00369  0.01534  0.02187  1   G   A N3    
22  C  C4    . G   A 1 ? 0.11000 0.09958 0.08755 -0.00007 0.02063  0.00442  1   G   A C4    
23  P  P     A G   A 2 ? 0.11267 0.12298 0.09317 -0.00043 0.02759  0.02722  2   G   A P     
24  P  P     B G   A 2 ? 0.11219 0.18207 0.16641 0.00475  -0.00168 0.08171  2   G   A P     
25  O  OP1   A G   A 2 ? 0.13174 0.18263 0.13795 -0.00741 0.00262  0.06327  2   G   A OP1   
26  O  OP1   B G   A 2 ? 0.07369 0.18274 0.15741 -0.01168 0.03457  0.04688  2   G   A OP1   
27  O  OP2   A G   A 2 ? 0.23374 0.09925 0.08527 0.02012  0.02410  0.03074  2   G   A OP2   
28  O  OP2   B G   A 2 ? 0.06002 0.18311 0.13929 0.01259  0.00130  0.06700  2   G   A OP2   
29  O  "O5'" A G   A 2 ? 0.10320 0.09823 0.08342 -0.01859 0.01655  0.02683  2   G   A "O5'" 
30  O  "O5'" B G   A 2 ? 0.13842 0.16138 0.17348 -0.01945 -0.04395 0.07861  2   G   A "O5'" 
31  C  "C5'" A G   A 2 ? 0.16001 0.09599 0.07177 -0.01987 -0.02769 0.03225  2   G   A "C5'" 
32  C  "C5'" B G   A 2 ? 0.10600 0.11143 0.14144 -0.01277 0.00053  0.07097  2   G   A "C5'" 
33  C  "C4'" A G   A 2 ? 0.15238 0.08223 0.06190 -0.00659 -0.00077 0.02491  2   G   A "C4'" 
34  C  "C4'" B G   A 2 ? 0.13919 0.06122 0.10275 0.00965  0.03544  0.03325  2   G   A "C4'" 
35  O  "O4'" A G   A 2 ? 0.13089 0.07094 0.09002 0.01991  0.01892  0.03479  2   G   A "O4'" 
36  O  "O4'" B G   A 2 ? 0.17181 0.09284 0.11437 -0.01166 0.00811  0.05768  2   G   A "O4'" 
37  C  "C3'" A G   A 2 ? 0.13189 0.07094 0.08028 -0.00388 0.01478  0.03947  2   G   A "C3'" 
38  C  "C3'" B G   A 2 ? 0.11027 0.12896 0.10460 -0.01200 0.00464  0.04977  2   G   A "C3'" 
39  O  "O3'" A G   A 2 ? 0.12577 0.08543 0.06349 -0.01137 0.01524  0.03657  2   G   A "O3'" 
40  O  "O3'" B G   A 2 ? 0.08406 0.13559 0.12323 -0.02575 0.02706  0.04893  2   G   A "O3'" 
41  C  "C2'" A G   A 2 ? 0.08225 0.07651 0.09962 0.01160  0.00421  0.03874  2   G   A "C2'" 
42  C  "C2'" B G   A 2 ? 0.10215 0.08233 0.08407 0.01577  0.01569  0.03104  2   G   A "C2'" 
43  O  "O2'" A G   A 2 ? 0.14005 0.11274 0.10143 -0.01844 -0.02151 0.04870  2   G   A "O2'" 
44  O  "O2'" B G   A 2 ? 0.06659 0.08257 0.07196 0.02817  0.03202  0.00123  2   G   A "O2'" 
45  C  "C1'" A G   A 2 ? 0.13621 0.05920 0.07740 -0.00003 0.00453  0.02451  2   G   A "C1'" 
46  C  "C1'" B G   A 2 ? 0.14906 0.05830 0.10727 0.00346  0.00147  0.03818  2   G   A "C1'" 
47  N  N9    A G   A 2 ? 0.14949 0.08401 0.07431 -0.00241 -0.01001 0.03769  2   G   A N9    
48  N  N9    B G   A 2 ? 0.12532 0.04838 0.08383 0.00325  0.04082  0.01813  2   G   A N9    
49  C  C8    A G   A 2 ? 0.11849 0.09777 0.11474 -0.00322 -0.02245 0.06014  2   G   A C8    
50  C  C8    B G   A 2 ? 0.14209 0.10003 0.04612 0.00977  0.02831  -0.00354 2   G   A C8    
51  N  N7    A G   A 2 ? 0.14597 0.07236 0.10282 -0.01225 0.00546  0.04653  2   G   A N7    
52  N  N7    B G   A 2 ? 0.09855 0.07775 0.06057 0.01794  0.01814  0.01258  2   G   A N7    
53  C  C5    A G   A 2 ? 0.15231 0.08477 0.07652 -0.00052 0.00046  0.02922  2   G   A C5    
54  C  C5    B G   A 2 ? 0.05521 0.03083 0.07265 0.01373  0.02641  0.00551  2   G   A C5    
55  C  C6    A G   A 2 ? 0.12791 0.08072 0.08058 0.01123  0.00629  0.03115  2   G   A C6    
56  C  C6    B G   A 2 ? 0.10556 0.05987 0.06806 0.02622  0.01871  0.02248  2   G   A C6    
57  O  O6    A G   A 2 ? 0.11584 0.06183 0.08728 0.01697  0.01227  0.00844  2   G   A O6    
58  O  O6    B G   A 2 ? 0.13225 0.09449 0.08788 -0.00126 -0.02900 0.04616  2   G   A O6    
59  N  N1    A G   A 2 ? 0.13995 0.06659 0.07782 -0.00210 -0.00594 0.02950  2   G   A N1    
60  N  N1    B G   A 2 ? 0.08237 0.07850 0.06651 0.01473  0.03194  0.02924  2   G   A N1    
61  C  C2    A G   A 2 ? 0.12080 0.10434 0.05753 -0.00040 0.01205  0.01240  2   G   A C2    
62  C  C2    B G   A 2 ? 0.06456 0.07553 0.10543 0.02728  0.02934  0.04663  2   G   A C2    
63  N  N2    A G   A 2 ? 0.07943 0.16175 0.06794 -0.02106 -0.02187 0.02027  2   G   A N2    
64  N  N2    B G   A 2 ? 0.10181 0.08074 0.07977 0.02350  0.04247  0.03562  2   G   A N2    
65  N  N3    A G   A 2 ? 0.14672 0.13021 0.05101 -0.02432 -0.00732 0.01072  2   G   A N3    
66  N  N3    B G   A 2 ? 0.05444 0.06963 0.11985 0.02025  0.03149  0.04697  2   G   A N3    
67  C  C4    A G   A 2 ? 0.17359 0.11707 0.05810 -0.01863 -0.01162 0.02441  2   G   A C4    
68  C  C4    B G   A 2 ? 0.04750 0.04213 0.09261 0.01651  0.02520  0.01718  2   G   A C4    
69  P  P     A C   A 3 ? 0.13033 0.08941 0.08688 0.01183  0.04227  0.02849  3   C   A P     
70  P  P     B C   A 3 ? 0.11180 0.11915 0.15994 -0.00811 0.03844  0.05999  3   C   A P     
71  O  OP1   A C   A 3 ? 0.17248 0.08812 0.08686 -0.05159 0.03928  -0.01404 3   C   A OP1   
72  O  OP1   B C   A 3 ? 0.14790 0.08547 0.18422 -0.01429 0.02127  0.04391  3   C   A OP1   
73  O  OP2   A C   A 3 ? 0.13094 0.10590 0.11950 0.06248  0.04753  0.03212  3   C   A OP2   
74  O  OP2   B C   A 3 ? 0.16328 0.15204 0.15705 -0.04065 -0.04067 0.04714  3   C   A OP2   
75  O  "O5'" A C   A 3 ? 0.11559 0.08941 0.08770 -0.01231 0.01383  0.02467  3   C   A "O5'" 
76  O  "O5'" B C   A 3 ? 0.14088 0.11143 0.14962 0.00279  0.03037  0.04697  3   C   A "O5'" 
77  C  "C5'" A C   A 3 ? 0.16328 0.08250 0.08048 -0.05090 -0.00453 0.02244  3   C   A "C5'" 
78  C  "C5'" B C   A 3 ? 0.16596 0.12078 0.18353 -0.03206 -0.00365 0.05894  3   C   A "C5'" 
79  C  "C4'" A C   A 3 ? 0.15759 0.07631 0.09094 -0.01190 0.00978  0.02323  3   C   A "C4'" 
80  C  "C4'" B C   A 3 ? 0.13995 0.07991 0.16104 0.00546  0.04104  0.02082  3   C   A "C4'" 
81  O  "O4'" A C   A 3 ? 0.19048 0.07942 0.09621 -0.02218 0.01774  0.03198  3   C   A "O4'" 
82  O  "O4'" B C   A 3 ? 0.14003 0.06394 0.15077 0.02380  0.06005  -0.00201 3   C   A "O4'" 
83  C  "C3'" A C   A 3 ? 0.13442 0.06895 0.09327 -0.00340 0.01064  0.02240  3   C   A "C3'" 
84  C  "C3'" B C   A 3 ? 0.13779 0.05313 0.12038 -0.00521 0.07629  -0.00329 3   C   A "C3'" 
85  O  "O3'" A C   A 3 ? 0.15918 0.07653 0.08738 -0.02621 0.02786  0.02463  3   C   A "O3'" 
86  O  "O3'" B C   A 3 ? 0.16025 0.05650 0.16146 0.00885  0.06089  0.00774  3   C   A "O3'" 
87  C  "C2'" A C   A 3 ? 0.19069 0.07149 0.08489 -0.01990 0.00225  -0.00497 3   C   A "C2'" 
88  C  "C2'" B C   A 3 ? 0.12603 0.06778 0.11922 0.02859  0.04428  -0.01417 3   C   A "C2'" 
89  O  "O2'" A C   A 3 ? 0.16717 0.09263 0.12443 -0.02562 -0.00340 -0.01166 3   C   A "O2'" 
90  O  "O2'" B C   A 3 ? 0.19482 0.11450 0.11840 0.00355  0.04113  -0.01125 3   C   A "O2'" 
91  C  "C1'" A C   A 3 ? 0.19630 0.09600 0.09776 -0.03147 0.00219  0.04030  3   C   A "C1'" 
92  C  "C1'" B C   A 3 ? 0.09938 0.08347 0.12758 0.03202  0.04748  -0.00791 3   C   A "C1'" 
93  N  N1    A C   A 3 ? 0.20912 0.09109 0.07645 -0.01080 0.04172  0.00635  3   C   A N1    
94  N  N1    B C   A 3 ? 0.10767 0.07402 0.13550 0.04312  0.02866  -0.00618 3   C   A N1    
95  C  C2    A C   A 3 ? 0.18810 0.12004 0.10496 -0.03086 0.02822  0.04909  3   C   A C2    
96  C  C2    B C   A 3 ? 0.08674 0.08967 0.12405 0.02110  0.05480  0.00025  3   C   A C2    
97  O  O2    A C   A 3 ? 0.20507 0.11877 0.13399 -0.04060 0.02153  0.05714  3   C   A O2    
98  O  O2    B C   A 3 ? 0.09072 0.12102 0.12934 0.02543  0.05881  0.01196  3   C   A O2    
99  N  N3    A C   A 3 ? 0.20972 0.11202 0.10852 0.00257  0.01477  0.04935  3   C   A N3    
100 N  N3    B C   A 3 ? 0.09395 0.08896 0.13909 0.00141  0.05706  0.00104  3   C   A N3    
101 C  C4    A C   A 3 ? 0.17478 0.13056 0.10219 0.03965  0.05053  0.02750  3   C   A C4    
102 C  C4    B C   A 3 ? 0.08646 0.05467 0.11005 -0.02764 0.04210  -0.01876 3   C   A C4    
103 N  N4    A C   A 3 ? 0.21768 0.17898 0.07271 0.04356  0.02685  0.02912  3   C   A N4    
104 N  N4    B C   A 3 ? 0.07514 0.06940 0.11905 -0.01424 0.03300  -0.01772 3   C   A N4    
105 C  C5    A C   A 3 ? 0.17908 0.11942 0.09174 0.03767  0.05635  -0.00871 3   C   A C5    
106 C  C5    B C   A 3 ? 0.12275 0.07287 0.10827 -0.01554 0.03002  -0.02565 3   C   A C5    
107 C  C6    A C   A 3 ? 0.13478 0.08286 0.08812 0.03909  0.02604  -0.02292 3   C   A C6    
108 C  C6    B C   A 3 ? 0.14052 0.10574 0.12254 -0.01207 0.00939  0.00165  3   C   A C6    
109 P  P     A C   A 4 ? 0.12756 0.07875 0.09509 -0.00620 0.02167  0.02489  4   C   A P     
110 P  P     B C   A 4 ? 0.18270 0.11308 0.15806 -0.00676 0.02890  0.00086  4   C   A P     
111 O  OP1   A C   A 4 ? 0.13777 0.12293 0.10333 0.00247  0.02618  0.04332  4   C   A OP1   
112 O  OP1   B C   A 4 ? 0.23442 0.07115 0.20570 0.02299  0.02026  0.02733  4   C   A OP1   
113 O  OP2   A C   A 4 ? 0.12090 0.08408 0.12764 -0.01816 -0.02178 0.01259  4   C   A OP2   
114 O  OP2   B C   A 4 ? 0.12507 0.17824 0.21464 0.02014  0.02877  0.02865  4   C   A OP2   
115 O  "O5'" A C   A 4 ? 0.13474 0.05909 0.09886 -0.00323 0.01671  0.02131  4   C   A "O5'" 
116 O  "O5'" B C   A 4 ? 0.15242 0.11585 0.11314 -0.00614 0.00273  0.01291  4   C   A "O5'" 
117 C  "C5'" A C   A 4 ? 0.15817 0.06824 0.08826 -0.04353 -0.02429 0.02276  4   C   A "C5'" 
118 C  "C5'" B C   A 4 ? 0.14206 0.12805 0.10970 -0.02917 0.00395  0.02781  4   C   A "C5'" 
119 C  "C4'" A C   A 4 ? 0.20683 0.07063 0.07645 -0.00571 0.00112  0.01722  4   C   A "C4'" 
120 C  "C4'" B C   A 4 ? 0.19691 0.07448 0.08063 -0.00404 0.01456  -0.00027 4   C   A "C4'" 
121 O  "O4'" A C   A 4 ? 0.17984 0.07526 0.10862 -0.01116 -0.01349 0.03125  4   C   A "O4'" 
122 O  "O4'" B C   A 4 ? 0.17703 0.07727 0.10823 -0.01274 -0.00710 0.02264  4   C   A "O4'" 
123 C  "C3'" A C   A 4 ? 0.22996 0.07512 0.09977 -0.02942 -0.02278 0.01944  4   C   A "C3'" 
124 C  "C3'" B C   A 4 ? 0.18334 0.09559 0.06955 -0.00494 0.02505  -0.00370 4   C   A "C3'" 
125 O  "O3'" A C   A 4 ? 0.20075 0.07318 0.08676 -0.04838 -0.02763 0.01436  4   C   A "O3'" 
126 O  "O3'" B C   A 4 ? 0.19435 0.11029 0.07008 -0.00312 0.02346  -0.00405 4   C   A "O3'" 
127 C  "C2'" A C   A 4 ? 0.17475 0.06645 0.08417 -0.02832 -0.00290 0.00682  4   C   A "C2'" 
128 C  "C2'" B C   A 4 ? 0.13010 0.08498 0.08017 -0.03056 0.01161  -0.00086 4   C   A "C2'" 
129 O  "O2'" A C   A 4 ? 0.21054 0.06517 0.10939 0.00543  0.00171  0.01387  4   C   A "O2'" 
130 O  "O2'" B C   A 4 ? 0.09619 0.13421 0.09287 -0.06580 -0.00417 0.01244  4   C   A "O2'" 
131 C  "C1'" . C   A 4 ? 0.12871 0.06665 0.10150 -0.02724 -0.01810 0.01771  4   C   A "C1'" 
132 N  N1    . C   A 4 ? 0.13225 0.07613 0.09776 -0.02940 0.00663  0.00362  4   C   A N1    
133 C  C2    . C   A 4 ? 0.11230 0.09040 0.10441 -0.02267 -0.00675 0.00183  4   C   A C2    
134 O  O2    . C   A 4 ? 0.14601 0.09044 0.09808 -0.02360 0.00369  0.01266  4   C   A O2    
135 N  N3    . C   A 4 ? 0.12258 0.09630 0.10991 -0.01661 0.00495  -0.00571 4   C   A N3    
136 C  C4    . C   A 4 ? 0.13152 0.12053 0.10827 -0.00388 -0.00210 -0.02953 4   C   A C4    
137 N  N4    . C   A 4 ? 0.15987 0.11630 0.12895 0.00485  -0.00974 -0.03407 4   C   A N4    
138 C  C5    . C   A 4 ? 0.10819 0.09339 0.14651 0.01943  0.02963  -0.00539 4   C   A C5    
139 C  C6    . C   A 4 ? 0.15177 0.09673 0.12162 -0.00185 0.01691  0.00410  4   C   A C6    
140 P  P     A C   A 5 ? 0.14323 0.08453 0.09142 -0.02943 0.00431  0.00052  5   C   A P     
141 P  P     B C   A 5 ? 0.19815 0.08025 0.11095 -0.01213 0.05345  0.00673  5   C   A P     
142 O  OP1   A C   A 5 ? 0.14530 0.13178 0.10016 -0.05443 -0.00480 0.02634  5   C   A OP1   
143 O  OP1   B C   A 5 ? 0.26263 0.08539 0.10212 0.02165  0.04626  -0.01151 5   C   A OP1   
144 O  OP2   A C   A 5 ? 0.14292 0.11042 0.11295 -0.06915 0.02527  -0.00989 5   C   A OP2   
145 O  OP2   B C   A 5 ? 0.16723 0.16604 0.13242 0.00679  0.03275  0.01712  5   C   A OP2   
146 O  "O5'" A C   A 5 ? 0.12846 0.07839 0.07856 -0.02542 -0.00854 0.02821  5   C   A "O5'" 
147 O  "O5'" B C   A 5 ? 0.16948 0.10225 0.08545 -0.01068 0.01421  -0.00917 5   C   A "O5'" 
148 C  "C5'" A C   A 5 ? 0.10087 0.06549 0.07213 -0.04337 -0.02553 0.01312  5   C   A "C5'" 
149 C  "C5'" B C   A 5 ? 0.13251 0.10544 0.10294 0.00293  -0.00277 0.01545  5   C   A "C5'" 
150 C  "C4'" A C   A 5 ? 0.11744 0.08391 0.08819 -0.01083 -0.01614 0.02338  5   C   A "C4'" 
151 C  "C4'" B C   A 5 ? 0.11805 0.09422 0.10110 0.01193  -0.00692 0.01699  5   C   A "C4'" 
152 O  "O4'" . C   A 5 ? 0.09915 0.08530 0.08323 0.00887  -0.00810 0.00464  5   C   A "O4'" 
153 C  "C3'" . C   A 5 ? 0.13327 0.06635 0.09673 -0.00318 -0.01120 0.01376  5   C   A "C3'" 
154 O  "O3'" . C   A 5 ? 0.10630 0.08089 0.10499 -0.01065 -0.02500 0.01653  5   C   A "O3'" 
155 C  "C2'" . C   A 5 ? 0.10638 0.08327 0.09284 -0.00670 -0.00434 0.01421  5   C   A "C2'" 
156 O  "O2'" . C   A 5 ? 0.11845 0.08040 0.09858 -0.02216 -0.01101 0.01945  5   C   A "O2'" 
157 C  "C1'" . C   A 5 ? 0.09745 0.10598 0.08061 -0.00885 -0.01576 0.01639  5   C   A "C1'" 
158 N  N1    . C   A 5 ? 0.09214 0.08926 0.07314 -0.00974 -0.00251 0.00323  5   C   A N1    
159 C  C2    . C   A 5 ? 0.10593 0.09977 0.08006 0.00465  -0.01237 0.01607  5   C   A C2    
160 O  O2    . C   A 5 ? 0.12270 0.12003 0.07812 -0.00507 -0.01232 0.01796  5   C   A O2    
161 N  N3    . C   A 5 ? 0.12317 0.10706 0.08988 -0.01882 -0.01942 -0.00139 5   C   A N3    
162 C  C4    . C   A 5 ? 0.10422 0.09644 0.10806 -0.00743 -0.02285 -0.01076 5   C   A C4    
163 N  N4    . C   A 5 ? 0.10925 0.10304 0.13312 -0.01564 -0.01861 -0.00644 5   C   A N4    
164 C  C5    . C   A 5 ? 0.10529 0.08125 0.09251 -0.00815 0.00239  -0.01276 5   C   A C5    
165 C  C6    . C   A 5 ? 0.12111 0.08150 0.08693 0.00813  0.00358  -0.01068 5   C   A C6    
166 P  P     . C   A 6 ? 0.09888 0.08573 0.10870 -0.00288 0.00119  0.01048  6   C   A P     
167 O  OP1   . C   A 6 ? 0.14210 0.07395 0.09854 -0.00276 -0.01165 0.01760  6   C   A OP1   
168 O  OP2   . C   A 6 ? 0.10877 0.08516 0.14665 -0.01992 -0.00810 0.02184  6   C   A OP2   
169 O  "O5'" . C   A 6 ? 0.10800 0.08427 0.10578 -0.01144 -0.02821 0.01483  6   C   A "O5'" 
170 C  "C5'" . C   A 6 ? 0.08631 0.07813 0.11524 -0.03055 -0.01414 0.03119  6   C   A "C5'" 
171 C  "C4'" . C   A 6 ? 0.10861 0.11901 0.12967 -0.01150 -0.01097 0.05342  6   C   A "C4'" 
172 O  "O4'" . C   A 6 ? 0.11027 0.11096 0.10323 -0.01196 -0.01993 0.03468  6   C   A "O4'" 
173 C  "C3'" . C   A 6 ? 0.09169 0.11891 0.15672 -0.00966 -0.02678 0.05067  6   C   A "C3'" 
174 O  "O3'" . C   A 6 ? 0.12837 0.10167 0.19332 0.00497  -0.05042 0.03019  6   C   A "O3'" 
175 C  "C2'" . C   A 6 ? 0.15211 0.10492 0.14742 -0.02512 -0.03818 0.04453  6   C   A "C2'" 
176 O  "O2'" . C   A 6 ? 0.18150 0.16590 0.15624 -0.03374 -0.04103 0.07245  6   C   A "O2'" 
177 C  "C1'" . C   A 6 ? 0.11824 0.13932 0.12336 -0.01729 -0.03972 0.05200  6   C   A "C1'" 
178 N  N1    . C   A 6 ? 0.10576 0.11786 0.09615 0.01559  -0.01579 0.01750  6   C   A N1    
179 C  C2    . C   A 6 ? 0.11926 0.15761 0.07776 0.00594  -0.01325 -0.00101 6   C   A C2    
180 O  O2    . C   A 6 ? 0.14023 0.19234 0.09122 0.02875  -0.01626 0.02720  6   C   A O2    
181 N  N3    . C   A 6 ? 0.11610 0.16359 0.09257 0.00872  -0.03884 -0.01483 6   C   A N3    
182 C  C4    . C   A 6 ? 0.09819 0.13103 0.12653 0.01388  -0.01042 -0.01001 6   C   A C4    
183 N  N4    . C   A 6 ? 0.11571 0.12327 0.13847 -0.00567 -0.01146 -0.03493 6   C   A N4    
184 C  C5    . C   A 6 ? 0.11230 0.11494 0.08458 0.00416  -0.01961 -0.00973 6   C   A C5    
185 C  C6    . C   A 6 ? 0.11630 0.09606 0.11141 0.01233  -0.00388 0.02922  6   C   A C6    
186 O  "O5'" A G   B 1 ? 0.49743 0.19693 0.16513 0.01325  0.02999  0.03105  1   G   B "O5'" 
187 O  "O5'" B G   B 1 ? 0.54582 0.23420 0.22130 0.01381  0.10396  0.01204  1   G   B "O5'" 
188 C  "C5'" A G   B 1 ? 0.40504 0.19560 0.16883 0.04174  0.02055  0.05829  1   G   B "C5'" 
189 C  "C5'" B G   B 1 ? 0.45300 0.21911 0.24242 0.02665  0.09793  0.03977  1   G   B "C5'" 
190 C  "C4'" A G   B 1 ? 0.34542 0.17782 0.12096 0.06227  0.03406  0.04635  1   G   B "C4'" 
191 C  "C4'" B G   B 1 ? 0.32337 0.21738 0.22925 0.04495  0.10699  0.05927  1   G   B "C4'" 
192 O  "O4'" A G   B 1 ? 0.29388 0.16250 0.14444 0.07116  0.03389  0.06457  1   G   B "O4'" 
193 O  "O4'" B G   B 1 ? 0.24316 0.22648 0.21057 0.04949  0.09464  0.09017  1   G   B "O4'" 
194 C  "C3'" A G   B 1 ? 0.31325 0.10594 0.08989 0.06938  0.03395  0.01032  1   G   B "C3'" 
195 C  "C3'" B G   B 1 ? 0.23180 0.22584 0.23838 0.02904  0.12606  0.07669  1   G   B "C3'" 
196 O  "O3'" A G   B 1 ? 0.30649 0.13542 0.10079 0.04716  0.03506  0.02512  1   G   B "O3'" 
197 O  "O3'" B G   B 1 ? 0.25724 0.18135 0.24087 0.03925  0.14568  0.04525  1   G   B "O3'" 
198 C  "C2'" A G   B 1 ? 0.28078 0.12846 0.11848 0.05219  0.04223  0.03855  1   G   B "C2'" 
199 C  "C2'" B G   B 1 ? 0.22818 0.22776 0.22667 0.04798  0.11192  0.08831  1   G   B "C2'" 
200 O  "O2'" A G   B 1 ? 0.22714 0.13284 0.17504 0.02195  0.06125  0.07086  1   G   B "O2'" 
201 O  "O2'" B G   B 1 ? 0.26280 0.24313 0.23111 0.05759  0.11025  0.09388  1   G   B "O2'" 
202 C  "C1'" A G   B 1 ? 0.25318 0.15664 0.13542 0.05907  0.04262  0.06767  1   G   B "C1'" 
203 C  "C1'" B G   B 1 ? 0.20903 0.21893 0.18616 0.04530  0.08510  0.08924  1   G   B "C1'" 
204 N  N9    A G   B 1 ? 0.20952 0.13842 0.12404 0.07687  0.02333  0.03181  1   G   B N9    
205 N  N9    B G   B 1 ? 0.17173 0.21055 0.14381 0.01857  0.05288  0.07267  1   G   B N9    
206 C  C8    A G   B 1 ? 0.23276 0.09543 0.12769 0.06834  0.02166  -0.00039 1   G   B C8    
207 C  C8    B G   B 1 ? 0.15901 0.19368 0.14892 0.01907  0.03481  0.08273  1   G   B C8    
208 N  N7    A G   B 1 ? 0.16792 0.13868 0.09882 0.03109  -0.00993 -0.00700 1   G   B N7    
209 N  N7    B G   B 1 ? 0.16522 0.18721 0.10161 0.02538  -0.01605 0.06334  1   G   B N7    
210 C  C5    A G   B 1 ? 0.16547 0.17694 0.08159 0.03956  -0.04736 0.01202  1   G   B C5    
211 C  C5    B G   B 1 ? 0.10450 0.16962 0.07801 0.05415  0.00842  0.03800  1   G   B C5    
212 C  C6    A G   B 1 ? 0.16930 0.18397 0.06818 0.00994  -0.04060 0.00998  1   G   B C6    
213 C  C6    B G   B 1 ? 0.05794 0.12789 0.07635 0.04123  0.01260  0.01026  1   G   B C6    
214 O  O6    A G   B 1 ? 0.16454 0.19996 0.07706 -0.00692 -0.05462 -0.00485 1   G   B O6    
215 O  O6    B G   B 1 ? 0.11905 0.13412 0.05721 0.00947  -0.00664 0.00444  1   G   B O6    
216 N  N1    A G   B 1 ? 0.15061 0.15631 0.05930 -0.01544 -0.03734 0.01561  1   G   B N1    
217 N  N1    B G   B 1 ? 0.09378 0.11914 0.07423 -0.00121 0.01471  -0.00570 1   G   B N1    
218 C  C2    A G   B 1 ? 0.13648 0.11787 0.10763 -0.00988 -0.01382 0.04107  1   G   B C2    
219 C  C2    B G   B 1 ? 0.09595 0.16019 0.07079 0.01257  0.04008  -0.00105 1   G   B C2    
220 N  N2    A G   B 1 ? 0.12586 0.08285 0.14142 -0.02423 -0.02656 0.04249  1   G   B N2    
221 N  N2    B G   B 1 ? 0.10775 0.12857 0.07229 0.02274  0.02855  -0.02363 1   G   B N2    
222 N  N3    A G   B 1 ? 0.13077 0.09647 0.11016 0.03619  -0.00140 0.02732  1   G   B N3    
223 N  N3    B G   B 1 ? 0.17958 0.19378 0.07922 0.00683  0.04319  0.00908  1   G   B N3    
224 C  C4    A G   B 1 ? 0.20805 0.11567 0.12022 0.03275  -0.00422 0.03085  1   G   B C4    
225 C  C4    B G   B 1 ? 0.13270 0.19825 0.09636 0.01211  0.05316  0.03507  1   G   B C4    
226 P  P     A G   B 2 ? 0.25619 0.14833 0.07573 0.03433  0.03127  0.01903  2   G   B P     
227 P  P     B G   B 2 ? 0.27541 0.19094 0.28978 0.03469  0.12034  0.06897  2   G   B P     
228 O  OP1   A G   B 2 ? 0.23748 0.22409 0.09248 -0.00918 0.05544  0.03808  2   G   B OP1   
229 O  OP1   B G   B 2 ? 0.27611 0.22668 0.30126 0.01196  0.10534  0.07629  2   G   B OP1   
230 O  OP2   A G   B 2 ? 0.30497 0.15106 0.08560 0.00024  -0.00391 -0.00349 2   G   B OP2   
231 O  OP2   B G   B 2 ? 0.29237 0.18485 0.28823 0.04765  0.14076  0.04873  2   G   B OP2   
232 O  "O5'" A G   B 2 ? 0.17688 0.11896 0.09076 -0.00736 0.01032  0.00379  2   G   B "O5'" 
233 O  "O5'" B G   B 2 ? 0.27742 0.16621 0.25737 0.02932  0.10424  0.07236  2   G   B "O5'" 
234 C  "C5'" A G   B 2 ? 0.20082 0.09573 0.09333 -0.01640 0.02102  -0.00048 2   G   B "C5'" 
235 C  "C5'" B G   B 2 ? 0.31937 0.13822 0.25506 0.03318  0.09845  0.07281  2   G   B "C5'" 
236 C  "C4'" A G   B 2 ? 0.10683 0.09780 0.11137 -0.00783 0.01864  -0.00072 2   G   B "C4'" 
237 C  "C4'" B G   B 2 ? 0.26468 0.15866 0.27212 0.02143  0.11472  0.08471  2   G   B "C4'" 
238 O  "O4'" A G   B 2 ? 0.09315 0.06083 0.11965 0.00425  0.02571  0.00052  2   G   B "O4'" 
239 O  "O4'" B G   B 2 ? 0.28654 0.19407 0.29810 0.03320  0.11520  0.11225  2   G   B "O4'" 
240 C  "C3'" A G   B 2 ? 0.09216 0.07018 0.10793 0.00661  0.04282  -0.00382 2   G   B "C3'" 
241 C  "C3'" B G   B 2 ? 0.25757 0.15211 0.23790 0.02239  0.12674  0.06317  2   G   B "C3'" 
242 O  "O3'" A G   B 2 ? 0.10959 0.10596 0.11284 -0.00464 0.06235  -0.02589 2   G   B "O3'" 
243 O  "O3'" B G   B 2 ? 0.25950 0.15368 0.25324 -0.01822 0.10775  0.06213  2   G   B "O3'" 
244 C  "C2'" A G   B 2 ? 0.15104 0.08763 0.09747 -0.01591 0.00465  -0.00298 2   G   B "C2'" 
245 C  "C2'" B G   B 2 ? 0.36214 0.19986 0.21625 0.01964  0.12620  0.06963  2   G   B "C2'" 
246 O  "O2'" A G   B 2 ? 0.08749 0.06853 0.11861 -0.00884 0.02127  -0.02666 2   G   B "O2'" 
247 O  "O2'" B G   B 2 ? 0.53563 0.25958 0.24296 -0.01047 0.08771  0.09346  2   G   B "O2'" 
248 C  "C1'" A G   B 2 ? 0.12366 0.05011 0.07237 -0.00355 0.00909  0.01098  2   G   B "C1'" 
249 C  "C1'" B G   B 2 ? 0.30203 0.21827 0.26518 0.00780  0.11033  0.10793  2   G   B "C1'" 
250 N  N9    A G   B 2 ? 0.07508 0.07130 0.08383 -0.01095 0.02999  0.02334  2   G   B N9    
251 N  N9    B G   B 2 ? 0.30204 0.21531 0.26317 0.02833  0.10197  0.11334  2   G   B N9    
252 C  C8    A G   B 2 ? 0.11996 0.09839 0.09631 0.00461  0.01137  0.04087  2   G   B C8    
253 C  C8    B G   B 2 ? 0.24345 0.20674 0.26071 0.04278  0.09915  0.11414  2   G   B C8    
254 N  N7    A G   B 2 ? 0.11754 0.06295 0.09056 0.00241  0.00653  0.02340  2   G   B N7    
255 N  N7    B G   B 2 ? 0.25197 0.17571 0.27564 0.05033  0.06140  0.11411  2   G   B N7    
256 C  C5    A G   B 2 ? 0.08978 0.05712 0.05864 -0.00475 0.00791  -0.01349 2   G   B C5    
257 C  C5    B G   B 2 ? 0.23804 0.16166 0.26281 0.05037  0.06933  0.09808  2   G   B C5    
258 C  C6    A G   B 2 ? 0.09952 0.06090 0.07580 -0.00704 -0.00935 -0.00249 2   G   B C6    
259 C  C6    B G   B 2 ? 0.24435 0.18061 0.23913 0.04195  0.07180  0.08691  2   G   B C6    
260 O  O6    A G   B 2 ? 0.10977 0.07133 0.10467 0.00936  -0.03200 0.01009  2   G   B O6    
261 O  O6    B G   B 2 ? 0.23257 0.23570 0.19845 -0.02092 0.09413  0.07959  2   G   B O6    
262 N  N1    A G   B 2 ? 0.12712 0.04528 0.06652 -0.02993 -0.01703 0.00241  2   G   B N1    
263 N  N1    B G   B 2 ? 0.28596 0.10748 0.17816 0.06602  0.07241  0.02019  2   G   B N1    
264 C  C2    A G   B 2 ? 0.12128 0.04507 0.06610 -0.00280 0.01520  0.00530  2   G   B C2    
265 C  C2    B G   B 2 ? 0.28811 0.09987 0.18277 0.02518  0.11180  0.02409  2   G   B C2    
266 N  N2    A G   B 2 ? 0.11318 0.08289 0.08415 -0.02985 -0.02001 0.04163  2   G   B N2    
267 N  N2    B G   B 2 ? 0.22638 0.12851 0.15805 0.01974  0.10934  0.00960  2   G   B N2    
268 N  N3    A G   B 2 ? 0.10704 0.07717 0.07522 -0.00966 0.00935  0.01091  2   G   B N3    
269 N  N3    B G   B 2 ? 0.33447 0.12085 0.21938 0.05260  0.11146  0.04201  2   G   B N3    
270 C  C4    A G   B 2 ? 0.12665 0.06507 0.07404 0.00820  0.01006  -0.00272 2   G   B C4    
271 C  C4    B G   B 2 ? 0.30875 0.15271 0.25717 0.04335  0.08784  0.08412  2   G   B C4    
272 P  P     A C   B 3 ? 0.16935 0.10588 0.14053 -0.06427 0.03445  -0.01729 3   C   B P     
273 P  P     B C   B 3 ? 0.17754 0.24492 0.23387 0.05214  0.09448  0.04449  3   C   B P     
274 O  OP1   A C   B 3 ? 0.19633 0.11111 0.18138 0.00815  0.10584  -0.01737 3   C   B OP1   
275 O  OP1   B C   B 3 ? 0.19376 0.21297 0.29162 0.00809  0.06614  0.08401  3   C   B OP1   
276 O  OP2   A C   B 3 ? 0.24390 0.19237 0.12224 -0.07062 0.04156  -0.01882 3   C   B OP2   
277 O  OP2   B C   B 3 ? 0.17222 0.18129 0.22597 0.09267  0.04788  -0.01735 3   C   B OP2   
278 O  "O5'" A C   B 3 ? 0.10058 0.10045 0.16383 -0.03545 -0.01821 -0.01785 3   C   B "O5'" 
279 O  "O5'" B C   B 3 ? 0.17926 0.20309 0.25676 -0.00128 0.04722  0.05462  3   C   B "O5'" 
280 C  "C5'" A C   B 3 ? 0.10286 0.15739 0.18094 -0.06372 -0.01422 -0.00188 3   C   B "C5'" 
281 C  "C5'" B C   B 3 ? 0.18018 0.18293 0.20933 -0.05476 0.03054  0.02135  3   C   B "C5'" 
282 C  "C4'" A C   B 3 ? 0.12938 0.14743 0.17525 -0.00987 -0.00970 -0.02019 3   C   B "C4'" 
283 C  "C4'" B C   B 3 ? 0.16550 0.15418 0.18520 -0.04145 0.01018  0.00636  3   C   B "C4'" 
284 O  "O4'" A C   B 3 ? 0.15411 0.09393 0.15161 0.00207  -0.01639 -0.04196 3   C   B "O4'" 
285 O  "O4'" B C   B 3 ? 0.22804 0.14450 0.17421 -0.08340 -0.02495 0.01259  3   C   B "O4'" 
286 C  "C3'" A C   B 3 ? 0.15256 0.17697 0.18590 -0.00680 -0.02904 -0.01452 3   C   B "C3'" 
287 C  "C3'" B C   B 3 ? 0.12465 0.16356 0.18548 -0.02143 0.01243  0.00701  3   C   B "C3'" 
288 O  "O3'" A C   B 3 ? 0.18121 0.23884 0.21702 -0.00247 -0.03734 -0.00125 3   C   B "O3'" 
289 O  "O3'" B C   B 3 ? 0.09799 0.19358 0.19525 -0.05776 -0.00475 0.01340  3   C   B "O3'" 
290 C  "C2'" A C   B 3 ? 0.13309 0.14047 0.15665 0.00310  -0.03842 -0.03150 3   C   B "C2'" 
291 C  "C2'" B C   B 3 ? 0.15696 0.17945 0.15873 -0.00886 -0.00773 -0.00279 3   C   B "C2'" 
292 O  "O2'" A C   B 3 ? 0.16908 0.16828 0.16759 -0.03587 -0.08647 -0.02536 3   C   B "O2'" 
293 O  "O2'" B C   B 3 ? 0.25444 0.21574 0.17180 -0.03057 -0.00870 -0.00091 3   C   B "O2'" 
294 C  "C1'" . C   B 3 ? 0.16985 0.10149 0.14919 -0.03818 -0.02721 -0.01740 3   C   B "C1'" 
295 N  N1    . C   B 3 ? 0.12825 0.10155 0.11568 -0.01991 0.00882  0.00841  3   C   B N1    
296 C  C2    . C   B 3 ? 0.13368 0.09240 0.12591 -0.00636 -0.00973 0.00386  3   C   B C2    
297 O  O2    . C   B 3 ? 0.15303 0.11824 0.11965 -0.01883 -0.01031 0.00016  3   C   B O2    
298 N  N3    . C   B 3 ? 0.12954 0.08756 0.11747 -0.00606 -0.00643 0.01965  3   C   B N3    
299 C  C4    . C   B 3 ? 0.13468 0.07074 0.11032 -0.01158 0.00803  0.02293  3   C   B C4    
300 N  N4    . C   B 3 ? 0.11034 0.09352 0.10553 -0.00409 0.00122  0.00952  3   C   B N4    
301 C  C5    . C   B 3 ? 0.11779 0.09615 0.12033 -0.00159 0.00454  0.00084  3   C   B C5    
302 C  C6    . C   B 3 ? 0.15519 0.08203 0.12226 -0.02230 0.01075  0.00655  3   C   B C6    
303 P  P     A C   B 4 ? 0.19407 0.25240 0.21527 0.04017  -0.01537 -0.02376 4   C   B P     
304 P  P     B C   B 4 ? 0.12561 0.16124 0.19250 -0.03742 -0.03458 -0.00563 4   C   B P     
305 O  OP1   A C   B 4 ? 0.19671 0.31553 0.23649 0.01166  -0.03454 0.00056  4   C   B OP1   
306 O  OP1   B C   B 4 ? 0.07920 0.21921 0.24174 -0.02776 -0.03298 0.03828  4   C   B OP1   
307 O  OP2   A C   B 4 ? 0.19182 0.29292 0.20171 0.03959  -0.07540 -0.02001 4   C   B OP2   
308 O  OP2   B C   B 4 ? 0.16543 0.17009 0.18241 -0.06855 -0.00343 -0.00954 4   C   B OP2   
309 O  "O5'" A C   B 4 ? 0.18725 0.22514 0.18578 0.03365  -0.03876 -0.01826 4   C   B "O5'" 
310 O  "O5'" B C   B 4 ? 0.11260 0.15378 0.17435 0.00588  -0.06418 0.00169  4   C   B "O5'" 
311 C  "C5'" A C   B 4 ? 0.17505 0.23782 0.15901 0.00407  -0.04915 -0.00045 4   C   B "C5'" 
312 C  "C5'" B C   B 4 ? 0.13533 0.19974 0.16372 -0.02052 -0.06456 0.01217  4   C   B "C5'" 
313 C  "C4'" A C   B 4 ? 0.18553 0.19435 0.13819 0.03239  -0.03533 0.00446  4   C   B "C4'" 
314 C  "C4'" B C   B 4 ? 0.11756 0.19174 0.12050 0.02934  -0.01405 -0.00408 4   C   B "C4'" 
315 O  "O4'" A C   B 4 ? 0.19266 0.15803 0.11032 0.03002  -0.04708 -0.03183 4   C   B "O4'" 
316 O  "O4'" B C   B 4 ? 0.15949 0.16627 0.12713 -0.00595 -0.05919 -0.01887 4   C   B "O4'" 
317 C  "C3'" A C   B 4 ? 0.10508 0.19280 0.12177 0.04405  -0.01890 0.02488  4   C   B "C3'" 
318 C  "C3'" B C   B 4 ? 0.12341 0.19379 0.12610 0.05388  -0.01851 0.00798  4   C   B "C3'" 
319 O  "O3'" A C   B 4 ? 0.12794 0.21426 0.12480 -0.00591 -0.04425 0.04264  4   C   B "O3'" 
320 O  "O3'" B C   B 4 ? 0.18798 0.17683 0.11242 0.09750  -0.00695 -0.03645 4   C   B "O3'" 
321 C  "C2'" . C   B 4 ? 0.13477 0.16634 0.11915 0.05650  -0.02091 0.01804  4   C   B "C2'" 
322 O  "O2'" . C   B 4 ? 0.20945 0.19884 0.11508 0.05373  -0.02700 0.01566  4   C   B "O2'" 
323 C  "C1'" . C   B 4 ? 0.14593 0.15461 0.10004 0.01434  -0.04831 -0.01229 4   C   B "C1'" 
324 N  N1    . C   B 4 ? 0.13939 0.12061 0.11896 0.02429  -0.02829 -0.01219 4   C   B N1    
325 C  C2    . C   B 4 ? 0.14272 0.11105 0.09996 0.01070  -0.02785 -0.00396 4   C   B C2    
326 O  O2    . C   B 4 ? 0.16344 0.11608 0.10007 0.01491  -0.01677 0.01024  4   C   B O2    
327 N  N3    . C   B 4 ? 0.11500 0.08311 0.12109 0.01685  -0.01997 0.00522  4   C   B N3    
328 C  C4    . C   B 4 ? 0.13258 0.08191 0.11472 0.00539  -0.02862 -0.00455 4   C   B C4    
329 N  N4    . C   B 4 ? 0.13314 0.09303 0.11803 0.00127  -0.01967 0.01469  4   C   B N4    
330 C  C5    . C   B 4 ? 0.13296 0.10697 0.13757 -0.00585 -0.05031 -0.00421 4   C   B C5    
331 C  C6    . C   B 4 ? 0.14479 0.13312 0.13568 0.01694  -0.03496 -0.00118 4   C   B C6    
332 P  P     A C   B 5 ? 0.09613 0.12657 0.13654 -0.01808 -0.01932 0.04388  5   C   B P     
333 P  P     B C   B 5 ? 0.22963 0.19552 0.14758 0.06160  -0.02913 -0.01164 5   C   B P     
334 O  OP1   A C   B 5 ? 0.09408 0.13339 0.13971 -0.02745 -0.01220 0.00824  5   C   B OP1   
335 O  OP1   B C   B 5 ? 0.15316 0.22549 0.19131 0.01844  -0.05209 0.01447  5   C   B OP1   
336 O  OP2   A C   B 5 ? 0.16647 0.15168 0.16038 -0.01117 0.00266  0.04529  5   C   B OP2   
337 O  OP2   B C   B 5 ? 0.29276 0.23843 0.09207 0.08639  -0.02022 -0.00747 5   C   B OP2   
338 O  "O5'" A C   B 5 ? 0.06355 0.14037 0.12637 -0.00108 -0.01473 0.07164  5   C   B "O5'" 
339 O  "O5'" B C   B 5 ? 0.17651 0.19426 0.10286 0.08127  -0.03747 -0.02883 5   C   B "O5'" 
340 C  "C5'" A C   B 5 ? 0.05268 0.12296 0.10629 -0.00483 -0.00629 0.03050  5   C   B "C5'" 
341 C  "C5'" B C   B 5 ? 0.15089 0.18428 0.11271 0.04827  -0.01651 -0.01530 5   C   B "C5'" 
342 C  "C4'" A C   B 5 ? 0.09315 0.11990 0.09419 -0.02288 -0.05151 0.02483  5   C   B "C4'" 
343 C  "C4'" B C   B 5 ? 0.11608 0.13379 0.09887 0.06952  -0.02645 -0.01671 5   C   B "C4'" 
344 O  "O4'" A C   B 5 ? 0.07312 0.10184 0.05382 -0.01949 -0.02825 0.02411  5   C   B "O4'" 
345 O  "O4'" B C   B 5 ? 0.17536 0.15445 0.08594 0.04604  -0.02010 0.00595  5   C   B "O4'" 
346 C  "C3'" A C   B 5 ? 0.13517 0.16542 0.10502 -0.01651 -0.03821 0.02190  5   C   B "C3'" 
347 C  "C3'" B C   B 5 ? 0.11226 0.17661 0.09933 0.05519  -0.03845 0.00430  5   C   B "C3'" 
348 O  "O3'" A C   B 5 ? 0.22067 0.18235 0.10306 0.00744  -0.07658 -0.01025 5   C   B "O3'" 
349 O  "O3'" B C   B 5 ? 0.11813 0.17518 0.07279 0.06425  0.00315  -0.00281 5   C   B "O3'" 
350 C  "C2'" A C   B 5 ? 0.11948 0.11782 0.08002 0.01794  -0.01522 0.00719  5   C   B "C2'" 
351 C  "C2'" B C   B 5 ? 0.17019 0.15856 0.09207 0.06057  -0.04704 0.00553  5   C   B "C2'" 
352 O  "O2'" A C   B 5 ? 0.13985 0.10923 0.05638 0.01522  -0.02039 -0.01093 5   C   B "O2'" 
353 O  "O2'" B C   B 5 ? 0.18712 0.16539 0.08656 0.08612  -0.02552 0.00578  5   C   B "O2'" 
354 C  "C1'" A C   B 5 ? 0.11681 0.10884 0.07794 -0.00205 -0.01694 0.02126  5   C   B "C1'" 
355 C  "C1'" B C   B 5 ? 0.16447 0.14533 0.06611 0.05056  -0.03656 -0.01388 5   C   B "C1'" 
356 N  N1    A C   B 5 ? 0.06750 0.10974 0.07724 -0.01353 -0.03030 0.03614  5   C   B N1    
357 N  N1    B C   B 5 ? 0.15906 0.15791 0.06137 0.04507  -0.01515 -0.01243 5   C   B N1    
358 C  C2    A C   B 5 ? 0.10217 0.12316 0.07676 -0.01538 -0.02335 0.04774  5   C   B C2    
359 C  C2    B C   B 5 ? 0.09375 0.15033 0.05747 0.04933  0.00859  -0.01608 5   C   B C2    
360 O  O2    A C   B 5 ? 0.08886 0.12258 0.05670 -0.00665 -0.01319 0.04025  5   C   B O2    
361 O  O2    B C   B 5 ? 0.07132 0.19242 0.08742 0.02497  -0.01693 0.00896  5   C   B O2    
362 N  N3    A C   B 5 ? 0.05045 0.09325 0.06297 0.00324  -0.00455 0.04095  5   C   B N3    
363 N  N3    B C   B 5 ? 0.07562 0.18268 0.05255 0.02105  0.01272  0.00439  5   C   B N3    
364 C  C4    A C   B 5 ? 0.05916 0.12968 0.05813 -0.00630 -0.00393 0.04333  5   C   B C4    
365 C  C4    B C   B 5 ? 0.07160 0.15173 0.05399 0.03810  -0.00156 -0.01667 5   C   B C4    
366 N  N4    A C   B 5 ? 0.06042 0.09962 0.03637 0.00428  0.01622  0.01552  5   C   B N4    
367 N  N4    B C   B 5 ? 0.05919 0.11093 0.06826 0.02596  0.02226  -0.01393 5   C   B N4    
368 C  C5    A C   B 5 ? 0.07873 0.15038 0.06350 -0.01668 -0.01668 0.04292  5   C   B C5    
369 C  C5    B C   B 5 ? 0.09608 0.11394 0.08427 0.01808  -0.00026 -0.01711 5   C   B C5    
370 C  C6    A C   B 5 ? 0.09050 0.12734 0.06043 -0.01327 -0.01908 0.04085  5   C   B C6    
371 C  C6    B C   B 5 ? 0.13234 0.13381 0.05904 0.05251  -0.01552 -0.02018 5   C   B C6    
372 P  P     A C   B 6 ? 0.15090 0.21643 0.11997 0.03743  -0.02876 -0.01784 6   C   B P     
373 P  P     B C   B 6 ? 0.09572 0.15967 0.08888 0.03039  -0.00585 0.01725  6   C   B P     
374 O  OP1   A C   B 6 ? 0.15536 0.22447 0.17076 0.04376  0.00015  0.01977  6   C   B OP1   
375 O  OP1   B C   B 6 ? 0.06731 0.20055 0.10658 0.04100  -0.00062 0.01646  6   C   B OP1   
376 O  OP2   A C   B 6 ? 0.19010 0.20722 0.17354 0.04552  -0.00576 -0.00608 6   C   B OP2   
377 O  OP2   B C   B 6 ? 0.13368 0.14393 0.11625 -0.00315 0.00301  0.04099  6   C   B OP2   
378 O  "O5'" A C   B 6 ? 0.13921 0.15077 0.13326 0.03421  0.00175  -0.00140 6   C   B "O5'" 
379 O  "O5'" B C   B 6 ? 0.13155 0.14385 0.05435 0.00322  -0.01246 0.00313  6   C   B "O5'" 
380 C  "C5'" A C   B 6 ? 0.11343 0.15802 0.09435 0.03686  0.01493  0.02036  6   C   B "C5'" 
381 C  "C5'" B C   B 6 ? 0.18258 0.11916 0.06342 0.01028  -0.01504 0.00509  6   C   B "C5'" 
382 C  "C4'" A C   B 6 ? 0.10646 0.14051 0.07573 0.01577  -0.02473 0.01404  6   C   B "C4'" 
383 C  "C4'" B C   B 6 ? 0.13752 0.11481 0.09872 0.02192  -0.00879 0.02382  6   C   B "C4'" 
384 O  "O4'" A C   B 6 ? 0.07985 0.14193 0.06255 0.02208  -0.01881 0.02468  6   C   B "O4'" 
385 O  "O4'" B C   B 6 ? 0.17990 0.08428 0.09881 0.03133  0.00154  0.02400  6   C   B "O4'" 
386 C  "C3'" A C   B 6 ? 0.16838 0.12521 0.06097 -0.01154 -0.01402 -0.00230 6   C   B "C3'" 
387 C  "C3'" B C   B 6 ? 0.14018 0.11630 0.07927 0.06673  0.00455  0.01239  6   C   B "C3'" 
388 O  "O3'" A C   B 6 ? 0.15647 0.13077 0.06704 0.00796  -0.01172 0.00660  6   C   B "O3'" 
389 O  "O3'" B C   B 6 ? 0.19713 0.18253 0.08413 0.06594  0.01609  0.01840  6   C   B "O3'" 
390 C  "C2'" A C   B 6 ? 0.18884 0.14697 0.08073 -0.02924 -0.02983 0.03603  6   C   B "C2'" 
391 C  "C2'" B C   B 6 ? 0.06551 0.11639 0.12583 0.00771  -0.00639 0.05533  6   C   B "C2'" 
392 O  "O2'" A C   B 6 ? 0.17606 0.20367 0.13269 -0.01517 -0.07662 0.05157  6   C   B "O2'" 
393 O  "O2'" B C   B 6 ? 0.19687 0.06151 0.13426 0.00506  0.01853  0.02988  6   C   B "O2'" 
394 C  "C1'" A C   B 6 ? 0.15778 0.10340 0.04734 0.01962  -0.01303 0.01078  6   C   B "C1'" 
395 C  "C1'" B C   B 6 ? 0.09912 0.09778 0.08577 0.02863  0.00450  0.02886  6   C   B "C1'" 
396 N  N1    . C   B 6 ? 0.09228 0.12305 0.07860 0.01094  -0.01016 0.02919  6   C   B N1    
397 C  C2    . C   B 6 ? 0.07767 0.09412 0.11084 -0.01240 -0.01273 0.01745  6   C   B C2    
398 O  O2    . C   B 6 ? 0.11363 0.10123 0.08560 -0.00646 -0.00973 0.04196  6   C   B O2    
399 N  N3    . C   B 6 ? 0.09325 0.08416 0.07467 -0.00245 -0.00971 0.02228  6   C   B N3    
400 C  C4    . C   B 6 ? 0.10682 0.06970 0.07436 0.00402  0.00259  0.00522  6   C   B C4    
401 N  N4    . C   B 6 ? 0.11456 0.08239 0.07773 -0.01886 -0.01092 0.00761  6   C   B N4    
402 C  C5    . C   B 6 ? 0.09796 0.10815 0.06104 0.01115  0.00176  0.00959  6   C   B C5    
403 C  C6    . C   B 6 ? 0.11596 0.13471 0.06051 -0.00393 -0.01211 0.00943  6   C   B C6    
404 O  "O5'" . G   C 1 ? 0.22356 0.23504 0.22743 -0.00010 -0.05145 -0.05348 1   G   C "O5'" 
405 C  "C5'" . G   C 1 ? 0.18660 0.15343 0.23843 -0.03916 -0.03333 -0.05207 1   G   C "C5'" 
406 C  "C4'" . G   C 1 ? 0.09662 0.19275 0.23616 -0.02425 -0.00757 -0.06134 1   G   C "C4'" 
407 O  "O4'" . G   C 1 ? 0.13702 0.15362 0.22967 0.01417  -0.03092 -0.07223 1   G   C "O4'" 
408 C  "C3'" . G   C 1 ? 0.13241 0.15118 0.24537 -0.01164 -0.03484 -0.07275 1   G   C "C3'" 
409 O  "O3'" . G   C 1 ? 0.11173 0.17125 0.29233 -0.01607 -0.01653 -0.08279 1   G   C "O3'" 
410 C  "C2'" . G   C 1 ? 0.10226 0.13139 0.27323 -0.01219 -0.04160 -0.02495 1   G   C "C2'" 
411 O  "O2'" . G   C 1 ? 0.13812 0.15623 0.28692 -0.02314 -0.03317 -0.01951 1   G   C "O2'" 
412 C  "C1'" . G   C 1 ? 0.11479 0.12859 0.22410 -0.00646 -0.04108 -0.04823 1   G   C "C1'" 
413 N  N9    . G   C 1 ? 0.09423 0.12379 0.19005 0.01035  -0.02724 -0.03623 1   G   C N9    
414 C  C8    . G   C 1 ? 0.16313 0.13849 0.17647 0.01614  -0.02686 -0.02049 1   G   C C8    
415 N  N7    . G   C 1 ? 0.12182 0.12996 0.12622 0.00166  -0.02462 -0.01920 1   G   C N7    
416 C  C5    . G   C 1 ? 0.10987 0.14269 0.12777 0.00422  -0.00358 -0.01679 1   G   C C5    
417 C  C6    . G   C 1 ? 0.09671 0.14567 0.09984 -0.00713 0.00768  -0.02383 1   G   C C6    
418 O  O6    . G   C 1 ? 0.13958 0.13575 0.12684 -0.01125 -0.01962 0.00532  1   G   C O6    
419 N  N1    . G   C 1 ? 0.09769 0.11334 0.10989 -0.00710 -0.00596 -0.00754 1   G   C N1    
420 C  C2    . G   C 1 ? 0.10314 0.14363 0.12468 -0.00760 -0.01080 -0.01039 1   G   C C2    
421 N  N2    . G   C 1 ? 0.12854 0.14958 0.12094 -0.00513 0.00608  -0.00458 1   G   C N2    
422 N  N3    . G   C 1 ? 0.11096 0.13306 0.15348 -0.00319 -0.00888 -0.00779 1   G   C N3    
423 C  C4    . G   C 1 ? 0.08177 0.14881 0.15743 -0.00381 -0.01354 -0.02703 1   G   C C4    
424 P  P     . G   C 2 ? 0.12213 0.16168 0.33717 -0.00082 -0.02125 -0.09624 2   G   C P     
425 O  OP1   . G   C 2 ? 0.14896 0.16853 0.36127 0.01134  -0.02635 -0.12559 2   G   C OP1   
426 O  OP2   . G   C 2 ? 0.16076 0.25629 0.33731 -0.01493 0.04178  -0.08462 2   G   C OP2   
427 O  "O5'" . G   C 2 ? 0.13017 0.12988 0.33566 -0.02946 -0.04576 -0.03533 2   G   C "O5'" 
428 C  "C5'" . G   C 2 ? 0.13154 0.12101 0.31362 -0.03999 -0.04650 -0.00175 2   G   C "C5'" 
429 C  "C4'" . G   C 2 ? 0.09504 0.11794 0.29645 -0.02853 -0.02288 0.01317  2   G   C "C4'" 
430 O  "O4'" . G   C 2 ? 0.10819 0.11204 0.29991 -0.03374 -0.00933 0.02332  2   G   C "O4'" 
431 C  "C3'" . G   C 2 ? 0.10374 0.09987 0.26048 -0.02788 -0.03128 0.02448  2   G   C "C3'" 
432 O  "O3'" . G   C 2 ? 0.11235 0.08967 0.27372 -0.02467 -0.00417 0.02903  2   G   C "O3'" 
433 C  "C2'" . G   C 2 ? 0.12199 0.11132 0.26302 -0.03291 -0.02414 0.05853  2   G   C "C2'" 
434 O  "O2'" . G   C 2 ? 0.15921 0.13501 0.24534 -0.03323 0.00581  0.04325  2   G   C "O2'" 
435 C  "C1'" . G   C 2 ? 0.12477 0.11748 0.25573 -0.04628 -0.02341 0.05448  2   G   C "C1'" 
436 N  N9    . G   C 2 ? 0.08794 0.10728 0.22893 -0.02330 -0.01064 0.03128  2   G   C N9    
437 C  C8    . G   C 2 ? 0.11517 0.11636 0.20362 -0.00495 0.00059  0.00857  2   G   C C8    
438 N  N7    . G   C 2 ? 0.11413 0.10168 0.19620 -0.00840 0.00393  -0.00432 2   G   C N7    
439 C  C5    . G   C 2 ? 0.10084 0.09803 0.16718 -0.01189 -0.02582 -0.00323 2   G   C C5    
440 C  C6    . G   C 2 ? 0.08289 0.09584 0.15439 -0.01350 -0.00727 0.00810  2   G   C C6    
441 O  O6    . G   C 2 ? 0.11185 0.09384 0.13356 -0.00039 -0.01513 0.01139  2   G   C O6    
442 N  N1    . G   C 2 ? 0.11656 0.07716 0.15041 -0.01486 -0.01259 0.02496  2   G   C N1    
443 C  C2    . G   C 2 ? 0.09345 0.08009 0.14914 0.00453  0.02049  0.02614  2   G   C C2    
444 N  N2    . G   C 2 ? 0.14350 0.10003 0.13783 -0.04255 -0.00208 0.01211  2   G   C N2    
445 N  N3    . G   C 2 ? 0.10204 0.09020 0.15697 -0.01518 -0.00375 0.02066  2   G   C N3    
446 C  C4    . G   C 2 ? 0.09444 0.10079 0.21596 -0.01942 -0.01370 0.04166  2   G   C C4    
447 P  P     . C   C 3 ? 0.12478 0.09952 0.24933 -0.02876 -0.01808 0.01409  3   C   C P     
448 O  OP1   . C   C 3 ? 0.16369 0.09422 0.30874 -0.02977 -0.00296 0.01290  3   C   C OP1   
449 O  OP2   . C   C 3 ? 0.17197 0.12501 0.23879 -0.03336 -0.04496 -0.01413 3   C   C OP2   
450 O  "O5'" . C   C 3 ? 0.12180 0.10038 0.22927 -0.04309 -0.03193 0.04601  3   C   C "O5'" 
451 C  "C5'" . C   C 3 ? 0.11982 0.13085 0.18683 -0.05081 -0.02967 0.07300  3   C   C "C5'" 
452 C  "C4'" . C   C 3 ? 0.11384 0.07420 0.17423 -0.00723 0.00061  0.04249  3   C   C "C4'" 
453 O  "O4'" . C   C 3 ? 0.13300 0.11624 0.17439 -0.05238 -0.00484 0.05771  3   C   C "O4'" 
454 C  "C3'" . C   C 3 ? 0.08390 0.09829 0.17258 -0.01598 -0.00809 0.06831  3   C   C "C3'" 
455 O  "O3'" . C   C 3 ? 0.11141 0.09035 0.15311 -0.01767 -0.02321 0.04216  3   C   C "O3'" 
456 C  "C2'" . C   C 3 ? 0.15223 0.08622 0.12332 -0.02299 -0.00959 0.05510  3   C   C "C2'" 
457 O  "O2'" . C   C 3 ? 0.14198 0.13886 0.13013 -0.03757 -0.03253 0.06186  3   C   C "O2'" 
458 C  "C1'" . C   C 3 ? 0.12598 0.11192 0.14001 -0.03715 -0.00886 0.06528  3   C   C "C1'" 
459 N  N1    . C   C 3 ? 0.09853 0.09952 0.11935 -0.03081 -0.01023 0.03549  3   C   C N1    
460 C  C2    . C   C 3 ? 0.11183 0.06930 0.11718 -0.02541 -0.00874 0.03068  3   C   C C2    
461 O  O2    . C   C 3 ? 0.14167 0.08338 0.09845 -0.02771 -0.01527 0.03286  3   C   C O2    
462 N  N3    . C   C 3 ? 0.08526 0.07602 0.12972 -0.01912 -0.00579 0.03479  3   C   C N3    
463 C  C4    . C   C 3 ? 0.10503 0.08043 0.12831 -0.02490 -0.02036 0.02364  3   C   C C4    
464 N  N4    . C   C 3 ? 0.09505 0.09771 0.12126 -0.00911 0.00409  0.03736  3   C   C N4    
465 C  C5    . C   C 3 ? 0.07206 0.08672 0.16233 -0.00712 -0.01506 0.03859  3   C   C C5    
466 C  C6    . C   C 3 ? 0.10690 0.08088 0.13942 -0.00364 0.00561  0.01220  3   C   C C6    
467 P  P     . C   C 4 ? 0.13264 0.08843 0.14848 -0.02111 -0.04488 0.03171  4   C   C P     
468 O  OP1   . C   C 4 ? 0.13600 0.07874 0.19813 -0.01473 -0.04370 0.05155  4   C   C OP1   
469 O  OP2   . C   C 4 ? 0.17938 0.11406 0.16141 -0.03567 -0.06963 0.00060  4   C   C OP2   
470 O  "O5'" . C   C 4 ? 0.12132 0.05840 0.12043 -0.02451 -0.03237 0.02399  4   C   C "O5'" 
471 C  "C5'" . C   C 4 ? 0.12052 0.08862 0.09162 -0.03761 -0.03242 0.03428  4   C   C "C5'" 
472 C  "C4'" . C   C 4 ? 0.10207 0.09386 0.09593 -0.00974 0.00052  0.04139  4   C   C "C4'" 
473 O  "O4'" . C   C 4 ? 0.11603 0.09579 0.07763 -0.00898 -0.00847 0.03947  4   C   C "O4'" 
474 C  "C3'" . C   C 4 ? 0.09882 0.06767 0.09909 -0.00504 -0.00133 0.03360  4   C   C "C3'" 
475 O  "O3'" . C   C 4 ? 0.11610 0.07484 0.09663 0.00537  -0.00479 0.02878  4   C   C "O3'" 
476 C  "C2'" . C   C 4 ? 0.09635 0.09586 0.09261 -0.03270 -0.02751 0.03497  4   C   C "C2'" 
477 O  "O2'" . C   C 4 ? 0.10159 0.08653 0.10655 -0.01696 -0.01814 0.02117  4   C   C "O2'" 
478 C  "C1'" . C   C 4 ? 0.11577 0.08019 0.09570 -0.02442 -0.03371 0.04528  4   C   C "C1'" 
479 N  N1    . C   C 4 ? 0.07782 0.10019 0.08070 0.00117  -0.00967 0.01932  4   C   C N1    
480 C  C2    . C   C 4 ? 0.10741 0.08260 0.07580 -0.01214 -0.01114 0.03670  4   C   C C2    
481 O  O2    . C   C 4 ? 0.11178 0.06962 0.08306 -0.01774 -0.02983 0.02639  4   C   C O2    
482 N  N3    . C   C 4 ? 0.09298 0.06774 0.08486 -0.00957 -0.01906 0.02878  4   C   C N3    
483 C  C4    . C   C 4 ? 0.07489 0.07302 0.11715 -0.00390 -0.00264 0.01922  4   C   C C4    
484 N  N4    . C   C 4 ? 0.10457 0.11960 0.08320 -0.01642 -0.03896 0.02389  4   C   C N4    
485 C  C5    . C   C 4 ? 0.08820 0.08965 0.12605 -0.02849 -0.02364 0.02215  4   C   C C5    
486 C  C6    . C   C 4 ? 0.10114 0.09491 0.10015 -0.02834 -0.03063 0.00592  4   C   C C6    
487 P  P     . C   C 5 ? 0.13467 0.09231 0.09343 0.00410  -0.01691 0.02177  5   C   C P     
488 O  OP1   . C   C 5 ? 0.13190 0.12256 0.12685 0.03409  0.00434  0.04638  5   C   C OP1   
489 O  OP2   . C   C 5 ? 0.16189 0.09365 0.10358 -0.01366 -0.01637 -0.00689 5   C   C OP2   
490 O  "O5'" . C   C 5 ? 0.12345 0.09502 0.11327 -0.02728 -0.03287 0.04107  5   C   C "O5'" 
491 C  "C5'" . C   C 5 ? 0.11749 0.10143 0.11134 -0.02273 -0.03936 0.02327  5   C   C "C5'" 
492 C  "C4'" . C   C 5 ? 0.11402 0.10464 0.08232 0.00016  -0.01140 0.00800  5   C   C "C4'" 
493 O  "O4'" . C   C 5 ? 0.10193 0.10361 0.10315 0.01198  -0.01417 0.01364  5   C   C "O4'" 
494 C  "C3'" . C   C 5 ? 0.07498 0.09620 0.11056 0.02779  0.00057  0.01120  5   C   C "C3'" 
495 O  "O3'" . C   C 5 ? 0.11490 0.09634 0.11373 0.02418  -0.00303 0.01969  5   C   C "O3'" 
496 C  "C2'" . C   C 5 ? 0.09005 0.08556 0.11331 -0.00763 0.00392  0.00579  5   C   C "C2'" 
497 O  "O2'" . C   C 5 ? 0.09663 0.08726 0.14936 -0.01745 -0.00863 0.00572  5   C   C "O2'" 
498 C  "C1'" . C   C 5 ? 0.10169 0.10848 0.08668 -0.01513 -0.01862 0.02930  5   C   C "C1'" 
499 N  N1    . C   C 5 ? 0.09728 0.08971 0.09314 -0.00012 -0.02150 0.01297  5   C   C N1    
500 C  C2    . C   C 5 ? 0.10410 0.07268 0.10821 -0.01533 -0.01080 0.02304  5   C   C C2    
501 O  O2    . C   C 5 ? 0.10792 0.10709 0.11176 0.00801  -0.01511 0.01499  5   C   C O2    
502 N  N3    . C   C 5 ? 0.08729 0.09519 0.09435 0.00604  -0.01572 0.02144  5   C   C N3    
503 C  C4    . C   C 5 ? 0.07801 0.09098 0.09621 -0.01061 -0.00649 0.00658  5   C   C C4    
504 N  N4    . C   C 5 ? 0.09973 0.08972 0.11039 0.00206  -0.00396 0.00306  5   C   C N4    
505 C  C5    . C   C 5 ? 0.09113 0.09872 0.08006 -0.00355 -0.01360 0.01236  5   C   C C5    
506 C  C6    . C   C 5 ? 0.10241 0.07698 0.10045 0.00268  -0.00407 0.00784  5   C   C C6    
507 P  P     . C   C 6 ? 0.13549 0.10834 0.13769 0.03627  0.01212  0.02736  6   C   C P     
508 O  OP1   . C   C 6 ? 0.12782 0.18552 0.13985 0.07327  0.00465  0.05764  6   C   C OP1   
509 O  OP2   . C   C 6 ? 0.21489 0.08586 0.15931 0.03503  0.04656  0.00526  6   C   C OP2   
510 O  "O5'" . C   C 6 ? 0.13703 0.12206 0.11095 0.03098  0.01317  0.02645  6   C   C "O5'" 
511 C  "C5'" . C   C 6 ? 0.13821 0.13366 0.12826 -0.01052 -0.00171 0.04248  6   C   C "C5'" 
512 C  "C4'" . C   C 6 ? 0.12060 0.16456 0.10748 -0.00613 0.00785  0.04929  6   C   C "C4'" 
513 O  "O4'" . C   C 6 ? 0.11671 0.14211 0.13168 -0.00412 -0.00867 0.02904  6   C   C "O4'" 
514 C  "C3'" . C   C 6 ? 0.12557 0.19074 0.12205 0.03363  0.00137  0.03715  6   C   C "C3'" 
515 O  "O3'" . C   C 6 ? 0.12867 0.25785 0.15125 0.04526  0.01330  0.03889  6   C   C "O3'" 
516 C  "C2'" . C   C 6 ? 0.12169 0.19570 0.13341 -0.01406 0.01520  0.06243  6   C   C "C2'" 
517 O  "O2'" . C   C 6 ? 0.16033 0.23803 0.16054 -0.04931 -0.03059 0.09622  6   C   C "O2'" 
518 C  "C1'" . C   C 6 ? 0.11372 0.16067 0.11294 -0.02428 -0.01924 0.04528  6   C   C "C1'" 
519 N  N1    . C   C 6 ? 0.14910 0.09265 0.08161 0.02436  -0.00749 0.01131  6   C   C N1    
520 C  C2    . C   C 6 ? 0.11536 0.09450 0.07005 0.01275  0.01796  0.03694  6   C   C C2    
521 O  O2    . C   C 6 ? 0.11748 0.11668 0.10184 0.00228  -0.01507 0.04036  6   C   C O2    
522 N  N3    . C   C 6 ? 0.11843 0.08156 0.08679 -0.00732 0.01390  0.01523  6   C   C N3    
523 C  C4    . C   C 6 ? 0.14919 0.09467 0.08750 -0.01493 0.01641  0.03174  6   C   C C4    
524 N  N4    . C   C 6 ? 0.14924 0.08021 0.09154 -0.01414 0.00390  0.02742  6   C   C N4    
525 C  C5    . C   C 6 ? 0.12452 0.09281 0.08369 0.00305  0.00999  0.02832  6   C   C C5    
526 C  C6    . C   C 6 ? 0.16572 0.07658 0.07485 0.00628  -0.00410 0.02077  6   C   C C6    
527 O  "O5'" A G   D 1 ? 0.20876 0.08999 0.11682 0.03859  0.01237  0.03913  1   G   D "O5'" 
528 O  "O5'" B G   D 1 ? 0.11775 0.15212 0.11229 0.01129  -0.00582 0.07504  1   G   D "O5'" 
529 C  "C5'" A G   D 1 ? 0.18630 0.11090 0.11197 0.01345  0.00098  0.04571  1   G   D "C5'" 
530 C  "C5'" B G   D 1 ? 0.18831 0.15458 0.12040 -0.01431 -0.02547 0.07648  1   G   D "C5'" 
531 C  "C4'" . G   D 1 ? 0.12663 0.11205 0.09694 0.00080  0.00936  0.03955  1   G   D "C4'" 
532 O  "O4'" . G   D 1 ? 0.11125 0.12767 0.09569 0.00782  0.01765  0.04738  1   G   D "O4'" 
533 C  "C3'" . G   D 1 ? 0.11221 0.07723 0.10673 -0.01599 0.01539  0.03912  1   G   D "C3'" 
534 O  "O3'" . G   D 1 ? 0.12226 0.09996 0.11795 -0.01527 0.00125  0.06268  1   G   D "O3'" 
535 C  "C2'" . G   D 1 ? 0.11253 0.06594 0.10575 -0.00279 -0.00646 0.03556  1   G   D "C2'" 
536 O  "O2'" . G   D 1 ? 0.11949 0.10544 0.11573 -0.00840 -0.00347 0.04660  1   G   D "O2'" 
537 C  "C1'" . G   D 1 ? 0.09692 0.09432 0.08807 -0.00591 0.01032  0.05283  1   G   D "C1'" 
538 N  N9    . G   D 1 ? 0.09137 0.09527 0.08150 0.01393  -0.00287 0.03106  1   G   D N9    
539 C  C8    . G   D 1 ? 0.10579 0.12210 0.05995 0.02126  0.00158  0.02106  1   G   D C8    
540 N  N7    . G   D 1 ? 0.08892 0.10292 0.07132 0.00666  -0.01179 0.02903  1   G   D N7    
541 C  C5    . G   D 1 ? 0.08766 0.08774 0.06766 0.01693  -0.01915 0.00505  1   G   D C5    
542 C  C6    . G   D 1 ? 0.06591 0.08897 0.07280 0.00517  -0.00845 0.01664  1   G   D C6    
543 O  O6    . G   D 1 ? 0.08149 0.09782 0.07222 0.00102  -0.02301 0.01906  1   G   D O6    
544 N  N1    . G   D 1 ? 0.09279 0.07226 0.07041 -0.01929 -0.02857 0.02947  1   G   D N1    
545 C  C2    . G   D 1 ? 0.08586 0.07223 0.06033 0.00104  -0.01276 0.02094  1   G   D C2    
546 N  N2    . G   D 1 ? 0.09352 0.06896 0.07957 0.00137  -0.01694 0.04101  1   G   D N2    
547 N  N3    . G   D 1 ? 0.08748 0.07680 0.08348 -0.00525 -0.02850 0.03464  1   G   D N3    
548 C  C4    . G   D 1 ? 0.09699 0.08114 0.06593 -0.00278 -0.00200 0.01505  1   G   D C4    
549 P  P     . G   D 2 ? 0.13815 0.08340 0.11508 -0.00582 -0.02193 0.03926  2   G   D P     
550 O  OP1   . G   D 2 ? 0.18303 0.07565 0.14792 -0.01411 -0.05077 0.04051  2   G   D OP1   
551 O  OP2   . G   D 2 ? 0.13082 0.09751 0.12288 -0.01270 -0.03523 0.02764  2   G   D OP2   
552 O  "O5'" A G   D 2 ? 0.12288 0.14195 0.07771 -0.03007 0.02266  0.04184  2   G   D "O5'" 
553 O  "O5'" B G   D 2 ? 0.13845 0.07844 0.12301 -0.03096 -0.05844 0.04243  2   G   D "O5'" 
554 C  "C5'" A G   D 2 ? 0.09230 0.12050 0.08957 -0.02599 0.03709  0.03072  2   G   D "C5'" 
555 C  "C5'" B G   D 2 ? 0.12847 0.07489 0.09937 -0.02875 -0.04124 0.02245  2   G   D "C5'" 
556 C  "C4'" A G   D 2 ? 0.08430 0.05453 0.11835 0.02245  0.05262  0.02367  2   G   D "C4'" 
557 C  "C4'" B G   D 2 ? 0.12357 0.08823 0.07203 -0.01414 -0.02581 0.02531  2   G   D "C4'" 
558 O  "O4'" A G   D 2 ? 0.05861 0.10355 0.11648 0.02874  0.03282  0.02604  2   G   D "O4'" 
559 O  "O4'" B G   D 2 ? 0.08528 0.06067 0.06584 -0.01997 -0.01533 0.00929  2   G   D "O4'" 
560 C  "C3'" A G   D 2 ? 0.09087 0.11906 0.12787 0.02713  0.01602  0.02430  2   G   D "C3'" 
561 C  "C3'" B G   D 2 ? 0.13689 0.06170 0.05434 -0.01872 -0.02289 0.00406  2   G   D "C3'" 
562 O  "O3'" A G   D 2 ? 0.13890 0.10816 0.16224 0.06915  0.02196  0.01773  2   G   D "O3'" 
563 O  "O3'" B G   D 2 ? 0.15065 0.08625 0.07819 -0.02333 -0.00316 0.00998  2   G   D "O3'" 
564 C  "C2'" A G   D 2 ? 0.14310 0.14639 0.09673 -0.00930 -0.02794 0.01133  2   G   D "C2'" 
565 C  "C2'" B G   D 2 ? 0.08835 0.06621 0.06585 0.00935  -0.03649 0.00832  2   G   D "C2'" 
566 O  "O2'" A G   D 2 ? 0.11640 0.10341 0.10692 -0.05081 -0.03096 -0.00456 2   G   D "O2'" 
567 O  "O2'" B G   D 2 ? 0.11517 0.10474 0.06081 0.00848  0.00109  0.03007  2   G   D "O2'" 
568 C  "C1'" A G   D 2 ? 0.12735 0.09586 0.11042 -0.02994 -0.02805 0.01941  2   G   D "C1'" 
569 C  "C1'" B G   D 2 ? 0.07511 0.04424 0.06114 -0.00655 -0.00418 0.01070  2   G   D "C1'" 
570 N  N9    A G   D 2 ? 0.11263 0.09958 0.10396 -0.03778 -0.03407 0.02647  2   G   D N9    
571 N  N9    B G   D 2 ? 0.07539 0.05611 0.05009 -0.01704 -0.00951 0.00008  2   G   D N9    
572 C  C8    A G   D 2 ? 0.05218 0.11458 0.05788 -0.01712 -0.01033 -0.01141 2   G   D C8    
573 C  C8    B G   D 2 ? 0.06742 0.08459 0.07897 -0.02550 -0.03581 0.01739  2   G   D C8    
574 N  N7    A G   D 2 ? 0.06344 0.13319 0.05640 -0.01782 -0.02435 0.00938  2   G   D N7    
575 N  N7    B G   D 2 ? 0.06038 0.06736 0.09155 0.00148  0.00606  0.03879  2   G   D N7    
576 C  C5    A G   D 2 ? 0.10115 0.10994 0.06267 -0.02618 -0.02321 0.01413  2   G   D C5    
577 C  C5    B G   D 2 ? 0.06718 0.05650 0.06673 0.01144  0.01231  0.00898  2   G   D C5    
578 C  C6    A G   D 2 ? 0.07561 0.09782 0.05959 -0.01852 -0.01719 0.00873  2   G   D C6    
579 C  C6    B G   D 2 ? 0.07792 0.04087 0.06462 -0.00637 0.00185  0.00565  2   G   D C6    
580 O  O6    A G   D 2 ? 0.07259 0.10414 0.05006 -0.02791 0.01732  0.01526  2   G   D O6    
581 O  O6    B G   D 2 ? 0.09827 0.06773 0.06127 -0.01935 -0.01276 0.03298  2   G   D O6    
582 N  N1    A G   D 2 ? 0.06472 0.08658 0.08877 -0.03833 -0.02433 0.02994  2   G   D N1    
583 N  N1    B G   D 2 ? 0.10369 0.06059 0.06831 -0.00448 -0.01467 0.02152  2   G   D N1    
584 C  C2    A G   D 2 ? 0.03372 0.07862 0.07365 -0.01996 -0.01160 0.01910  2   G   D C2    
585 C  C2    B G   D 2 ? 0.12949 0.05319 0.07039 0.02736  -0.00325 0.01861  2   G   D C2    
586 N  N2    A G   D 2 ? 0.04015 0.07137 0.07693 0.01299  -0.01211 0.02727  2   G   D N2    
587 N  N2    B G   D 2 ? 0.09395 0.06991 0.09644 0.00861  -0.00404 0.03510  2   G   D N2    
588 N  N3    A G   D 2 ? 0.03906 0.07987 0.08538 -0.01480 -0.00063 0.02222  2   G   D N3    
589 N  N3    B G   D 2 ? 0.12088 0.04788 0.05974 0.00717  -0.01827 0.01822  2   G   D N3    
590 C  C4    A G   D 2 ? 0.09129 0.09033 0.09049 -0.04067 -0.02030 0.02825  2   G   D C4    
591 C  C4    B G   D 2 ? 0.10331 0.06111 0.05697 -0.00893 0.01123  0.02025  2   G   D C4    
592 P  P     A C   D 3 ? 0.31029 0.14477 0.15836 0.05935  0.03937  0.02741  3   C   D P     
593 P  P     B C   D 3 ? 0.09272 0.05053 0.06439 0.00655  0.00748  0.00257  3   C   D P     
594 O  OP1   A C   D 3 ? 0.38025 0.14975 0.18386 0.10498  0.05726  0.01727  3   C   D OP1   
595 O  OP1   B C   D 3 ? 0.13928 0.08167 0.05002 -0.03542 0.02841  -0.00466 3   C   D OP1   
596 O  OP2   A C   D 3 ? 0.30234 0.18237 0.18123 0.09522  0.01775  0.06526  3   C   D OP2   
597 O  OP2   B C   D 3 ? 0.06523 0.09408 0.07071 0.01745  -0.03454 -0.00464 3   C   D OP2   
598 O  "O5'" A C   D 3 ? 0.21100 0.16685 0.15925 -0.01079 0.00973  0.06795  3   C   D "O5'" 
599 O  "O5'" B C   D 3 ? 0.14266 0.04534 0.08393 -0.00268 0.00404  -0.00475 3   C   D "O5'" 
600 C  "C5'" A C   D 3 ? 0.23151 0.10262 0.08760 -0.00253 0.03621  0.02854  3   C   D "C5'" 
601 C  "C5'" B C   D 3 ? 0.07065 0.10099 0.07328 -0.01967 -0.02157 -0.00351 3   C   D "C5'" 
602 C  "C4'" A C   D 3 ? 0.19603 0.13392 0.08465 -0.04625 0.02783  0.02226  3   C   D "C4'" 
603 C  "C4'" B C   D 3 ? 0.09187 0.13975 0.09046 -0.02248 -0.03192 0.02242  3   C   D "C4'" 
604 O  "O4'" A C   D 3 ? 0.20185 0.11408 0.08460 -0.07037 0.01309  0.01438  3   C   D "O4'" 
605 O  "O4'" B C   D 3 ? 0.13529 0.06382 0.09506 -0.01149 -0.02185 0.00131  3   C   D "O4'" 
606 C  "C3'" A C   D 3 ? 0.18283 0.11110 0.07554 -0.03490 0.03119  0.00079  3   C   D "C3'" 
607 C  "C3'" B C   D 3 ? 0.12663 0.13864 0.09050 -0.01400 -0.01709 0.03414  3   C   D "C3'" 
608 O  "O3'" A C   D 3 ? 0.16336 0.18962 0.06874 -0.04641 0.00613  0.00225  3   C   D "O3'" 
609 O  "O3'" B C   D 3 ? 0.14705 0.08277 0.08891 -0.00723 0.03933  0.01876  3   C   D "O3'" 
610 C  "C2'" A C   D 3 ? 0.19183 0.11421 0.08560 -0.03872 0.01841  0.01882  3   C   D "C2'" 
611 C  "C2'" B C   D 3 ? 0.12402 0.18959 0.08516 -0.05029 -0.01496 0.04332  3   C   D "C2'" 
612 O  "O2'" A C   D 3 ? 0.22724 0.13145 0.10584 0.04471  0.02054  0.03946  3   C   D "O2'" 
613 O  "O2'" B C   D 3 ? 0.12806 0.19999 0.09618 -0.05753 -0.01280 0.06048  3   C   D "O2'" 
614 C  "C1'" . C   D 3 ? 0.15151 0.10347 0.09009 -0.06101 -0.01127 0.01621  3   C   D "C1'" 
615 N  N1    . C   D 3 ? 0.11277 0.10524 0.10042 -0.01642 0.00945  0.01600  3   C   D N1    
616 C  C2    . C   D 3 ? 0.11823 0.07868 0.10493 -0.02422 -0.00873 0.01902  3   C   D C2    
617 O  O2    . C   D 3 ? 0.14074 0.11066 0.12315 -0.04445 -0.03314 0.04136  3   C   D O2    
618 N  N3    . C   D 3 ? 0.11120 0.10639 0.10705 -0.01054 0.00135  0.02737  3   C   D N3    
619 C  C4    . C   D 3 ? 0.13172 0.08813 0.08154 0.00824  0.01983  -0.00890 3   C   D C4    
620 N  N4    . C   D 3 ? 0.12291 0.10450 0.09400 0.00269  0.00451  0.00695  3   C   D N4    
621 C  C5    . C   D 3 ? 0.11375 0.07960 0.11993 -0.00086 0.00836  0.01627  3   C   D C5    
622 C  C6    . C   D 3 ? 0.10387 0.08577 0.10218 -0.01662 -0.00069 0.00415  3   C   D C6    
623 P  P     A C   D 4 ? 0.22906 0.19536 0.10014 -0.01622 0.02257  -0.01433 4   C   D P     
624 P  P     B C   D 4 ? 0.11651 0.08195 0.10389 -0.02942 0.03763  0.02074  4   C   D P     
625 O  OP1   A C   D 4 ? 0.32693 0.17788 0.10415 -0.02860 0.02685  -0.02165 4   C   D OP1   
626 O  OP1   B C   D 4 ? 0.09305 0.07440 0.13562 -0.02190 0.03888  0.02514  4   C   D OP1   
627 O  OP2   A C   D 4 ? 0.33183 0.14916 0.17169 0.00314  0.00160  0.05014  4   C   D OP2   
628 O  OP2   B C   D 4 ? 0.06658 0.11210 0.08091 0.00660  0.04259  -0.00755 4   C   D OP2   
629 O  "O5'" A C   D 4 ? 0.18893 0.14377 0.12149 -0.01821 0.00438  -0.00883 4   C   D "O5'" 
630 O  "O5'" B C   D 4 ? 0.12986 0.12343 0.09965 -0.03708 0.02737  0.04306  4   C   D "O5'" 
631 C  "C5'" A C   D 4 ? 0.20189 0.18969 0.10559 -0.06580 -0.02261 0.02112  4   C   D "C5'" 
632 C  "C5'" B C   D 4 ? 0.12083 0.15981 0.06697 -0.05150 0.02042  0.01563  4   C   D "C5'" 
633 C  "C4'" A C   D 4 ? 0.18935 0.15960 0.08446 -0.04692 0.01008  0.00077  4   C   D "C4'" 
634 C  "C4'" B C   D 4 ? 0.11862 0.15850 0.06488 -0.05252 0.00583  0.00816  4   C   D "C4'" 
635 O  "O4'" A C   D 4 ? 0.16114 0.18166 0.08211 0.00613  0.00257  0.00781  4   C   D "O4'" 
636 O  "O4'" B C   D 4 ? 0.12633 0.11929 0.07512 -0.06058 -0.00644 -0.00119 4   C   D "O4'" 
637 C  "C3'" A C   D 4 ? 0.20062 0.17172 0.08824 -0.09329 -0.00715 0.02905  4   C   D "C3'" 
638 C  "C3'" B C   D 4 ? 0.12208 0.18577 0.06991 -0.00880 -0.02095 0.01584  4   C   D "C3'" 
639 O  "O3'" A C   D 4 ? 0.20124 0.15138 0.07668 -0.07435 -0.00205 0.02479  4   C   D "O3'" 
640 O  "O3'" B C   D 4 ? 0.18220 0.23656 0.09637 -0.01161 -0.02963 0.04210  4   C   D "O3'" 
641 C  "C2'" A C   D 4 ? 0.16011 0.17221 0.07214 -0.04046 0.00424  0.02764  4   C   D "C2'" 
642 C  "C2'" B C   D 4 ? 0.07917 0.17983 0.07836 -0.01618 -0.02617 0.02126  4   C   D "C2'" 
643 O  "O2'" A C   D 4 ? 0.13437 0.22840 0.08701 -0.00344 0.00688  0.03682  4   C   D "O2'" 
644 O  "O2'" B C   D 4 ? 0.07724 0.15750 0.07729 -0.03284 -0.03137 0.01136  4   C   D "O2'" 
645 C  "C1'" . C   D 4 ? 0.12450 0.13688 0.07656 -0.02909 -0.00567 0.00488  4   C   D "C1'" 
646 N  N1    . C   D 4 ? 0.13940 0.15606 0.06019 -0.01093 -0.00477 0.00652  4   C   D N1    
647 C  C2    . C   D 4 ? 0.12741 0.15614 0.05691 -0.02599 0.00474  0.00438  4   C   D C2    
648 O  O2    . C   D 4 ? 0.14574 0.14214 0.09249 -0.03220 0.00090  0.02496  4   C   D O2    
649 N  N3    . C   D 4 ? 0.13658 0.13081 0.08497 -0.02637 -0.00971 0.00359  4   C   D N3    
650 C  C4    . C   D 4 ? 0.10108 0.14088 0.07335 -0.01593 -0.00070 0.01010  4   C   D C4    
651 N  N4    . C   D 4 ? 0.14376 0.16751 0.07725 -0.02600 -0.00366 0.02132  4   C   D N4    
652 C  C5    . C   D 4 ? 0.15201 0.13988 0.09070 -0.01035 0.01156  0.02826  4   C   D C5    
653 C  C6    . C   D 4 ? 0.14769 0.16771 0.05643 -0.00357 0.02309  0.02938  4   C   D C6    
654 P  P     A C   D 5 ? 0.19841 0.11172 0.05989 -0.05090 -0.00903 0.01477  5   C   D P     
655 P  P     B C   D 5 ? 0.18307 0.29862 0.12647 -0.02201 -0.03155 0.08307  5   C   D P     
656 O  OP1   A C   D 5 ? 0.22138 0.15305 0.08570 0.01391  -0.00518 0.05267  5   C   D OP1   
657 O  OP1   B C   D 5 ? 0.18124 0.28390 0.17505 -0.00864 -0.01607 0.08444  5   C   D OP1   
658 O  OP2   A C   D 5 ? 0.15321 0.17266 0.05201 -0.03334 0.00529  -0.00192 5   C   D OP2   
659 O  OP2   B C   D 5 ? 0.20923 0.32956 0.12189 -0.05206 -0.05580 0.05143  5   C   D OP2   
660 O  "O5'" A C   D 5 ? 0.07340 0.10251 0.04955 -0.00835 0.01076  -0.01612 5   C   D "O5'" 
661 O  "O5'" B C   D 5 ? 0.13913 0.24593 0.13409 0.02323  -0.02217 0.06673  5   C   D "O5'" 
662 C  "C5'" A C   D 5 ? 0.12700 0.15080 0.05901 -0.05762 -0.01404 0.02799  5   C   D "C5'" 
663 C  "C5'" B C   D 5 ? 0.14944 0.20424 0.12043 0.02261  -0.04909 0.05820  5   C   D "C5'" 
664 C  "C4'" A C   D 5 ? 0.15701 0.13106 0.07518 -0.04248 -0.01360 0.04182  5   C   D "C4'" 
665 C  "C4'" B C   D 5 ? 0.16984 0.17300 0.13797 0.02014  -0.00233 0.05222  5   C   D "C4'" 
666 O  "O4'" A C   D 5 ? 0.13463 0.14364 0.05691 -0.02984 -0.00652 0.03500  5   C   D "O4'" 
667 O  "O4'" B C   D 5 ? 0.15320 0.15555 0.10523 -0.00679 0.01497  0.03947  5   C   D "O4'" 
668 C  "C3'" A C   D 5 ? 0.10549 0.11946 0.06578 -0.01613 -0.02730 0.04090  5   C   D "C3'" 
669 C  "C3'" B C   D 5 ? 0.19393 0.16840 0.16863 0.03091  -0.03019 0.06820  5   C   D "C3'" 
670 O  "O3'" A C   D 5 ? 0.14559 0.15876 0.11719 -0.01847 -0.03948 0.07200  5   C   D "O3'" 
671 O  "O3'" B C   D 5 ? 0.30535 0.14460 0.19793 0.02352  -0.01750 0.05147  5   C   D "O3'" 
672 C  "C2'" A C   D 5 ? 0.05349 0.12452 0.10101 -0.01138 0.00052  0.02041  5   C   D "C2'" 
673 C  "C2'" B C   D 5 ? 0.26034 0.12699 0.14811 0.04147  -0.02367 0.03090  5   C   D "C2'" 
674 O  "O2'" A C   D 5 ? 0.13119 0.09962 0.12174 -0.05947 -0.01494 0.01152  5   C   D "O2'" 
675 O  "O2'" B C   D 5 ? 0.32010 0.15625 0.14053 0.09106  -0.02353 0.00122  5   C   D "O2'" 
676 C  "C1'" . C   D 5 ? 0.10981 0.13493 0.09765 -0.04001 -0.00321 0.02854  5   C   D "C1'" 
677 N  N1    . C   D 5 ? 0.12576 0.11303 0.07125 -0.01202 0.00583  0.00948  5   C   D N1    
678 C  C2    . C   D 5 ? 0.12540 0.12688 0.06931 -0.02239 -0.01346 0.00920  5   C   D C2    
679 O  O2    . C   D 5 ? 0.14683 0.13327 0.06484 -0.00705 -0.00870 0.01323  5   C   D O2    
680 N  N3    . C   D 5 ? 0.13141 0.11912 0.07358 -0.02182 -0.01885 0.02132  5   C   D N3    
681 C  C4    . C   D 5 ? 0.14885 0.10923 0.09528 0.00628  -0.00224 0.01063  5   C   D C4    
682 N  N4    . C   D 5 ? 0.22660 0.10599 0.10691 -0.01947 -0.00372 0.00376  5   C   D N4    
683 C  C5    . C   D 5 ? 0.21870 0.14711 0.07300 -0.05529 -0.01012 0.00523  5   C   D C5    
684 C  C6    . C   D 5 ? 0.17935 0.11402 0.10356 0.00053  -0.00113 0.01893  5   C   D C6    
685 P  P     A C   D 6 ? 0.15082 0.13534 0.11542 0.00003  -0.02260 0.07128  6   C   D P     
686 P  P     B C   D 6 ? 0.39685 0.20774 0.21187 -0.00178 0.01296  0.04441  6   C   D P     
687 O  OP1   A C   D 6 ? 0.21210 0.14047 0.17731 0.02565  -0.03593 0.08253  6   C   D OP1   
688 O  OP1   B C   D 6 ? 0.46569 0.15538 0.21054 0.00561  0.02134  -0.00381 6   C   D OP1   
689 O  OP2   A C   D 6 ? 0.16867 0.21197 0.11438 0.00304  -0.04439 0.04763  6   C   D OP2   
690 O  OP2   B C   D 6 ? 0.42534 0.14984 0.16179 0.04528  0.05789  -0.02803 6   C   D OP2   
691 O  "O5'" A C   D 6 ? 0.12842 0.12610 0.13092 -0.00072 -0.03505 0.06465  6   C   D "O5'" 
692 O  "O5'" B C   D 6 ? 0.30353 0.23910 0.21383 -0.06068 0.01858  0.07959  6   C   D "O5'" 
693 C  "C5'" A C   D 6 ? 0.19269 0.11551 0.13810 -0.02628 -0.07760 0.04684  6   C   D "C5'" 
694 C  "C5'" B C   D 6 ? 0.25720 0.16431 0.23252 -0.07852 0.00449  0.08355  6   C   D "C5'" 
695 C  "C4'" A C   D 6 ? 0.24604 0.08277 0.17540 -0.01675 -0.05683 0.03549  6   C   D "C4'" 
696 C  "C4'" B C   D 6 ? 0.27519 0.10242 0.23587 -0.02894 -0.00965 0.06566  6   C   D "C4'" 
697 O  "O4'" A C   D 6 ? 0.18133 0.12006 0.14190 -0.01856 -0.06930 0.02401  6   C   D "O4'" 
698 O  "O4'" B C   D 6 ? 0.24019 0.17052 0.21623 -0.03955 -0.04015 0.07968  6   C   D "O4'" 
699 C  "C3'" A C   D 6 ? 0.21651 0.12874 0.17247 0.02888  -0.04630 0.02480  6   C   D "C3'" 
700 C  "C3'" B C   D 6 ? 0.21546 0.13374 0.21123 0.03012  0.02996  0.05722  6   C   D "C3'" 
701 O  "O3'" A C   D 6 ? 0.30545 0.16923 0.19647 0.03762  -0.04181 0.02806  6   C   D "O3'" 
702 O  "O3'" B C   D 6 ? 0.25669 0.21062 0.23866 0.06647  0.02555  0.06902  6   C   D "O3'" 
703 C  "C2'" A C   D 6 ? 0.14560 0.14627 0.13446 0.05870  0.01392  -0.00826 6   C   D "C2'" 
704 C  "C2'" B C   D 6 ? 0.25403 0.14461 0.15081 0.01870  0.04154  0.02724  6   C   D "C2'" 
705 O  "O2'" A C   D 6 ? 0.17644 0.20907 0.16791 0.03650  -0.01806 0.01122  6   C   D "O2'" 
706 O  "O2'" B C   D 6 ? 0.31219 0.14011 0.17426 0.00554  0.03426  0.04773  6   C   D "O2'" 
707 C  "C1'" A C   D 6 ? 0.15286 0.09856 0.11833 0.00324  -0.01007 0.00095  6   C   D "C1'" 
708 C  "C1'" B C   D 6 ? 0.14398 0.15337 0.16824 0.00982  -0.00798 0.04989  6   C   D "C1'" 
709 N  N1    A C   D 6 ? 0.15048 0.13617 0.14347 -0.03202 0.00967  0.05275  6   C   D N1    
710 N  N1    B C   D 6 ? 0.14324 0.11980 0.14842 0.03309  -0.06503 0.02769  6   C   D N1    
711 C  C2    A C   D 6 ? 0.14335 0.15722 0.12847 -0.03541 0.01594  0.05100  6   C   D C2    
712 C  C2    B C   D 6 ? 0.11132 0.14743 0.15467 0.02829  -0.06498 0.02392  6   C   D C2    
713 O  O2    A C   D 6 ? 0.24395 0.22277 0.12726 -0.03871 0.06603  0.05382  6   C   D O2    
714 O  O2    B C   D 6 ? 0.23576 0.14682 0.15975 -0.01775 -0.09226 0.02211  6   C   D O2    
715 N  N3    A C   D 6 ? 0.22738 0.12175 0.10071 -0.04266 -0.00095 0.01918  6   C   D N3    
716 N  N3    B C   D 6 ? 0.18140 0.13199 0.12239 0.07452  -0.05466 -0.00772 6   C   D N3    
717 C  C4    A C   D 6 ? 0.28530 0.15899 0.08058 -0.02136 -0.01333 0.01756  6   C   D C4    
718 C  C4    B C   D 6 ? 0.27290 0.19167 0.13054 0.04811  -0.06313 0.02561  6   C   D C4    
719 N  N4    A C   D 6 ? 0.27493 0.17428 0.07542 0.01789  -0.00807 -0.00680 6   C   D N4    
720 N  N4    B C   D 6 ? 0.30521 0.20108 0.16711 0.08857  -0.05584 0.04544  6   C   D N4    
721 C  C5    A C   D 6 ? 0.27580 0.16955 0.09603 -0.02752 0.01108  0.04641  6   C   D C5    
722 C  C5    B C   D 6 ? 0.18171 0.20476 0.15114 0.04427  -0.07079 0.05490  6   C   D C5    
723 C  C6    A C   D 6 ? 0.17772 0.17257 0.13469 -0.03543 0.03078  0.05752  6   C   D C6    
724 C  C6    B C   D 6 ? 0.20255 0.19898 0.16951 -0.00526 -0.06755 0.05616  6   C   D C6    
725 C  C8    . W53 E . ? 0.27423 0.20838 0.26118 -0.05912 0.01008  -0.12693 101 W53 B C8    
726 N  N7    . W53 E . ? 0.12169 0.15144 0.11168 -0.00832 -0.03509 0.01362  101 W53 B N7    
727 C  C5    . W53 E . ? 0.17899 0.32591 0.20387 0.08101  -0.03953 -0.13764 101 W53 B C5    
728 C  C6    . W53 E . ? 0.12609 0.33026 0.23487 0.02046  -0.02424 -0.12677 101 W53 B C6    
729 N  N6    . W53 E . ? 0.10172 0.15854 0.09583 0.02188  -0.02400 0.00467  101 W53 B N6    
730 N  N1    . W53 E . ? 0.16972 0.31063 0.18942 0.07621  -0.07797 -0.08820 101 W53 B N1    
731 C  C2    . W53 E . ? 0.21417 0.34524 0.18166 0.10410  -0.06570 -0.11917 101 W53 B C2    
732 N  N3    A W53 E . ? 0.30357 0.28141 0.27420 -0.10808 -0.01366 -0.07147 101 W53 B N3    
733 N  N3    B W53 E . ? 0.36830 0.43157 0.41073 -0.14346 -0.03218 -0.03447 101 W53 B N3    
734 C  C4    . W53 E . ? 0.22541 0.38483 0.17661 0.12203  -0.07437 -0.08696 101 W53 B C4    
735 N  N     . W53 E . ? 0.25809 0.36112 0.16803 0.13143  -0.07769 -0.04438 101 W53 B N     
736 C  C     . W53 E . ? 0.21566 0.37014 0.19270 0.11283  -0.08257 -0.05651 101 W53 B C     
737 C  C1    . W53 E . ? 0.15648 0.31840 0.20587 0.07485  -0.07188 -0.10544 101 W53 B C1    
738 C  C14   . W53 E . ? 0.14866 0.23330 0.19279 -0.08447 -0.00256 -0.05765 101 W53 B C14   
739 C  C15   . W53 E . ? 0.11277 0.20243 0.13494 0.00698  0.00363  -0.05029 101 W53 B C15   
740 C  C16   . W53 E . ? 0.12183 0.15327 0.10700 0.01989  -0.01906 -0.02087 101 W53 B C16   
741 C  C17   . W53 E . ? 0.16101 0.21599 0.09744 0.03149  -0.03194 -0.02025 101 W53 B C17   
742 C  C18   . W53 E . ? 0.16187 0.20485 0.10861 0.05061  -0.01458 -0.00544 101 W53 B C18   
743 C  C19   . W53 E . ? 0.16804 0.17940 0.08379 0.04245  -0.00426 0.00110  101 W53 B C19   
744 C  C20   . W53 E . ? 0.11957 0.16240 0.10462 0.03477  0.00394  0.02141  101 W53 B C20   
745 C  C21   . W53 E . ? 0.13811 0.24664 0.10122 0.02986  -0.03325 -0.03213 101 W53 B C21   
746 C  C22   . W53 E . ? 0.13383 0.22589 0.12214 0.02200  -0.00385 -0.05203 101 W53 B C22   
747 C  C3    . W53 E . ? 0.23322 0.39306 0.17208 0.10288  -0.06943 -0.09842 101 W53 B C3    
748 C  C7    . W53 E . ? 0.11596 0.28015 0.23889 -0.01679 -0.01319 -0.13370 101 W53 B C7    
749 C  C9    . W53 E . ? 0.31990 0.29112 0.27848 -0.11319 -0.01070 -0.07099 101 W53 B C9    
750 N  N2    . W53 E . ? 0.14983 0.26008 0.20990 0.02054  -0.02919 -0.13631 101 W53 B N2    
751 N  N5    . W53 E . ? 0.13212 0.17649 0.09962 -0.01720 -0.02109 -0.03105 101 W53 B N5    
752 O  O     A W53 E . ? 0.22551 0.18263 0.27331 -0.09426 0.07554  -0.09235 101 W53 B O     
753 O  O     B W53 E . ? 0.47559 0.37966 0.23719 -0.12674 0.01053  -0.12681 101 W53 B O     
754 C  C10   A W53 E . ? 0.28514 0.26961 0.29310 -0.12243 0.01213  -0.06333 101 W53 B C10   
755 C  C10   B W53 E . ? 0.39182 0.37568 0.31900 -0.14059 -0.01344 -0.07056 101 W53 B C10   
756 C  C11   A W53 E . ? 0.27235 0.26435 0.27027 -0.08742 -0.02778 -0.06184 101 W53 B C11   
757 C  C11   B W53 E . ? 0.32385 0.38514 0.44380 -0.11206 -0.00224 -0.04422 101 W53 B C11   
758 C  C12   A W53 E . ? 0.19706 0.16455 0.21842 -0.05296 -0.02049 -0.09103 101 W53 B C12   
759 C  C12   B W53 E . ? 0.28300 0.37492 0.47574 -0.02545 0.00513  -0.04783 101 W53 B C12   
760 C  C13   A W53 E . ? 0.17708 0.12281 0.21689 0.00889  0.01633  -0.08805 101 W53 B C13   
761 C  C13   B W53 E . ? 0.27228 0.34431 0.48348 0.07692  0.01282  -0.07927 101 W53 B C13   
762 N  N4    A W53 E . ? 0.27389 0.19427 0.22658 -0.03682 -0.03081 -0.04844 101 W53 B N4    
763 N  N4    B W53 E . ? 0.27245 0.34832 0.47049 0.10428  0.03424  -0.09484 101 W53 B N4    
764 CL CL    . CL  F . ? 0.44369 0.29083 0.56531 -0.09225 0.20494  -0.14046 102 CL  B CL    
765 CL CL    . CL  G . ? 0.34416 0.17401 0.13974 -0.03297 0.05527  0.03231  103 CL  B CL    
766 CL CL    A CL  H . ? 0.12406 0.14246 0.24824 -0.05732 -0.04110 0.05664  101 CL  C CL    
767 CL CL    B CL  H . ? 0.82539 0.56039 0.35961 0.34975  -0.06864 -0.09007 101 CL  C CL    
768 O  O     . HOH I . ? 0.31394 0.55630 0.33692 -0.19027 0.07124  0.03715  101 HOH A O     
769 O  O     . HOH I . ? 0.30863 0.70769 0.29866 -0.07912 -0.09085 0.02708  102 HOH A O     
770 O  O     . HOH I . ? 0.18551 0.10902 0.12332 -0.03619 -0.01504 0.00126  103 HOH A O     
771 O  O     A HOH I . ? 0.32709 0.18516 0.22086 -0.11375 -0.14217 0.07892  104 HOH A O     
772 O  O     B HOH I . ? 0.27928 0.07424 0.16067 0.01546  0.00157  0.01651  104 HOH A O     
773 O  O     . HOH I . ? 0.46419 0.14395 0.26245 -0.03512 0.10313  -0.04101 105 HOH A O     
774 O  O     . HOH I . ? 0.75837 0.21552 0.40559 0.02098  0.16712  0.00104  106 HOH A O     
775 O  O     . HOH I . ? 0.16517 0.13262 0.12415 -0.00379 -0.02752 0.02078  107 HOH A O     
776 O  O     . HOH I . ? 0.35821 0.29897 0.24448 -0.16313 -0.04631 0.10355  108 HOH A O     
777 O  O     . HOH I . ? 0.47467 0.22958 0.14311 0.00367  -0.08243 0.00421  109 HOH A O     
778 O  O     . HOH I . ? 0.12556 0.14831 0.12103 -0.02946 -0.02953 0.03824  110 HOH A O     
779 O  O     . HOH I . ? 0.15506 0.15201 0.25271 -0.01412 -0.06539 -0.00346 111 HOH A O     
780 O  O     . HOH I . ? 0.52311 0.45740 0.44128 0.14947  0.02366  0.23550  112 HOH A O     
781 O  O     . HOH I . ? 0.49924 0.18385 0.13299 0.01492  -0.00688 0.02112  113 HOH A O     
782 O  O     . HOH I . ? 0.29089 0.28785 0.16695 -0.09678 -0.04606 0.05736  114 HOH A O     
783 O  O     . HOH I . ? 0.10646 0.09130 0.11843 -0.02277 -0.03997 0.01282  115 HOH A O     
784 O  O     . HOH I . ? 0.43863 0.86877 0.40487 0.07839  0.03361  0.30042  116 HOH A O     
785 O  O     . HOH I . ? 0.38284 0.23520 0.32587 -0.07868 0.04484  0.12348  117 HOH A O     
786 O  O     . HOH I . ? 0.26160 0.19351 0.51489 -0.05755 -0.14811 0.11328  118 HOH A O     
787 O  O     . HOH I . ? 0.57155 0.66864 0.45906 0.12758  -0.23327 0.15802  119 HOH A O     
788 O  O     . HOH I . ? 0.18647 0.36907 0.42850 -0.07196 0.04328  -0.17327 120 HOH A O     
789 O  O     . HOH I . ? 0.70392 0.78177 0.23860 0.05825  0.12101  0.04453  121 HOH A O     
790 O  O     . HOH I . ? 0.29530 0.31877 0.42143 -0.01124 0.17180  0.00379  122 HOH A O     
791 O  O     . HOH I . ? 0.25706 0.48970 0.72644 -0.06946 0.11464  -0.12563 123 HOH A O     
792 O  O     A HOH I . ? 0.56484 0.34894 0.18655 0.09139  -0.10582 0.00268  124 HOH A O     
793 O  O     B HOH I . ? 0.47772 0.40882 0.24830 0.06086  -0.15999 0.06023  124 HOH A O     
794 O  O     . HOH I . ? 0.19304 0.31932 0.49321 -0.02487 -0.10668 0.15757  125 HOH A O     
795 O  O     . HOH I . ? 0.50341 0.46811 0.25207 0.04477  0.08911  0.16323  126 HOH A O     
796 O  O     . HOH I . ? 0.52980 0.73280 0.27277 -0.36456 0.01308  -0.01303 127 HOH A O     
797 O  O     . HOH I . ? 0.50001 0.40076 0.57840 -0.24782 0.03151  -0.10375 128 HOH A O     
798 O  O     . HOH J . ? 0.44376 0.62548 0.46610 0.29768  -0.03768 0.04135  201 HOH B O     
799 O  O     . HOH J . ? 0.18327 0.67747 0.34167 -0.01796 -0.03064 0.10733  202 HOH B O     
800 O  O     . HOH J . ? 0.35906 0.31530 0.33642 -0.01788 0.15023  0.01660  203 HOH B O     
801 O  O     . HOH J . ? 0.29225 0.26431 0.55970 0.11157  0.00236  -0.10530 204 HOH B O     
802 O  O     . HOH J . ? 0.71761 0.27429 0.64928 -0.05928 0.12606  0.14684  205 HOH B O     
803 O  O     . HOH J . ? 0.26907 0.45120 0.20631 -0.03192 -0.06779 0.13151  206 HOH B O     
804 O  O     . HOH J . ? 0.27926 0.56003 0.59614 0.00510  0.11362  0.25024  207 HOH B O     
805 O  O     . HOH J . ? 0.22664 0.20337 0.21490 -0.01483 0.03303  0.07169  208 HOH B O     
806 O  O     . HOH J . ? 0.22295 0.14341 0.46679 0.01313  0.12836  0.05558  209 HOH B O     
807 O  O     . HOH J . ? 0.19578 0.19786 0.33609 -0.03659 0.01609  -0.04648 210 HOH B O     
808 O  O     . HOH J . ? 0.22656 0.24887 0.17338 0.03627  -0.05277 0.04665  211 HOH B O     
809 O  O     . HOH J . ? 0.12864 0.13545 0.13423 -0.03425 -0.01068 0.00049  212 HOH B O     
810 O  O     . HOH J . ? 0.43663 0.52595 0.37949 -0.11371 -0.21379 -0.02996 213 HOH B O     
811 O  O     . HOH J . ? 0.41370 0.39250 0.76589 -0.15475 -0.15256 0.22235  214 HOH B O     
812 O  O     B HOH J . ? 0.37995 0.29308 0.32014 -0.05623 -0.15530 -0.06277 215 HOH B O     
813 O  O     . HOH J . ? 0.24767 0.40363 0.70549 0.05683  -0.09794 -0.29047 216 HOH B O     
814 O  O     . HOH J . ? 0.38235 0.76689 0.41920 0.22775  -0.06040 0.11221  217 HOH B O     
815 O  O     . HOH J . ? 0.28973 0.25121 0.81803 -0.03201 0.04079  -0.13665 218 HOH B O     
816 O  O     . HOH J . ? 0.51919 0.26700 0.52463 -0.00512 0.17774  0.01507  219 HOH B O     
817 O  O     . HOH J . ? 0.23967 0.12813 0.27127 -0.01353 0.02514  0.02004  220 HOH B O     
818 O  O     . HOH J . ? 0.42516 0.54912 0.20752 -0.01419 0.00513  -0.10188 221 HOH B O     
819 O  O     . HOH J . ? 0.63529 0.35426 0.16767 -0.08622 -0.03234 0.00542  222 HOH B O     
820 O  O     . HOH J . ? 0.29810 0.40351 0.16735 0.10560  -0.07713 0.01549  223 HOH B O     
821 O  O     . HOH J . ? 0.51607 0.95620 0.26043 -0.03819 -0.00909 -0.10636 224 HOH B O     
822 O  O     . HOH J . ? 0.39852 0.69174 0.22933 0.20934  -0.07007 -0.06054 225 HOH B O     
823 O  O     . HOH J . ? 0.96357 0.26140 0.51269 0.09338  -0.07192 -0.03358 226 HOH B O     
824 O  O     . HOH J . ? 0.47442 0.48835 0.64353 0.26379  -0.13047 -0.09634 227 HOH B O     
825 O  O     . HOH K . ? 0.27244 0.44950 0.25566 -0.02403 -0.11327 0.08090  201 HOH C O     
826 O  O     . HOH K . ? 0.11215 0.12095 0.11980 -0.01893 -0.00138 0.00290  202 HOH C O     
827 O  O     A HOH K . ? 0.22662 0.70477 0.55671 0.03358  0.07865  0.18104  203 HOH C O     
828 O  O     B HOH K . ? 0.23520 0.65799 0.59838 -0.02185 0.05886  0.23051  203 HOH C O     
829 O  O     . HOH K . ? 0.26218 0.40803 0.15604 0.02970  -0.03299 0.05652  204 HOH C O     
830 O  O     . HOH K . ? 0.27626 0.19859 0.25069 -0.11195 -0.06877 0.01740  205 HOH C O     
831 O  O     . HOH K . ? 0.52164 0.26571 0.55283 -0.14423 0.05514  0.13066  206 HOH C O     
832 O  O     . HOH K . ? 0.26101 0.81076 0.40488 -0.02185 0.07448  0.00263  207 HOH C O     
833 O  O     . HOH K . ? 0.54520 0.34043 0.28692 -0.08595 -0.00844 -0.05449 208 HOH C O     
834 O  O     . HOH K . ? 0.36475 0.37724 0.61754 -0.20028 -0.07400 0.03231  209 HOH C O     
835 O  O     . HOH K . ? 0.26391 0.74714 0.20577 0.02576  0.00547  -0.02927 210 HOH C O     
836 O  O     . HOH K . ? 0.70607 0.30556 0.21542 -0.05809 -0.00154 0.04436  211 HOH C O     
837 O  O     . HOH K . ? 0.20826 0.38909 0.38563 -0.06518 -0.10140 0.09047  212 HOH C O     
838 O  O     . HOH K . ? 0.38394 0.19345 0.32115 -0.11582 0.03799  0.06868  213 HOH C O     
839 O  O     . HOH K . ? 0.23653 0.12796 0.37740 -0.04296 0.00524  0.02491  214 HOH C O     
840 O  O     . HOH K . ? 0.22323 0.23991 0.11858 0.05700  -0.01332 0.03078  215 HOH C O     
841 O  O     . HOH K . ? 0.24643 0.47037 0.38479 0.16909  -0.04337 -0.10852 216 HOH C O     
842 O  O     . HOH K . ? 0.30409 0.18581 0.18340 -0.00848 0.04070  0.06757  217 HOH C O     
843 O  O     . HOH K . ? 0.33652 0.58731 0.53518 0.23610  -0.03615 0.05963  218 HOH C O     
844 O  O     . HOH K . ? 0.30562 0.26705 0.15684 -0.15868 -0.02816 -0.00926 219 HOH C O     
845 O  O     . HOH K . ? 0.33618 0.22306 0.57355 -0.00764 -0.15423 0.09372  220 HOH C O     
846 O  O     . HOH K . ? 0.44688 0.31613 0.77504 -0.07649 -0.18602 0.20965  221 HOH C O     
847 O  O     . HOH K . ? 0.47724 0.29457 0.80252 0.04284  -0.09523 -0.04889 222 HOH C O     
848 O  O     . HOH K . ? 0.39347 0.38688 0.15790 0.08632  -0.07054 0.00954  223 HOH C O     
849 O  O     . HOH K . ? 0.28635 0.23445 0.41554 -0.01377 0.10557  0.04721  224 HOH C O     
850 O  O     . HOH K . ? 0.78323 0.58891 0.24953 0.27046  -0.05075 -0.01502 225 HOH C O     
851 O  O     . HOH K . ? 0.47488 0.52185 0.24115 0.05074  0.07596  0.16294  226 HOH C O     
852 O  O     . HOH K . ? 0.39027 0.20403 0.12948 0.12437  0.05063  0.03456  227 HOH C O     
853 O  O     . HOH K . ? 0.29318 0.14371 0.25676 -0.01379 0.05859  0.01022  228 HOH C O     
854 O  O     . HOH K . ? 0.57024 0.76410 0.44268 -0.19346 -0.21139 -0.08263 229 HOH C O     
855 O  O     . HOH L . ? 0.37548 0.41003 0.27246 -0.18173 -0.04248 -0.08726 101 HOH D O     
856 O  O     . HOH L . ? 0.33672 0.32608 0.28489 0.03645  0.11293  0.06617  102 HOH D O     
857 O  O     . HOH L . ? 0.37454 0.32256 0.14113 -0.13939 -0.02980 0.05548  103 HOH D O     
858 O  O     . HOH L . ? 0.17342 0.17367 0.15281 0.00657  -0.02019 0.02040  104 HOH D O     
859 O  O     . HOH L . ? 0.28195 0.15056 0.12773 -0.03081 -0.05072 0.03392  105 HOH D O     
860 O  O     . HOH L . ? 0.49038 0.26357 0.60683 -0.18834 0.02223  0.03836  106 HOH D O     
861 O  O     . HOH L . ? 0.22693 0.14933 0.11351 0.01521  0.02451  0.05483  107 HOH D O     
862 O  O     . HOH L . ? 0.23688 0.38679 0.22775 0.01666  0.01171  0.09544  108 HOH D O     
863 O  O     . HOH L . ? 0.22244 0.12567 0.14071 0.00622  -0.00941 0.02101  109 HOH D O     
864 O  O     . HOH L . ? 0.12537 0.11341 0.12077 -0.00924 -0.02001 0.03901  110 HOH D O     
865 O  O     . HOH L . ? 0.16031 0.32873 0.11501 -0.07807 -0.00013 0.01748  111 HOH D O     
866 O  O     . HOH L . ? 0.24373 0.43842 0.63786 0.10613  -0.01273 -0.17591 112 HOH D O     
867 O  O     . HOH L . ? 0.14861 0.13959 0.11480 -0.04859 -0.04180 0.06468  113 HOH D O     
868 O  O     . HOH L . ? 0.76069 0.39676 0.47113 0.00040  0.04410  0.23625  114 HOH D O     
869 O  O     . HOH L . ? 0.47788 0.28301 0.54729 0.09785  -0.02321 -0.04529 115 HOH D O     
870 O  O     . HOH L . ? 0.22931 0.17628 0.24212 0.01417  0.06687  0.04748  116 HOH D O     
871 O  O     . HOH L . ? 0.32661 0.77308 0.28635 0.11060  0.08616  0.14931  117 HOH D O     
872 O  O     . HOH L . ? 0.49976 0.34320 0.19037 -0.21368 0.02109  0.02161  118 HOH D O     
873 O  O     . HOH L . ? 0.76083 0.49889 0.38476 0.27863  -0.23883 -0.15453 119 HOH D O     
874 O  O     . HOH L . ? 0.63347 0.34140 0.25643 -0.23320 0.01519  0.03089  120 HOH D O     
875 O  O     . HOH L . ? 0.59268 0.31656 0.17507 0.01190  -0.08495 0.02990  121 HOH D O     
# 
